data_4R49
# 
_entry.id   4R49 
# 
_audit_conform.dict_name       mmcif_pdbx.dic 
_audit_conform.dict_version    5.379 
_audit_conform.dict_location   http://mmcif.pdb.org/dictionaries/ascii/mmcif_pdbx.dic 
# 
loop_
_database_2.database_id 
_database_2.database_code 
_database_2.pdbx_database_accession 
_database_2.pdbx_DOI 
PDB   4R49         pdb_00004r49 10.2210/pdb4r49/pdb 
NDB   NA3149       ?            ?                   
RCSB  RCSB086879   ?            ?                   
WWPDB D_1000086879 ?            ?                   
# 
loop_
_pdbx_database_related.db_name 
_pdbx_database_related.db_id 
_pdbx_database_related.details 
_pdbx_database_related.content_type 
PDB 4R44 'Racemic crystal structure of a tetramolecular DNA G-quadruplex'      unspecified 
PDB 4R45 'Racemic crystal structure of a bimolecular DNA G-quadruplex (P-1)'   unspecified 
PDB 4R47 'Racemic crystal structure of a bimolecular DNA G-quadruplex (P21/n)' unspecified 
PDB 4R48 'Racemic crystal structure of a calcium-bound DNA four-way junction'  unspecified 
PDB 4R4A 'Racemic crystal structure of a cobalt-bound B-DNA duplex'            unspecified 
PDB 4R4D 'Racemic crystal structure of a magnesium-bound B-DNA duplex'         unspecified 
# 
_pdbx_database_status.status_code                     REL 
_pdbx_database_status.entry_id                        4R49 
_pdbx_database_status.recvd_initial_deposition_date   2014-08-19 
_pdbx_database_status.deposit_site                    RCSB 
_pdbx_database_status.process_site                    RCSB 
_pdbx_database_status.status_code_sf                  REL 
_pdbx_database_status.status_code_mr                  ? 
_pdbx_database_status.SG_entry                        ? 
_pdbx_database_status.status_code_cs                  ? 
_pdbx_database_status.methods_development_category    ? 
_pdbx_database_status.pdb_format_compatible           Y 
_pdbx_database_status.status_code_nmr_data            ? 
# 
loop_
_audit_author.name 
_audit_author.pdbx_ordinal 
'Mandal, P.K.'  1 
'Collie, G.W.'  2 
'Kauffmann, B.' 3 
'Huc, I.'       4 
# 
_citation.id                        primary 
_citation.title                     'Racemic DNA crystallography.' 
_citation.journal_abbrev            Angew.Chem.Int.Ed.Engl. 
_citation.journal_volume            53 
_citation.page_first                14424 
_citation.page_last                 14427 
_citation.year                      2014 
_citation.journal_id_ASTM           ? 
_citation.country                   GE 
_citation.journal_id_ISSN           1433-7851 
_citation.journal_id_CSD            9999 
_citation.book_publisher            ? 
_citation.pdbx_database_id_PubMed   25358289 
_citation.pdbx_database_id_DOI      10.1002/anie.201409014 
# 
loop_
_citation_author.citation_id 
_citation_author.name 
_citation_author.ordinal 
_citation_author.identifier_ORCID 
primary 'Mandal, P.K.'  1 ? 
primary 'Collie, G.W.'  2 ? 
primary 'Kauffmann, B.' 3 ? 
primary 'Huc, I.'       4 ? 
# 
_cell.entry_id           4R49 
_cell.length_a           23.263 
_cell.length_b           33.604 
_cell.length_c           36.820 
_cell.angle_alpha        103.32 
_cell.angle_beta         101.02 
_cell.angle_gamma        109.78 
_cell.Z_PDB              4 
_cell.pdbx_unique_axis   ? 
_cell.length_a_esd       ? 
_cell.length_b_esd       ? 
_cell.length_c_esd       ? 
_cell.angle_alpha_esd    ? 
_cell.angle_beta_esd     ? 
_cell.angle_gamma_esd    ? 
# 
_symmetry.entry_id                         4R49 
_symmetry.space_group_name_H-M             'P -1' 
_symmetry.pdbx_full_space_group_name_H-M   ? 
_symmetry.cell_setting                     ? 
_symmetry.Int_Tables_number                2 
_symmetry.space_group_name_Hall            ? 
# 
loop_
_entity.id 
_entity.type 
_entity.src_method 
_entity.pdbx_description 
_entity.formula_weight 
_entity.pdbx_number_of_molecules 
_entity.pdbx_ec 
_entity.pdbx_mutation 
_entity.pdbx_fragment 
_entity.details 
1 polymer     syn "5'-D(*CP*CP*GP*GP*TP*AP*CP*CP*GP*G)-3'" 3045.992 2   ? ? ? 'B-DNA Duplex' 
2 non-polymer syn 'CALCIUM ION'                            40.078   7   ? ? ? ?              
3 non-polymer syn 'SODIUM ION'                             22.990   2   ? ? ? ?              
4 water       nat water                                    18.015   167 ? ? ? ?              
# 
_entity_poly.entity_id                      1 
_entity_poly.type                           polydeoxyribonucleotide 
_entity_poly.nstd_linkage                   no 
_entity_poly.nstd_monomer                   no 
_entity_poly.pdbx_seq_one_letter_code       '(DC)(DC)(DG)(DG)(DT)(DA)(DC)(DC)(DG)(DG)' 
_entity_poly.pdbx_seq_one_letter_code_can   CCGGTACCGG 
_entity_poly.pdbx_strand_id                 A,B 
_entity_poly.pdbx_target_identifier         ? 
# 
loop_
_entity_poly_seq.entity_id 
_entity_poly_seq.num 
_entity_poly_seq.mon_id 
_entity_poly_seq.hetero 
1 1  DC n 
1 2  DC n 
1 3  DG n 
1 4  DG n 
1 5  DT n 
1 6  DA n 
1 7  DC n 
1 8  DC n 
1 9  DG n 
1 10 DG n 
# 
_pdbx_entity_src_syn.entity_id              1 
_pdbx_entity_src_syn.pdbx_src_id            1 
_pdbx_entity_src_syn.pdbx_alt_source_flag   sample 
_pdbx_entity_src_syn.pdbx_beg_seq_num       ? 
_pdbx_entity_src_syn.pdbx_end_seq_num       ? 
_pdbx_entity_src_syn.organism_scientific    'synthetic construct' 
_pdbx_entity_src_syn.organism_common_name   ? 
_pdbx_entity_src_syn.ncbi_taxonomy_id       32630 
_pdbx_entity_src_syn.details                ? 
# 
_struct_ref.id                         1 
_struct_ref.db_name                    PDB 
_struct_ref.db_code                    4R49 
_struct_ref.pdbx_db_accession          4R49 
_struct_ref.entity_id                  1 
_struct_ref.pdbx_align_begin           1 
_struct_ref.pdbx_seq_one_letter_code   CCGGTACCGG 
_struct_ref.pdbx_db_isoform            ? 
# 
loop_
_struct_ref_seq.align_id 
_struct_ref_seq.ref_id 
_struct_ref_seq.pdbx_PDB_id_code 
_struct_ref_seq.pdbx_strand_id 
_struct_ref_seq.seq_align_beg 
_struct_ref_seq.pdbx_seq_align_beg_ins_code 
_struct_ref_seq.seq_align_end 
_struct_ref_seq.pdbx_seq_align_end_ins_code 
_struct_ref_seq.pdbx_db_accession 
_struct_ref_seq.db_align_beg 
_struct_ref_seq.pdbx_db_align_beg_ins_code 
_struct_ref_seq.db_align_end 
_struct_ref_seq.pdbx_db_align_end_ins_code 
_struct_ref_seq.pdbx_auth_seq_align_beg 
_struct_ref_seq.pdbx_auth_seq_align_end 
1 1 4R49 A 1 ? 10 ? 4R49 1 ? 10 ? 1 10 
2 1 4R49 B 1 ? 10 ? 4R49 1 ? 10 ? 1 10 
# 
loop_
_chem_comp.id 
_chem_comp.type 
_chem_comp.mon_nstd_flag 
_chem_comp.name 
_chem_comp.pdbx_synonyms 
_chem_comp.formula 
_chem_comp.formula_weight 
CA  non-polymer   . 'CALCIUM ION'                        ? 'Ca 2'            40.078  
DA  'DNA linking' y "2'-DEOXYADENOSINE-5'-MONOPHOSPHATE" ? 'C10 H14 N5 O6 P' 331.222 
DC  'DNA linking' y "2'-DEOXYCYTIDINE-5'-MONOPHOSPHATE"  ? 'C9 H14 N3 O7 P'  307.197 
DG  'DNA linking' y "2'-DEOXYGUANOSINE-5'-MONOPHOSPHATE" ? 'C10 H14 N5 O7 P' 347.221 
DT  'DNA linking' y "THYMIDINE-5'-MONOPHOSPHATE"         ? 'C10 H15 N2 O8 P' 322.208 
HOH non-polymer   . WATER                                ? 'H2 O'            18.015  
NA  non-polymer   . 'SODIUM ION'                         ? 'Na 1'            22.990  
# 
_exptl.entry_id          4R49 
_exptl.method            'X-RAY DIFFRACTION' 
_exptl.crystals_number   1 
# 
_exptl_crystal.id                    1 
_exptl_crystal.density_meas          ? 
_exptl_crystal.density_Matthews      2.07 
_exptl_crystal.density_percent_sol   40.51 
_exptl_crystal.description           ? 
_exptl_crystal.F_000                 ? 
_exptl_crystal.preparation           ? 
# 
_exptl_crystal_grow.crystal_id      1 
_exptl_crystal_grow.method          'VAPOR DIFFUSION, HANGING DROP' 
_exptl_crystal_grow.temp            293 
_exptl_crystal_grow.temp_details    ? 
_exptl_crystal_grow.pH              7.0 
_exptl_crystal_grow.pdbx_details    
;1 mM DNA, 50 mM sodium cacodylate, 2 M calcium chloride, 1 mM spermine, 40% v/v MPD, pH 7.0, VAPOR DIFFUSION, HANGING DROP, temperature 293K
;
_exptl_crystal_grow.pdbx_pH_range   ? 
# 
_diffrn.id                     1 
_diffrn.ambient_temp           100 
_diffrn.ambient_temp_details   ? 
_diffrn.crystal_id             1 
# 
_diffrn_detector.diffrn_id              1 
_diffrn_detector.detector               PIXEL 
_diffrn_detector.type                   'DECTRIS PILATUS 2M-F' 
_diffrn_detector.pdbx_collection_date   2014-06-14 
_diffrn_detector.details                ? 
# 
_diffrn_radiation.diffrn_id                        1 
_diffrn_radiation.wavelength_id                    1 
_diffrn_radiation.pdbx_monochromatic_or_laue_m_l   M 
_diffrn_radiation.monochromator                    'Si(111)' 
_diffrn_radiation.pdbx_diffrn_protocol             'SINGLE WAVELENGTH' 
_diffrn_radiation.pdbx_scattering_type             x-ray 
# 
_diffrn_radiation_wavelength.id           1 
_diffrn_radiation_wavelength.wavelength   0.873 
_diffrn_radiation_wavelength.wt           1.0 
# 
_diffrn_source.diffrn_id                   1 
_diffrn_source.source                      SYNCHROTRON 
_diffrn_source.type                        'ESRF BEAMLINE ID23-2' 
_diffrn_source.pdbx_synchrotron_site       ESRF 
_diffrn_source.pdbx_synchrotron_beamline   ID23-2 
_diffrn_source.pdbx_wavelength             ? 
_diffrn_source.pdbx_wavelength_list        0.873 
# 
_reflns.entry_id                     4R49 
_reflns.observed_criterion_sigma_I   2.0 
_reflns.observed_criterion_sigma_F   2.0 
_reflns.d_resolution_low             34.25 
_reflns.d_resolution_high            1.28 
_reflns.number_obs                   23975 
_reflns.number_all                   25176 
_reflns.percent_possible_obs         95.23 
_reflns.pdbx_Rmerge_I_obs            0.0372 
_reflns.pdbx_Rsym_value              ? 
_reflns.pdbx_netI_over_sigmaI        9.69 
_reflns.B_iso_Wilson_estimate        47.43 
_reflns.pdbx_redundancy              1.9 
_reflns.R_free_details               ? 
_reflns.limit_h_max                  ? 
_reflns.limit_h_min                  ? 
_reflns.limit_k_max                  ? 
_reflns.limit_k_min                  ? 
_reflns.limit_l_max                  ? 
_reflns.limit_l_min                  ? 
_reflns.observed_criterion_F_max     ? 
_reflns.observed_criterion_F_min     ? 
_reflns.pdbx_chi_squared             ? 
_reflns.pdbx_scaling_rejects         ? 
_reflns.pdbx_ordinal                 1 
_reflns.pdbx_diffrn_id               1 
# 
_reflns_shell.d_res_high             1.28 
_reflns_shell.d_res_low              1.32 
_reflns_shell.percent_possible_all   91.68 
_reflns_shell.Rmerge_I_obs           0.2656 
_reflns_shell.pdbx_Rsym_value        ? 
_reflns_shell.meanI_over_sigI_obs    2.39 
_reflns_shell.pdbx_redundancy        1.8 
_reflns_shell.percent_possible_obs   ? 
_reflns_shell.number_unique_all      ? 
_reflns_shell.number_measured_all    ? 
_reflns_shell.number_measured_obs    ? 
_reflns_shell.number_unique_obs      ? 
_reflns_shell.pdbx_chi_squared       ? 
_reflns_shell.pdbx_ordinal           1 
_reflns_shell.pdbx_diffrn_id         1 
# 
_refine.entry_id                                 4R49 
_refine.ls_number_reflns_obs                     22744 
_refine.ls_number_reflns_all                     ? 
_refine.pdbx_ls_sigma_I                          ? 
_refine.pdbx_ls_sigma_F                          ? 
_refine.pdbx_data_cutoff_high_absF               ? 
_refine.pdbx_data_cutoff_low_absF                ? 
_refine.pdbx_data_cutoff_high_rms_absF           ? 
_refine.ls_d_res_low                             34.25 
_refine.ls_d_res_high                            1.28 
_refine.ls_percent_reflns_obs                    95.23 
_refine.ls_R_factor_obs                          0.21889 
_refine.ls_R_factor_all                          ? 
_refine.ls_R_factor_R_work                       0.21655 
_refine.ls_R_factor_R_free                       0.25957 
_refine.ls_R_factor_R_free_error                 ? 
_refine.ls_R_factor_R_free_error_details         ? 
_refine.ls_percent_reflns_R_free                 5.1 
_refine.ls_number_reflns_R_free                  1230 
_refine.ls_number_parameters                     ? 
_refine.ls_number_restraints                     ? 
_refine.occupancy_min                            ? 
_refine.occupancy_max                            ? 
_refine.correlation_coeff_Fo_to_Fc               0.961 
_refine.correlation_coeff_Fo_to_Fc_free          0.943 
_refine.B_iso_mean                               14.318 
_refine.aniso_B[1][1]                            0.61 
_refine.aniso_B[2][2]                            -0.47 
_refine.aniso_B[3][3]                            0.28 
_refine.aniso_B[1][2]                            -0.61 
_refine.aniso_B[1][3]                            0.54 
_refine.aniso_B[2][3]                            -0.33 
_refine.solvent_model_details                    MASK 
_refine.solvent_model_param_ksol                 ? 
_refine.solvent_model_param_bsol                 ? 
_refine.pdbx_solvent_vdw_probe_radii             1.20 
_refine.pdbx_solvent_ion_probe_radii             0.80 
_refine.pdbx_solvent_shrinkage_radii             0.80 
_refine.pdbx_ls_cross_valid_method               THROUGHOUT 
_refine.details                                  ? 
_refine.pdbx_starting_model                      'PDB ENTRY 3R86' 
_refine.pdbx_method_to_determine_struct          'MOLECULAR REPLACEMENT' 
_refine.pdbx_isotropic_thermal_model             ? 
_refine.pdbx_stereochemistry_target_values       'MAXIMUM LIKELIHOOD' 
_refine.pdbx_stereochem_target_val_spec_case     ? 
_refine.pdbx_R_Free_selection_details            RANDOM 
_refine.pdbx_overall_ESU_R_Free                  0.055 
_refine.overall_SU_ML                            0.027 
_refine.overall_SU_B                             1.437 
_refine.overall_SU_R_Cruickshank_DPI             ? 
_refine.ls_redundancy_reflns_obs                 ? 
_refine.B_iso_min                                ? 
_refine.B_iso_max                                ? 
_refine.overall_SU_R_free                        ? 
_refine.ls_wR_factor_R_free                      ? 
_refine.ls_wR_factor_R_work                      ? 
_refine.overall_FOM_free_R_set                   ? 
_refine.overall_FOM_work_R_set                   ? 
_refine.pdbx_overall_ESU_R                       ? 
_refine.pdbx_overall_phase_error                 ? 
_refine.pdbx_diffrn_id                           1 
_refine.pdbx_refine_id                           'X-RAY DIFFRACTION' 
_refine.pdbx_TLS_residual_ADP_flag               ? 
_refine.pdbx_overall_SU_R_free_Cruickshank_DPI   ? 
_refine.pdbx_overall_SU_R_Blow_DPI               ? 
_refine.pdbx_overall_SU_R_free_Blow_DPI          ? 
# 
_refine_hist.pdbx_refine_id                   'X-RAY DIFFRACTION' 
_refine_hist.cycle_id                         LAST 
_refine_hist.pdbx_number_atoms_protein        0 
_refine_hist.pdbx_number_atoms_nucleic_acid   404 
_refine_hist.pdbx_number_atoms_ligand         9 
_refine_hist.number_atoms_solvent             167 
_refine_hist.number_atoms_total               580 
_refine_hist.d_res_high                       1.28 
_refine_hist.d_res_low                        34.25 
# 
loop_
_refine_ls_restr.type 
_refine_ls_restr.dev_ideal 
_refine_ls_restr.dev_ideal_target 
_refine_ls_restr.weight 
_refine_ls_restr.number 
_refine_ls_restr.pdbx_restraint_function 
_refine_ls_restr.pdbx_refine_id 
r_bond_refined_d     0.013  0.011 ? 452 ? 'X-RAY DIFFRACTION' 
r_angle_refined_deg  1.854  1.157 ? 694 ? 'X-RAY DIFFRACTION' 
r_chiral_restr       0.110  0.200 ? 60  ? 'X-RAY DIFFRACTION' 
r_gen_planes_refined 0.031  0.020 ? 210 ? 'X-RAY DIFFRACTION' 
r_rigid_bond_restr   7.152  3.000 ? 452 ? 'X-RAY DIFFRACTION' 
r_sphericity_free    25.398 5.000 ? 6   ? 'X-RAY DIFFRACTION' 
r_sphericity_bonded  12.844 5.000 ? 574 ? 'X-RAY DIFFRACTION' 
# 
_refine_ls_shell.pdbx_total_number_of_bins_used   20 
_refine_ls_shell.d_res_high                       1.280 
_refine_ls_shell.d_res_low                        1.313 
_refine_ls_shell.number_reflns_R_work             1638 
_refine_ls_shell.R_factor_R_work                  0.325 
_refine_ls_shell.percent_reflns_obs               91.14 
_refine_ls_shell.R_factor_R_free                  0.392 
_refine_ls_shell.R_factor_R_free_error            ? 
_refine_ls_shell.percent_reflns_R_free            ? 
_refine_ls_shell.number_reflns_R_free             79 
_refine_ls_shell.number_reflns_all                ? 
_refine_ls_shell.R_factor_all                     ? 
_refine_ls_shell.number_reflns_obs                ? 
_refine_ls_shell.redundancy_reflns_obs            ? 
_refine_ls_shell.pdbx_refine_id                   'X-RAY DIFFRACTION' 
# 
_struct.entry_id                  4R49 
_struct.title                     'Racemic crystal structure of a calcium-bound B-DNA duplex' 
_struct.pdbx_model_details        ? 
_struct.pdbx_CASP_flag            ? 
_struct.pdbx_model_type_details   ? 
# 
_struct_keywords.entry_id        4R49 
_struct_keywords.pdbx_keywords   DNA 
_struct_keywords.text            'racemic DNA, racemates, DNA' 
# 
loop_
_struct_asym.id 
_struct_asym.pdbx_blank_PDB_chainid_flag 
_struct_asym.pdbx_modified 
_struct_asym.entity_id 
_struct_asym.details 
A N N 1 ? 
B N N 1 ? 
C N N 2 ? 
D N N 2 ? 
E N N 2 ? 
F N N 3 ? 
G N N 2 ? 
H N N 2 ? 
I N N 2 ? 
J N N 2 ? 
K N N 3 ? 
L N N 4 ? 
M N N 4 ? 
# 
_struct_biol.id        1 
_struct_biol.details   ? 
# 
loop_
_struct_conn.id 
_struct_conn.conn_type_id 
_struct_conn.pdbx_leaving_atom_flag 
_struct_conn.pdbx_PDB_id 
_struct_conn.ptnr1_label_asym_id 
_struct_conn.ptnr1_label_comp_id 
_struct_conn.ptnr1_label_seq_id 
_struct_conn.ptnr1_label_atom_id 
_struct_conn.pdbx_ptnr1_label_alt_id 
_struct_conn.pdbx_ptnr1_PDB_ins_code 
_struct_conn.pdbx_ptnr1_standard_comp_id 
_struct_conn.ptnr1_symmetry 
_struct_conn.ptnr2_label_asym_id 
_struct_conn.ptnr2_label_comp_id 
_struct_conn.ptnr2_label_seq_id 
_struct_conn.ptnr2_label_atom_id 
_struct_conn.pdbx_ptnr2_label_alt_id 
_struct_conn.pdbx_ptnr2_PDB_ins_code 
_struct_conn.ptnr1_auth_asym_id 
_struct_conn.ptnr1_auth_comp_id 
_struct_conn.ptnr1_auth_seq_id 
_struct_conn.ptnr2_auth_asym_id 
_struct_conn.ptnr2_auth_comp_id 
_struct_conn.ptnr2_auth_seq_id 
_struct_conn.ptnr2_symmetry 
_struct_conn.pdbx_ptnr3_label_atom_id 
_struct_conn.pdbx_ptnr3_label_seq_id 
_struct_conn.pdbx_ptnr3_label_comp_id 
_struct_conn.pdbx_ptnr3_label_asym_id 
_struct_conn.pdbx_ptnr3_label_alt_id 
_struct_conn.pdbx_ptnr3_PDB_ins_code 
_struct_conn.details 
_struct_conn.pdbx_dist_value 
_struct_conn.pdbx_value_order 
_struct_conn.pdbx_role 
metalc1  metalc ? ? A DT 5  OP1 ? ? ? 1_555 D CA  .  CA ? ? A DT 5   A CA  102 1_555 ? ? ? ? ? ? ?            2.300 ? ? 
metalc2  metalc ? ? A DT 5  OP2 ? ? ? 1_555 F NA  .  NA ? ? A DT 5   A NA  104 1_555 ? ? ? ? ? ? ?            2.424 ? ? 
metalc3  metalc ? ? C CA .  CA  ? ? ? 1_555 L HOH .  O  ? ? A CA 101 A HOH 201 1_555 ? ? ? ? ? ? ?            2.341 ? ? 
metalc4  metalc ? ? C CA .  CA  ? ? ? 1_555 L HOH .  O  ? ? A CA 101 A HOH 202 1_555 ? ? ? ? ? ? ?            2.463 ? ? 
metalc5  metalc ? ? C CA .  CA  ? ? ? 1_555 L HOH .  O  ? ? A CA 101 A HOH 203 1_555 ? ? ? ? ? ? ?            2.501 ? ? 
metalc6  metalc ? ? C CA .  CA  ? ? ? 1_555 L HOH .  O  ? ? A CA 101 A HOH 209 1_555 ? ? ? ? ? ? ?            2.439 ? ? 
metalc7  metalc ? ? C CA .  CA  ? ? ? 1_555 L HOH .  O  ? ? A CA 101 A HOH 217 1_555 ? ? ? ? ? ? ?            2.434 ? ? 
metalc8  metalc ? ? D CA .  CA  ? ? ? 1_555 L HOH .  O  ? ? A CA 102 A HOH 205 1_555 ? ? ? ? ? ? ?            2.376 ? ? 
metalc9  metalc ? ? D CA .  CA  ? ? ? 1_555 L HOH .  O  ? ? A CA 102 A HOH 208 1_555 ? ? ? ? ? ? ?            2.442 ? ? 
metalc10 metalc ? ? D CA .  CA  ? ? ? 1_555 L HOH .  O  ? ? A CA 102 A HOH 216 1_555 ? ? ? ? ? ? ?            2.364 ? ? 
metalc11 metalc ? ? D CA .  CA  ? ? ? 1_555 L HOH .  O  ? ? A CA 102 A HOH 295 1_555 ? ? ? ? ? ? ?            2.292 ? ? 
metalc12 metalc ? ? E CA .  CA  ? ? ? 1_555 L HOH .  O  ? ? A CA 103 A HOH 214 1_555 ? ? ? ? ? ? ?            2.398 ? ? 
metalc13 metalc ? ? E CA .  CA  ? ? ? 1_555 L HOH .  O  ? ? A CA 103 A HOH 233 1_555 ? ? ? ? ? ? ?            2.328 ? ? 
metalc14 metalc ? ? E CA .  CA  ? ? ? 1_555 L HOH .  O  ? ? A CA 103 A HOH 238 1_555 ? ? ? ? ? ? ?            2.500 ? ? 
metalc15 metalc ? ? E CA .  CA  ? ? ? 1_555 L HOH .  O  ? ? A CA 103 A HOH 239 1_555 ? ? ? ? ? ? ?            2.433 ? ? 
metalc16 metalc ? ? E CA .  CA  ? ? ? 1_555 L HOH .  O  ? ? A CA 103 A HOH 243 1_555 ? ? ? ? ? ? ?            2.415 ? ? 
metalc17 metalc ? ? F NA .  NA  ? ? ? 1_555 L HOH .  O  ? ? A NA 104 A HOH 274 1_555 ? ? ? ? ? ? ?            2.573 ? ? 
metalc18 metalc ? ? B DG 4  OP1 ? ? ? 1_555 K NA  .  NA ? ? B DG 4   B NA  105 1_555 ? ? ? ? ? ? ?            2.182 ? ? 
metalc19 metalc ? ? B DT 5  OP1 ? ? ? 1_555 G CA  .  CA ? ? B DT 5   B CA  101 1_555 ? ? ? ? ? ? ?            2.323 ? ? 
metalc20 metalc ? ? G CA .  CA  ? ? ? 1_555 M HOH .  O  ? ? B CA 101 B HOH 216 1_555 ? ? ? ? ? ? ?            2.415 ? ? 
metalc21 metalc ? ? G CA .  CA  ? ? ? 1_555 M HOH .  O  ? ? B CA 101 B HOH 261 1_555 ? ? ? ? ? ? ?            2.468 ? ? 
metalc22 metalc ? ? H CA .  CA  ? ? ? 1_555 M HOH .  O  ? ? B CA 102 B HOH 220 1_555 ? ? ? ? ? ? ?            2.378 ? ? 
metalc23 metalc ? ? H CA .  CA  ? ? ? 1_555 M HOH .  O  ? ? B CA 102 B HOH 227 1_555 ? ? ? ? ? ? ?            2.428 ? ? 
metalc24 metalc ? ? H CA .  CA  ? ? ? 1_555 M HOH .  O  ? ? B CA 102 B HOH 254 1_555 ? ? ? ? ? ? ?            2.462 ? ? 
metalc25 metalc ? ? I CA .  CA  ? ? ? 1_555 M HOH .  O  ? ? B CA 103 B HOH 201 1_555 ? ? ? ? ? ? ?            2.465 ? ? 
metalc26 metalc ? ? I CA .  CA  ? ? ? 1_555 M HOH .  O  ? ? B CA 103 B HOH 203 1_555 ? ? ? ? ? ? ?            2.356 ? ? 
metalc27 metalc ? ? I CA .  CA  ? ? ? 1_555 M HOH .  O  ? ? B CA 103 B HOH 205 1_555 ? ? ? ? ? ? ?            2.471 ? ? 
metalc28 metalc ? ? J CA .  CA  ? ? ? 1_555 M HOH .  O  ? ? B CA 104 B HOH 245 1_555 ? ? ? ? ? ? ?            2.853 ? ? 
metalc29 metalc ? ? K NA .  NA  ? ? ? 1_555 M HOH .  O  ? ? B NA 105 B HOH 225 1_555 ? ? ? ? ? ? ?            2.375 ? ? 
metalc30 metalc ? ? K NA .  NA  ? ? ? 1_555 M HOH .  O  ? ? B NA 105 B HOH 238 1_555 ? ? ? ? ? ? ?            2.229 ? ? 
hydrog1  hydrog ? ? A DC 1  N3  ? ? ? 1_555 B DG  10 N1 ? ? A DC 1   B DG  10  1_555 ? ? ? ? ? ? WATSON-CRICK ?     ? ? 
hydrog2  hydrog ? ? A DC 1  N4  ? ? ? 1_555 B DG  10 O6 ? ? A DC 1   B DG  10  1_555 ? ? ? ? ? ? WATSON-CRICK ?     ? ? 
hydrog3  hydrog ? ? A DC 1  O2  ? ? ? 1_555 B DG  10 N2 ? ? A DC 1   B DG  10  1_555 ? ? ? ? ? ? WATSON-CRICK ?     ? ? 
hydrog4  hydrog ? ? A DC 2  N3  ? ? ? 1_555 B DG  9  N1 ? ? A DC 2   B DG  9   1_555 ? ? ? ? ? ? WATSON-CRICK ?     ? ? 
hydrog5  hydrog ? ? A DC 2  N4  ? ? ? 1_555 B DG  9  O6 ? ? A DC 2   B DG  9   1_555 ? ? ? ? ? ? WATSON-CRICK ?     ? ? 
hydrog6  hydrog ? ? A DC 2  O2  ? ? ? 1_555 B DG  9  N2 ? ? A DC 2   B DG  9   1_555 ? ? ? ? ? ? WATSON-CRICK ?     ? ? 
hydrog7  hydrog ? ? A DG 3  N1  ? ? ? 1_555 B DC  8  N3 ? ? A DG 3   B DC  8   1_555 ? ? ? ? ? ? WATSON-CRICK ?     ? ? 
hydrog8  hydrog ? ? A DG 3  N2  ? ? ? 1_555 B DC  8  O2 ? ? A DG 3   B DC  8   1_555 ? ? ? ? ? ? WATSON-CRICK ?     ? ? 
hydrog9  hydrog ? ? A DG 3  O6  ? ? ? 1_555 B DC  8  N4 ? ? A DG 3   B DC  8   1_555 ? ? ? ? ? ? WATSON-CRICK ?     ? ? 
hydrog10 hydrog ? ? A DG 4  N1  ? ? ? 1_555 B DC  7  N3 ? ? A DG 4   B DC  7   1_555 ? ? ? ? ? ? WATSON-CRICK ?     ? ? 
hydrog11 hydrog ? ? A DG 4  N2  ? ? ? 1_555 B DC  7  O2 ? ? A DG 4   B DC  7   1_555 ? ? ? ? ? ? WATSON-CRICK ?     ? ? 
hydrog12 hydrog ? ? A DG 4  O6  ? ? ? 1_555 B DC  7  N4 ? ? A DG 4   B DC  7   1_555 ? ? ? ? ? ? WATSON-CRICK ?     ? ? 
hydrog13 hydrog ? ? A DT 5  N3  ? ? ? 1_555 B DA  6  N1 ? ? A DT 5   B DA  6   1_555 ? ? ? ? ? ? WATSON-CRICK ?     ? ? 
hydrog14 hydrog ? ? A DT 5  O4  ? ? ? 1_555 B DA  6  N6 ? ? A DT 5   B DA  6   1_555 ? ? ? ? ? ? WATSON-CRICK ?     ? ? 
hydrog15 hydrog ? ? A DA 6  N1  ? ? ? 1_555 B DT  5  N3 ? ? A DA 6   B DT  5   1_555 ? ? ? ? ? ? WATSON-CRICK ?     ? ? 
hydrog16 hydrog ? ? A DA 6  N6  ? ? ? 1_555 B DT  5  O4 ? ? A DA 6   B DT  5   1_555 ? ? ? ? ? ? WATSON-CRICK ?     ? ? 
hydrog17 hydrog ? ? A DC 7  N3  ? ? ? 1_555 B DG  4  N1 ? ? A DC 7   B DG  4   1_555 ? ? ? ? ? ? WATSON-CRICK ?     ? ? 
hydrog18 hydrog ? ? A DC 7  N4  ? ? ? 1_555 B DG  4  O6 ? ? A DC 7   B DG  4   1_555 ? ? ? ? ? ? WATSON-CRICK ?     ? ? 
hydrog19 hydrog ? ? A DC 7  O2  ? ? ? 1_555 B DG  4  N2 ? ? A DC 7   B DG  4   1_555 ? ? ? ? ? ? WATSON-CRICK ?     ? ? 
hydrog20 hydrog ? ? A DC 8  N3  ? ? ? 1_555 B DG  3  N1 ? ? A DC 8   B DG  3   1_555 ? ? ? ? ? ? WATSON-CRICK ?     ? ? 
hydrog21 hydrog ? ? A DC 8  N4  ? ? ? 1_555 B DG  3  O6 ? ? A DC 8   B DG  3   1_555 ? ? ? ? ? ? WATSON-CRICK ?     ? ? 
hydrog22 hydrog ? ? A DC 8  O2  ? ? ? 1_555 B DG  3  N2 ? ? A DC 8   B DG  3   1_555 ? ? ? ? ? ? WATSON-CRICK ?     ? ? 
hydrog23 hydrog ? ? A DG 9  N1  ? ? ? 1_555 B DC  2  N3 ? ? A DG 9   B DC  2   1_555 ? ? ? ? ? ? WATSON-CRICK ?     ? ? 
hydrog24 hydrog ? ? A DG 9  N2  ? ? ? 1_555 B DC  2  O2 ? ? A DG 9   B DC  2   1_555 ? ? ? ? ? ? WATSON-CRICK ?     ? ? 
hydrog25 hydrog ? ? A DG 9  O6  ? ? ? 1_555 B DC  2  N4 ? ? A DG 9   B DC  2   1_555 ? ? ? ? ? ? WATSON-CRICK ?     ? ? 
hydrog26 hydrog ? ? A DG 10 N1  ? ? ? 1_555 B DC  1  N3 ? ? A DG 10  B DC  1   1_555 ? ? ? ? ? ? WATSON-CRICK ?     ? ? 
hydrog27 hydrog ? ? A DG 10 N2  ? ? ? 1_555 B DC  1  O2 ? ? A DG 10  B DC  1   1_555 ? ? ? ? ? ? WATSON-CRICK ?     ? ? 
hydrog28 hydrog ? ? A DG 10 O6  ? ? ? 1_555 B DC  1  N4 ? ? A DG 10  B DC  1   1_555 ? ? ? ? ? ? WATSON-CRICK ?     ? ? 
# 
loop_
_struct_conn_type.id 
_struct_conn_type.criteria 
_struct_conn_type.reference 
metalc ? ? 
hydrog ? ? 
# 
loop_
_struct_site.id 
_struct_site.pdbx_evidence_code 
_struct_site.pdbx_auth_asym_id 
_struct_site.pdbx_auth_comp_id 
_struct_site.pdbx_auth_seq_id 
_struct_site.pdbx_auth_ins_code 
_struct_site.pdbx_num_residues 
_struct_site.details 
AC1 Software A CA 101 ? 5 'BINDING SITE FOR RESIDUE CA A 101' 
AC2 Software A CA 102 ? 5 'BINDING SITE FOR RESIDUE CA A 102' 
AC3 Software A CA 103 ? 5 'BINDING SITE FOR RESIDUE CA A 103' 
AC4 Software A NA 104 ? 2 'BINDING SITE FOR RESIDUE NA A 104' 
AC5 Software B CA 101 ? 3 'BINDING SITE FOR RESIDUE CA B 101' 
AC6 Software B CA 102 ? 3 'BINDING SITE FOR RESIDUE CA B 102' 
AC7 Software B CA 103 ? 3 'BINDING SITE FOR RESIDUE CA B 103' 
AC8 Software B CA 104 ? 2 'BINDING SITE FOR RESIDUE CA B 104' 
AC9 Software B NA 105 ? 3 'BINDING SITE FOR RESIDUE NA B 105' 
# 
loop_
_struct_site_gen.id 
_struct_site_gen.site_id 
_struct_site_gen.pdbx_num_res 
_struct_site_gen.label_comp_id 
_struct_site_gen.label_asym_id 
_struct_site_gen.label_seq_id 
_struct_site_gen.pdbx_auth_ins_code 
_struct_site_gen.auth_comp_id 
_struct_site_gen.auth_asym_id 
_struct_site_gen.auth_seq_id 
_struct_site_gen.label_atom_id 
_struct_site_gen.label_alt_id 
_struct_site_gen.symmetry 
_struct_site_gen.details 
1  AC1 5 HOH L . ? HOH A 201 . ? 1_555 ? 
2  AC1 5 HOH L . ? HOH A 202 . ? 1_555 ? 
3  AC1 5 HOH L . ? HOH A 203 . ? 1_555 ? 
4  AC1 5 HOH L . ? HOH A 209 . ? 1_555 ? 
5  AC1 5 HOH L . ? HOH A 217 . ? 1_555 ? 
6  AC2 5 DT  A 5 ? DT  A 5   . ? 1_555 ? 
7  AC2 5 HOH L . ? HOH A 205 . ? 1_555 ? 
8  AC2 5 HOH L . ? HOH A 208 . ? 1_555 ? 
9  AC2 5 HOH L . ? HOH A 216 . ? 1_555 ? 
10 AC2 5 HOH L . ? HOH A 295 . ? 1_555 ? 
11 AC3 5 HOH L . ? HOH A 214 . ? 1_555 ? 
12 AC3 5 HOH L . ? HOH A 233 . ? 1_555 ? 
13 AC3 5 HOH L . ? HOH A 238 . ? 1_555 ? 
14 AC3 5 HOH L . ? HOH A 239 . ? 1_555 ? 
15 AC3 5 HOH L . ? HOH A 243 . ? 1_555 ? 
16 AC4 2 DT  A 5 ? DT  A 5   . ? 1_555 ? 
17 AC4 2 HOH L . ? HOH A 274 . ? 1_555 ? 
18 AC5 3 DT  B 5 ? DT  B 5   . ? 1_555 ? 
19 AC5 3 HOH M . ? HOH B 216 . ? 1_555 ? 
20 AC5 3 HOH M . ? HOH B 261 . ? 1_555 ? 
21 AC6 3 HOH M . ? HOH B 220 . ? 1_555 ? 
22 AC6 3 HOH M . ? HOH B 227 . ? 1_555 ? 
23 AC6 3 HOH M . ? HOH B 254 . ? 1_555 ? 
24 AC7 3 HOH M . ? HOH B 201 . ? 1_555 ? 
25 AC7 3 HOH M . ? HOH B 203 . ? 1_555 ? 
26 AC7 3 HOH M . ? HOH B 205 . ? 1_555 ? 
27 AC8 2 DC  B 8 ? DC  B 8   . ? 1_555 ? 
28 AC8 2 HOH M . ? HOH B 245 . ? 1_555 ? 
29 AC9 3 DG  B 4 ? DG  B 4   . ? 1_555 ? 
30 AC9 3 HOH M . ? HOH B 225 . ? 1_555 ? 
31 AC9 3 HOH M . ? HOH B 238 . ? 1_555 ? 
# 
_atom_sites.entry_id                    4R49 
_atom_sites.fract_transf_matrix[1][1]   0.04241226 
_atom_sites.fract_transf_matrix[1][2]   -0.00308184 
_atom_sites.fract_transf_matrix[1][3]   -0.02180884 
_atom_sites.fract_transf_matrix[2][1]   0.02168570 
_atom_sites.fract_transf_matrix[2][2]   0.02348712 
_atom_sites.fract_transf_matrix[2][3]   0.00957893 
_atom_sites.fract_transf_matrix[3][1]   0.01864922 
_atom_sites.fract_transf_matrix[3][2]   -0.01177309 
_atom_sites.fract_transf_matrix[3][3]   0.01913437 
_atom_sites.fract_transf_vector[1]      0.437189 
_atom_sites.fract_transf_vector[2]      0.010861 
_atom_sites.fract_transf_vector[3]      0.243456 
# 
loop_
_atom_type.symbol 
C  
CA 
N  
NA 
O  
P  
# 
loop_
_atom_site.group_PDB 
_atom_site.id 
_atom_site.type_symbol 
_atom_site.label_atom_id 
_atom_site.label_alt_id 
_atom_site.label_comp_id 
_atom_site.label_asym_id 
_atom_site.label_entity_id 
_atom_site.label_seq_id 
_atom_site.pdbx_PDB_ins_code 
_atom_site.Cartn_x 
_atom_site.Cartn_y 
_atom_site.Cartn_z 
_atom_site.occupancy 
_atom_site.B_iso_or_equiv 
_atom_site.pdbx_formal_charge 
_atom_site.auth_seq_id 
_atom_site.auth_comp_id 
_atom_site.auth_asym_id 
_atom_site.auth_atom_id 
_atom_site.pdbx_PDB_model_num 
ATOM   1   O  "O5'" . DC  A 1 1  ? 14.307  13.478  2.203   1.00 12.69 ? 1   DC  A "O5'" 1 
ATOM   2   C  "C5'" . DC  A 1 1  ? 13.587  12.846  3.337   1.00 15.23 ? 1   DC  A "C5'" 1 
ATOM   3   C  "C4'" . DC  A 1 1  ? 12.186  13.407  3.439   1.00 18.75 ? 1   DC  A "C4'" 1 
ATOM   4   O  "O4'" . DC  A 1 1  ? 11.473  13.238  2.186   1.00 15.40 ? 1   DC  A "O4'" 1 
ATOM   5   C  "C3'" . DC  A 1 1  ? 11.286  12.766  4.483   1.00 17.03 ? 1   DC  A "C3'" 1 
ATOM   6   O  "O3'" . DC  A 1 1  ? 10.297  13.781  4.827   1.00 17.95 ? 1   DC  A "O3'" 1 
ATOM   7   C  "C2'" . DC  A 1 1  ? 10.640  11.605  3.728   1.00 16.13 ? 1   DC  A "C2'" 1 
ATOM   8   C  "C1'" . DC  A 1 1  ? 10.548  12.133  2.303   1.00 13.80 ? 1   DC  A "C1'" 1 
ATOM   9   N  N1    . DC  A 1 1  ? 10.850  11.218  1.181   1.00 10.93 ? 1   DC  A N1    1 
ATOM   10  C  C2    . DC  A 1 1  ? 10.317  11.539  -0.079  1.00 12.57 ? 1   DC  A C2    1 
ATOM   11  O  O2    . DC  A 1 1  ? 9.515   12.460  -0.167  1.00 12.93 ? 1   DC  A O2    1 
ATOM   12  N  N3    . DC  A 1 1  ? 10.689  10.833  -1.168  1.00 10.97 ? 1   DC  A N3    1 
ATOM   13  C  C4    . DC  A 1 1  ? 11.557  9.828   -1.040  1.00 12.41 ? 1   DC  A C4    1 
ATOM   14  N  N4    . DC  A 1 1  ? 11.923  9.178   -2.151  1.00 12.31 ? 1   DC  A N4    1 
ATOM   15  C  C5    . DC  A 1 1  ? 12.095  9.447   0.232   1.00 12.35 ? 1   DC  A C5    1 
ATOM   16  C  C6    . DC  A 1 1  ? 11.749  10.198  1.303   1.00 12.16 ? 1   DC  A C6    1 
ATOM   17  P  P     . DC  A 1 2  ? 9.096   13.518  5.887   1.00 18.13 ? 2   DC  A P     1 
ATOM   18  O  OP1   . DC  A 1 2  ? 8.701   14.852  6.516   1.00 24.36 ? 2   DC  A OP1   1 
ATOM   19  O  OP2   . DC  A 1 2  ? 9.429   12.325  6.734   1.00 22.48 ? 2   DC  A OP2   1 
ATOM   20  O  "O5'" . DC  A 1 2  ? 7.897   12.925  5.004   1.00 19.61 ? 2   DC  A "O5'" 1 
ATOM   21  C  "C5'" . DC  A 1 2  ? 7.172   13.794  4.136   1.00 17.19 ? 2   DC  A "C5'" 1 
ATOM   22  C  "C4'" . DC  A 1 2  ? 6.201   12.964  3.337   1.00 15.06 ? 2   DC  A "C4'" 1 
ATOM   23  O  "O4'" . DC  A 1 2  ? 6.913   12.120  2.409   1.00 14.51 ? 2   DC  A "O4'" 1 
ATOM   24  C  "C3'" . DC  A 1 2  ? 5.291   12.029  4.140   1.00 16.75 ? 2   DC  A "C3'" 1 
ATOM   25  O  "O3'" . DC  A 1 2  ? 4.018   12.064  3.494   1.00 20.12 ? 2   DC  A "O3'" 1 
ATOM   26  C  "C2'" . DC  A 1 2  ? 5.805   10.633  3.819   1.00 15.68 ? 2   DC  A "C2'" 1 
ATOM   27  C  "C1'" . DC  A 1 2  ? 6.241   10.864  2.381   1.00 13.25 ? 2   DC  A "C1'" 1 
ATOM   28  N  N1    . DC  A 1 2  ? 7.127   9.877   1.753   1.00 12.37 ? 2   DC  A N1    1 
ATOM   29  C  C2    . DC  A 1 2  ? 7.105   9.770   0.367   1.00 9.00  ? 2   DC  A C2    1 
ATOM   30  O  O2    . DC  A 1 2  ? 6.351   10.527  -0.278  1.00 11.46 ? 2   DC  A O2    1 
ATOM   31  N  N3    . DC  A 1 2  ? 7.950   8.907   -0.243  1.00 9.20  ? 2   DC  A N3    1 
ATOM   32  C  C4    . DC  A 1 2  ? 8.763   8.138   0.484   1.00 8.75  ? 2   DC  A C4    1 
ATOM   33  N  N4    . DC  A 1 2  ? 9.566   7.291   -0.169  1.00 10.37 ? 2   DC  A N4    1 
ATOM   34  C  C5    . DC  A 1 2  ? 8.824   8.245   1.905   1.00 11.53 ? 2   DC  A C5    1 
ATOM   35  C  C6    . DC  A 1 2  ? 8.027   9.151   2.489   1.00 10.99 ? 2   DC  A C6    1 
ATOM   36  P  P     . DG  A 1 3  ? 2.720   12.443  4.289   1.00 15.85 ? 3   DG  A P     1 
ATOM   37  O  OP1   . DG  A 1 3  ? 2.923   13.708  4.979   1.00 20.93 ? 3   DG  A OP1   1 
ATOM   38  O  OP2   . DG  A 1 3  ? 2.298   11.250  5.051   1.00 19.25 ? 3   DG  A OP2   1 
ATOM   39  O  "O5'" . DG  A 1 3  ? 1.695   12.551  3.070   1.00 14.90 ? 3   DG  A "O5'" 1 
ATOM   40  C  "C5'" . DG  A 1 3  ? 1.867   13.583  2.077   1.00 14.79 ? 3   DG  A "C5'" 1 
ATOM   41  C  "C4'" . DG  A 1 3  ? 1.315   13.078  0.768   1.00 12.52 ? 3   DG  A "C4'" 1 
ATOM   42  O  "O4'" . DG  A 1 3  ? 2.199   12.082  0.195   1.00 12.62 ? 3   DG  A "O4'" 1 
ATOM   43  C  "C3'" . DG  A 1 3  ? -0.057  12.401  0.872   1.00 11.81 ? 3   DG  A "C3'" 1 
ATOM   44  O  "O3'" . DG  A 1 3  ? -0.793  12.818  -0.268  1.00 12.08 ? 3   DG  A "O3'" 1 
ATOM   45  C  "C2'" . DG  A 1 3  ? 0.258   10.917  0.854   1.00 11.85 ? 3   DG  A "C2'" 1 
ATOM   46  C  "C1'" . DG  A 1 3  ? 1.488   10.864  -0.027  1.00 11.44 ? 3   DG  A "C1'" 1 
ATOM   47  N  N9    . DG  A 1 3  ? 2.411   9.782   0.290   1.00 10.12 ? 3   DG  A N9    1 
ATOM   48  C  C8    . DG  A 1 3  ? 2.876   9.426   1.533   1.00 11.06 ? 3   DG  A C8    1 
ATOM   49  N  N7    . DG  A 1 3  ? 3.731   8.438   1.503   1.00 11.85 ? 3   DG  A N7    1 
ATOM   50  C  C5    . DG  A 1 3  ? 3.879   8.147   0.157   1.00 9.14  ? 3   DG  A C5    1 
ATOM   51  C  C6    . DG  A 1 3  ? 4.707   7.193   -0.490  1.00 8.87  ? 3   DG  A C6    1 
ATOM   52  O  O6    . DG  A 1 3  ? 5.520   6.402   0.018   1.00 9.11  ? 3   DG  A O6    1 
ATOM   53  N  N1    . DG  A 1 3  ? 4.536   7.221   -1.872  1.00 7.96  ? 3   DG  A N1    1 
ATOM   54  C  C2    . DG  A 1 3  ? 3.702   8.073   -2.548  1.00 7.58  ? 3   DG  A C2    1 
ATOM   55  N  N2    . DG  A 1 3  ? 3.695   7.954   -3.883  1.00 8.95  ? 3   DG  A N2    1 
ATOM   56  N  N3    . DG  A 1 3  ? 2.942   8.987   -1.955  1.00 8.90  ? 3   DG  A N3    1 
ATOM   57  C  C4    . DG  A 1 3  ? 3.064   8.957   -0.612  1.00 7.56  ? 3   DG  A C4    1 
ATOM   58  P  P     . DG  A 1 4  ? -2.270  12.306  -0.566  1.00 14.35 ? 4   DG  A P     1 
ATOM   59  O  OP1   . DG  A 1 4  ? -2.893  13.446  -1.240  1.00 15.57 ? 4   DG  A OP1   1 
ATOM   60  O  OP2   . DG  A 1 4  ? -2.875  11.736  0.651   1.00 18.52 ? 4   DG  A OP2   1 
ATOM   61  O  "O5'" . DG  A 1 4  ? -2.052  11.140  -1.620  1.00 12.09 ? 4   DG  A "O5'" 1 
ATOM   62  C  "C5'" . DG  A 1 4  ? -1.576  11.414  -2.964  1.00 11.05 ? 4   DG  A "C5'" 1 
ATOM   63  C  "C4'" . DG  A 1 4  ? -1.672  10.154  -3.777  1.00 9.54  ? 4   DG  A "C4'" 1 
ATOM   64  O  "O4'" . DG  A 1 4  ? -0.657  9.238   -3.305  1.00 9.87  ? 4   DG  A "O4'" 1 
ATOM   65  C  "C3'" . DG  A 1 4  ? -3.017  9.430   -3.702  1.00 8.91  ? 4   DG  A "C3'" 1 
ATOM   66  O  "O3'" . DG  A 1 4  ? -3.336  9.071   -5.067  1.00 8.23  ? 4   DG  A "O3'" 1 
ATOM   67  C  "C2'" . DG  A 1 4  ? -2.728  8.176   -2.873  1.00 9.49  ? 4   DG  A "C2'" 1 
ATOM   68  C  "C1'" . DG  A 1 4  ? -1.231  7.946   -3.056  1.00 8.80  ? 4   DG  A "C1'" 1 
ATOM   69  N  N9    . DG  A 1 4  ? -0.555  7.365   -1.895  1.00 8.02  ? 4   DG  A N9    1 
ATOM   70  C  C8    . DG  A 1 4  ? -0.750  7.738   -0.586  1.00 9.51  ? 4   DG  A C8    1 
ATOM   71  N  N7    . DG  A 1 4  ? 0.037   7.109   0.249   1.00 9.92  ? 4   DG  A N7    1 
ATOM   72  C  C5    . DG  A 1 4  ? 0.787   6.261   -0.557  1.00 8.57  ? 4   DG  A C5    1 
ATOM   73  C  C6    . DG  A 1 4  ? 1.833   5.350   -0.219  1.00 7.81  ? 4   DG  A C6    1 
ATOM   74  O  O6    . DG  A 1 4  ? 2.258   5.047   0.903   1.00 9.71  ? 4   DG  A O6    1 
ATOM   75  N  N1    . DG  A 1 4  ? 2.344   4.712   -1.350  1.00 8.24  ? 4   DG  A N1    1 
ATOM   76  C  C2    . DG  A 1 4  ? 1.970   4.993   -2.645  1.00 7.59  ? 4   DG  A C2    1 
ATOM   77  N  N2    . DG  A 1 4  ? 2.613   4.316   -3.619  1.00 8.86  ? 4   DG  A N2    1 
ATOM   78  N  N3    . DG  A 1 4  ? 0.984   5.822   -2.969  1.00 7.95  ? 4   DG  A N3    1 
ATOM   79  C  C4    . DG  A 1 4  ? 0.449   6.423   -1.884  1.00 7.86  ? 4   DG  A C4    1 
ATOM   80  P  P     . DT  A 1 5  ? -4.747  8.386   -5.397  1.00 9.24  ? 5   DT  A P     1 
ATOM   81  O  OP1   . DT  A 1 5  ? -5.068  8.735   -6.803  1.00 9.78  ? 5   DT  A OP1   1 
ATOM   82  O  OP2   . DT  A 1 5  ? -5.708  8.718   -4.320  1.00 11.01 ? 5   DT  A OP2   1 
ATOM   83  O  "O5'" . DT  A 1 5  ? -4.404  6.833   -5.241  1.00 9.43  ? 5   DT  A "O5'" 1 
ATOM   84  C  "C5'" . DT  A 1 5  ? -3.508  6.257   -6.190  1.00 9.00  ? 5   DT  A "C5'" 1 
ATOM   85  C  "C4'" . DT  A 1 5  ? -3.104  4.886   -5.738  1.00 9.09  ? 5   DT  A "C4'" 1 
ATOM   86  O  "O4'" . DT  A 1 5  ? -2.420  4.968   -4.476  1.00 10.05 ? 5   DT  A "O4'" 1 
ATOM   87  C  "C3'" . DT  A 1 5  ? -4.289  3.943   -5.504  1.00 10.02 ? 5   DT  A "C3'" 1 
ATOM   88  O  "O3'" . DT  A 1 5  ? -4.152  3.017   -6.542  1.00 14.90 ? 5   DT  A "O3'" 1 
ATOM   89  C  "C2'" . DT  A 1 5  ? -3.955  3.274   -4.183  1.00 14.77 ? 5   DT  A "C2'" 1 
ATOM   90  C  "C1'" . DT  A 1 5  ? -2.508  3.646   -3.969  1.00 10.29 ? 5   DT  A "C1'" 1 
ATOM   91  N  N1    . DT  A 1 5  ? -2.114  3.685   -2.565  1.00 8.72  ? 5   DT  A N1    1 
ATOM   92  C  C2    . DT  A 1 5  ? -1.001  2.948   -2.192  1.00 8.84  ? 5   DT  A C2    1 
ATOM   93  O  O2    . DT  A 1 5  ? -0.353  2.260   -2.965  1.00 9.21  ? 5   DT  A O2    1 
ATOM   94  N  N3    . DT  A 1 5  ? -0.694  3.010   -0.861  1.00 9.06  ? 5   DT  A N3    1 
ATOM   95  C  C4    . DT  A 1 5  ? -1.347  3.740   0.117   1.00 8.94  ? 5   DT  A C4    1 
ATOM   96  O  O4    . DT  A 1 5  ? -0.943  3.690   1.271   1.00 10.86 ? 5   DT  A O4    1 
ATOM   97  C  C5    . DT  A 1 5  ? -2.497  4.501   -0.335  1.00 9.01  ? 5   DT  A C5    1 
ATOM   98  C  C7    . DT  A 1 5  ? -3.230  5.355   0.655   1.00 11.67 ? 5   DT  A C7    1 
ATOM   99  C  C6    . DT  A 1 5  ? -2.804  4.454   -1.642  1.00 8.37  ? 5   DT  A C6    1 
ATOM   100 P  P     . DA  A 1 6  ? -5.133  1.693   -6.753  1.00 12.91 ? 6   DA  A P     1 
ATOM   101 O  OP1   . DA  A 1 6  ? -5.692  1.866   -8.127  1.00 14.23 ? 6   DA  A OP1   1 
ATOM   102 O  OP2   . DA  A 1 6  ? -6.111  1.498   -5.602  1.00 14.79 ? 6   DA  A OP2   1 
ATOM   103 O  "O5'" . DA  A 1 6  ? -4.003  0.541   -6.645  1.00 13.54 ? 6   DA  A "O5'" 1 
ATOM   104 C  "C5'" . DA  A 1 6  ? -2.756  0.610   -7.364  1.00 13.86 ? 6   DA  A "C5'" 1 
ATOM   105 C  "C4'" . DA  A 1 6  ? -1.853  -0.534  -6.981  1.00 11.45 ? 6   DA  A "C4'" 1 
ATOM   106 O  "O4'" . DA  A 1 6  ? -1.477  -0.406  -5.582  1.00 12.46 ? 6   DA  A "O4'" 1 
ATOM   107 C  "C3'" . DA  A 1 6  ? -2.515  -1.913  -7.085  1.00 10.32 ? 6   DA  A "C3'" 1 
ATOM   108 O  "O3'" . DA  A 1 6  ? -1.456  -2.768  -7.539  1.00 10.93 ? 6   DA  A "O3'" 1 
ATOM   109 C  "C2'" . DA  A 1 6  ? -2.986  -2.204  -5.668  1.00 9.65  ? 6   DA  A "C2'" 1 
ATOM   110 C  "C1'" . DA  A 1 6  ? -1.927  -1.543  -4.799  1.00 9.40  ? 6   DA  A "C1'" 1 
ATOM   111 N  N9    . DA  A 1 6  ? -2.460  -1.010  -3.553  1.00 8.72  ? 6   DA  A N9    1 
ATOM   112 C  C8    . DA  A 1 6  ? -3.490  -0.121  -3.428  1.00 10.69 ? 6   DA  A C8    1 
ATOM   113 N  N7    . DA  A 1 6  ? -3.652  0.328   -2.214  1.00 10.12 ? 6   DA  A N7    1 
ATOM   114 C  C5    . DA  A 1 6  ? -2.615  -0.251  -1.497  1.00 8.43  ? 6   DA  A C5    1 
ATOM   115 C  C6    . DA  A 1 6  ? -2.253  -0.179  -0.138  1.00 8.23  ? 6   DA  A C6    1 
ATOM   116 N  N6    . DA  A 1 6  ? -2.888  0.596   0.757   1.00 9.97  ? 6   DA  A N6    1 
ATOM   117 N  N1    . DA  A 1 6  ? -1.190  -0.917  0.273   1.00 9.25  ? 6   DA  A N1    1 
ATOM   118 C  C2    . DA  A 1 6  ? -0.544  -1.666  -0.639  1.00 9.07  ? 6   DA  A C2    1 
ATOM   119 N  N3    . DA  A 1 6  ? -0.793  -1.803  -1.949  1.00 9.53  ? 6   DA  A N3    1 
ATOM   120 C  C4    . DA  A 1 6  ? -1.863  -1.076  -2.311  1.00 8.28  ? 6   DA  A C4    1 
ATOM   121 P  P     . DC  A 1 7  ? -1.714  -4.278  -8.072  1.00 11.55 ? 7   DC  A P     1 
ATOM   122 O  OP1   . DC  A 1 7  ? -0.615  -4.698  -8.974  1.00 13.66 ? 7   DC  A OP1   1 
ATOM   123 O  OP2   . DC  A 1 7  ? -3.088  -4.390  -8.604  1.00 11.76 ? 7   DC  A OP2   1 
ATOM   124 O  "O5'" . DC  A 1 7  ? -1.723  -5.198  -6.762  1.00 11.43 ? 7   DC  A "O5'" 1 
ATOM   125 C  "C5'" . DC  A 1 7  ? -0.480  -5.562  -6.114  1.00 12.01 ? 7   DC  A "C5'" 1 
ATOM   126 C  "C4'" . DC  A 1 7  ? -0.796  -6.336  -4.859  1.00 10.11 ? 7   DC  A "C4'" 1 
ATOM   127 O  "O4'" . DC  A 1 7  ? -1.319  -5.388  -3.879  1.00 9.09  ? 7   DC  A "O4'" 1 
ATOM   128 C  "C3'" . DC  A 1 7  ? -1.929  -7.353  -5.062  1.00 11.21 ? 7   DC  A "C3'" 1 
ATOM   129 O  "O3'" . DC  A 1 7  ? -1.605  -8.518  -4.289  1.00 13.12 ? 7   DC  A "O3'" 1 
ATOM   130 C  "C2'" . DC  A 1 7  ? -3.136  -6.705  -4.398  1.00 10.82 ? 7   DC  A "C2'" 1 
ATOM   131 C  "C1'" . DC  A 1 7  ? -2.409  -6.014  -3.261  1.00 9.51  ? 7   DC  A "C1'" 1 
ATOM   132 N  N1    . DC  A 1 7  ? -3.143  -4.991  -2.489  1.00 7.23  ? 7   DC  A N1    1 
ATOM   133 C  C2    . DC  A 1 7  ? -2.723  -4.720  -1.171  1.00 6.81  ? 7   DC  A C2    1 
ATOM   134 O  O2    . DC  A 1 7  ? -1.746  -5.353  -0.704  1.00 8.22  ? 7   DC  A O2    1 
ATOM   135 N  N3    . DC  A 1 7  ? -3.411  -3.802  -0.433  1.00 7.86  ? 7   DC  A N3    1 
ATOM   136 C  C4    . DC  A 1 7  ? -4.443  -3.146  -0.986  1.00 7.29  ? 7   DC  A C4    1 
ATOM   137 N  N4    . DC  A 1 7  ? -5.097  -2.252  -0.228  1.00 9.71  ? 7   DC  A N4    1 
ATOM   138 C  C5    . DC  A 1 7  ? -4.843  -3.366  -2.339  1.00 8.41  ? 7   DC  A C5    1 
ATOM   139 C  C6    . DC  A 1 7  ? -4.185  -4.300  -3.039  1.00 8.99  ? 7   DC  A C6    1 
ATOM   140 P  P     . DC  A 1 8  ? -1.545  -9.954  -4.908  1.00 12.02 ? 8   DC  A P     1 
ATOM   141 O  OP1   . DC  A 1 8  ? -0.653  -9.986  -6.049  1.00 15.88 ? 8   DC  A OP1   1 
ATOM   142 O  OP2   . DC  A 1 8  ? -2.939  -10.433 -5.123  1.00 16.13 ? 8   DC  A OP2   1 
ATOM   143 O  "O5'" . DC  A 1 8  ? -0.934  -10.762 -3.681  1.00 11.45 ? 8   DC  A "O5'" 1 
ATOM   144 C  "C5'" . DC  A 1 8  ? 0.346   -10.414 -3.144  1.00 11.73 ? 8   DC  A "C5'" 1 
ATOM   145 C  "C4'" . DC  A 1 8  ? 0.273   -10.573 -1.648  1.00 9.91  ? 8   DC  A "C4'" 1 
ATOM   146 O  "O4'" . DC  A 1 8  ? -0.577  -9.550  -1.082  1.00 9.70  ? 8   DC  A "O4'" 1 
ATOM   147 C  "C3'" . DC  A 1 8  ? -0.256  -11.918 -1.124  1.00 13.26 ? 8   DC  A "C3'" 1 
ATOM   148 O  "O3'" . DC  A 1 8  ? 0.640   -12.251 -0.039  1.00 14.13 ? 8   DC  A "O3'" 1 
ATOM   149 C  "C2'" . DC  A 1 8  ? -1.664  -11.582 -0.647  1.00 13.30 ? 8   DC  A "C2'" 1 
ATOM   150 C  "C1'" . DC  A 1 8  ? -1.528  -10.140 -0.175  1.00 11.33 ? 8   DC  A "C1'" 1 
ATOM   151 N  N1    . DC  A 1 8  ? -2.736  -9.284  -0.247  1.00 9.93  ? 8   DC  A N1    1 
ATOM   152 C  C2    . DC  A 1 8  ? -3.135  -8.515  0.866   1.00 8.47  ? 8   DC  A C2    1 
ATOM   153 O  O2    . DC  A 1 8  ? -2.544  -8.670  1.943   1.00 11.51 ? 8   DC  A O2    1 
ATOM   154 N  N3    . DC  A 1 8  ? -4.140  -7.626  0.730   1.00 8.92  ? 8   DC  A N3    1 
ATOM   155 C  C4    . DC  A 1 8  ? -4.796  -7.533  -0.433  1.00 8.02  ? 8   DC  A C4    1 
ATOM   156 N  N4    . DC  A 1 8  ? -5.750  -6.615  -0.552  1.00 8.07  ? 8   DC  A N4    1 
ATOM   157 C  C5    . DC  A 1 8  ? -4.445  -8.334  -1.565  1.00 9.26  ? 8   DC  A C5    1 
ATOM   158 C  C6    . DC  A 1 8  ? -3.424  -9.192  -1.424  1.00 11.37 ? 8   DC  A C6    1 
ATOM   159 P  P     . DG  A 1 9  ? 0.655   -13.664 0.680   1.00 15.45 ? 9   DG  A P     1 
ATOM   160 O  OP1   . DG  A 1 9  ? 2.025   -13.873 1.281   1.00 19.12 ? 9   DG  A OP1   1 
ATOM   161 O  OP2   . DG  A 1 9  ? 0.113   -14.628 -0.226  1.00 17.51 ? 9   DG  A OP2   1 
ATOM   162 O  "O5'" . DG  A 1 9  ? -0.432  -13.535 1.828   1.00 13.15 ? 9   DG  A "O5'" 1 
ATOM   163 C  "C5'" . DG  A 1 9  ? -0.146  -12.757 2.970   1.00 14.11 ? 9   DG  A "C5'" 1 
ATOM   164 C  "C4'" . DG  A 1 9  ? -1.233  -12.924 3.993   1.00 12.03 ? 9   DG  A "C4'" 1 
ATOM   165 O  "O4'" . DG  A 1 9  ? -2.362  -12.095 3.596   1.00 10.05 ? 9   DG  A "O4'" 1 
ATOM   166 C  "C3'" . DG  A 1 9  ? -1.794  -14.350 4.177   1.00 9.99  ? 9   DG  A "C3'" 1 
ATOM   167 O  "O3'" . DG  A 1 9  ? -2.148  -14.311 5.549   1.00 18.10 ? 9   DG  A "O3'" 1 
ATOM   168 C  "C2'" . DG  A 1 9  ? -2.989  -14.335 3.262   1.00 11.96 ? 9   DG  A "C2'" 1 
ATOM   169 C  "C1'" . DG  A 1 9  ? -3.513  -12.926 3.511   1.00 9.33  ? 9   DG  A "C1'" 1 
ATOM   170 N  N9    . DG  A 1 9  ? -4.338  -12.373 2.458   1.00 9.17  ? 9   DG  A N9    1 
ATOM   171 C  C8    . DG  A 1 9  ? -4.341  -12.722 1.128   1.00 9.45  ? 9   DG  A C8    1 
ATOM   172 N  N7    . DG  A 1 9  ? -5.138  -11.978 0.409   1.00 8.38  ? 9   DG  A N7    1 
ATOM   173 C  C5    . DG  A 1 9  ? -5.664  -11.064 1.317   1.00 7.82  ? 9   DG  A C5    1 
ATOM   174 C  C6    . DG  A 1 9  ? -6.598  -10.011 1.127   1.00 6.84  ? 9   DG  A C6    1 
ATOM   175 O  O6    . DG  A 1 9  ? -7.131  -9.639  0.080   1.00 9.54  ? 9   DG  A O6    1 
ATOM   176 N  N1    . DG  A 1 9  ? -6.862  -9.329  2.317   1.00 7.68  ? 9   DG  A N1    1 
ATOM   177 C  C2    . DG  A 1 9  ? -6.320  -9.644  3.539   1.00 7.50  ? 9   DG  A C2    1 
ATOM   178 N  N2    . DG  A 1 9  ? -6.708  -8.873  4.582   1.00 8.47  ? 9   DG  A N2    1 
ATOM   179 N  N3    . DG  A 1 9  ? -5.469  -10.638 3.731   1.00 8.17  ? 9   DG  A N3    1 
ATOM   180 C  C4    . DG  A 1 9  ? -5.164  -11.284 2.579   1.00 7.83  ? 9   DG  A C4    1 
ATOM   181 P  P     . DG  A 1 10 ? -1.964  -15.524 6.502   1.00 13.12 ? 10  DG  A P     1 
ATOM   182 O  OP1   . DG  A 1 10 ? -0.776  -15.322 7.365   1.00 13.80 ? 10  DG  A OP1   1 
ATOM   183 O  OP2   . DG  A 1 10 ? -2.035  -16.771 5.767   1.00 15.23 ? 10  DG  A OP2   1 
ATOM   184 O  "O5'" . DG  A 1 10 ? -3.212  -15.367 7.458   1.00 12.91 ? 10  DG  A "O5'" 1 
ATOM   185 C  "C5'" . DG  A 1 10 ? -3.277  -14.268 8.372   1.00 12.27 ? 10  DG  A "C5'" 1 
ATOM   186 C  "C4'" . DG  A 1 10 ? -4.717  -14.043 8.761   1.00 14.65 ? 10  DG  A "C4'" 1 
ATOM   187 O  "O4'" . DG  A 1 10 ? -5.441  -13.500 7.637   1.00 13.07 ? 10  DG  A "O4'" 1 
ATOM   188 C  "C3'" . DG  A 1 10 ? -5.482  -15.307 9.173   1.00 14.86 ? 10  DG  A "C3'" 1 
ATOM   189 O  "O3'" . DG  A 1 10 ? -6.425  -14.919 10.179  1.00 21.22 ? 10  DG  A "O3'" 1 
ATOM   190 C  "C2'" . DG  A 1 10 ? -6.226  -15.677 7.899   1.00 16.22 ? 10  DG  A "C2'" 1 
ATOM   191 C  "C1'" . DG  A 1 10 ? -6.570  -14.307 7.359   1.00 11.61 ? 10  DG  A "C1'" 1 
ATOM   192 N  N9    . DG  A 1 10 ? -6.842  -14.198 5.933   1.00 10.07 ? 10  DG  A N9    1 
ATOM   193 C  C8    . DG  A 1 10 ? -6.355  -14.957 4.896   1.00 11.69 ? 10  DG  A C8    1 
ATOM   194 N  N7    . DG  A 1 10 ? -6.781  -14.552 3.727   1.00 11.34 ? 10  DG  A N7    1 
ATOM   195 C  C5    . DG  A 1 10 ? -7.577  -13.444 4.009   1.00 10.59 ? 10  DG  A C5    1 
ATOM   196 C  C6    . DG  A 1 10 ? -8.362  -12.613 3.141   1.00 9.08  ? 10  DG  A C6    1 
ATOM   197 O  O6    . DG  A 1 10 ? -8.406  -12.615 1.910   1.00 12.45 ? 10  DG  A O6    1 
ATOM   198 N  N1    . DG  A 1 10 ? -9.046  -11.633 3.850   1.00 10.11 ? 10  DG  A N1    1 
ATOM   199 C  C2    . DG  A 1 10 ? -9.026  -11.490 5.207   1.00 11.25 ? 10  DG  A C2    1 
ATOM   200 N  N2    . DG  A 1 10 ? -9.761  -10.472 5.702   1.00 12.59 ? 10  DG  A N2    1 
ATOM   201 N  N3    . DG  A 1 10 ? -8.310  -12.253 6.023   1.00 10.64 ? 10  DG  A N3    1 
ATOM   202 C  C4    . DG  A 1 10 ? -7.639  -13.222 5.360   1.00 9.97  ? 10  DG  A C4    1 
ATOM   203 O  "O5'" . DC  B 1 1  ? -16.404 -10.070 1.767   1.00 12.00 ? 1   DC  B "O5'" 1 
ATOM   204 C  "C5'" . DC  B 1 1  ? -16.321 -8.601  1.632   1.00 13.40 ? 1   DC  B "C5'" 1 
ATOM   205 C  "C4'" . DC  B 1 1  ? -15.911 -8.017  2.969   1.00 17.08 ? 1   DC  B "C4'" 1 
ATOM   206 O  "O4'" . DC  B 1 1  ? -14.653 -8.588  3.387   1.00 14.98 ? 1   DC  B "O4'" 1 
ATOM   207 C  "C3'" . DC  B 1 1  ? -15.659 -6.507  3.006   1.00 15.71 ? 1   DC  B "C3'" 1 
ATOM   208 O  "O3'" . DC  B 1 1  ? -15.802 -6.127  4.397   1.00 20.65 ? 1   DC  B "O3'" 1 
ATOM   209 C  "C2'" . DC  B 1 1  ? -14.212 -6.361  2.535   1.00 16.68 ? 1   DC  B "C2'" 1 
ATOM   210 C  "C1'" . DC  B 1 1  ? -13.582 -7.635  3.114   1.00 13.95 ? 1   DC  B "C1'" 1 
ATOM   211 N  N1    . DC  B 1 1  ? -12.596 -8.347  2.289   1.00 11.50 ? 1   DC  B N1    1 
ATOM   212 C  C2    . DC  B 1 1  ? -11.672 -9.157  2.967   1.00 9.66  ? 1   DC  B C2    1 
ATOM   213 O  O2    . DC  B 1 1  ? -11.646 -9.130  4.207   1.00 12.20 ? 1   DC  B O2    1 
ATOM   214 N  N3    . DC  B 1 1  ? -10.863 -9.962  2.261   1.00 10.95 ? 1   DC  B N3    1 
ATOM   215 C  C4    . DC  B 1 1  ? -10.937 -9.989  0.935   1.00 11.58 ? 1   DC  B C4    1 
ATOM   216 N  N4    . DC  B 1 1  ? -10.114 -10.820 0.282   1.00 12.45 ? 1   DC  B N4    1 
ATOM   217 C  C5    . DC  B 1 1  ? -11.816 -9.131  0.207   1.00 13.15 ? 1   DC  B C5    1 
ATOM   218 C  C6    . DC  B 1 1  ? -12.660 -8.366  0.924   1.00 12.03 ? 1   DC  B C6    1 
ATOM   219 P  P     . DC  B 1 2  ? -15.669 -4.588  4.883   1.00 20.05 ? 2   DC  B P     1 
ATOM   220 O  OP1   . DC  B 1 2  ? -16.456 -4.371  6.168   1.00 27.98 ? 2   DC  B OP1   1 
ATOM   221 O  OP2   . DC  B 1 2  ? -15.842 -3.665  3.699   1.00 27.27 ? 2   DC  B OP2   1 
ATOM   222 O  "O5'" . DC  B 1 2  ? -14.098 -4.390  5.110   1.00 19.97 ? 2   DC  B "O5'" 1 
ATOM   223 C  "C5'" . DC  B 1 2  ? -13.483 -5.020  6.203   1.00 16.80 ? 2   DC  B "C5'" 1 
ATOM   224 C  "C4'" . DC  B 1 2  ? -11.988 -4.802  6.155   1.00 15.93 ? 2   DC  B "C4'" 1 
ATOM   225 O  "O4'" . DC  B 1 2  ? -11.463 -5.627  5.093   1.00 13.34 ? 2   DC  B "O4'" 1 
ATOM   226 C  "C3'" . DC  B 1 2  ? -11.483 -3.373  5.868   1.00 14.46 ? 2   DC  B "C3'" 1 
ATOM   227 O  "O3'" . DC  B 1 2  ? -10.330 -3.083  6.703   1.00 13.42 ? 2   DC  B "O3'" 1 
ATOM   228 C  "C2'" . DC  B 1 2  ? -10.920 -3.475  4.452   1.00 14.48 ? 2   DC  B "C2'" 1 
ATOM   229 C  "C1'" . DC  B 1 2  ? -10.397 -4.886  4.500   1.00 11.53 ? 2   DC  B "C1'" 1 
ATOM   230 N  N1    . DC  B 1 2  ? -10.031 -5.530  3.227   1.00 11.06 ? 2   DC  B N1    1 
ATOM   231 C  C2    . DC  B 1 2  ? -9.108  -6.574  3.274   1.00 10.05 ? 2   DC  B C2    1 
ATOM   232 O  O2    . DC  B 1 2  ? -8.617  -6.884  4.364   1.00 10.75 ? 2   DC  B O2    1 
ATOM   233 N  N3    . DC  B 1 2  ? -8.738  -7.182  2.119   1.00 9.05  ? 2   DC  B N3    1 
ATOM   234 C  C4    . DC  B 1 2  ? -9.296  -6.810  0.960   1.00 8.36  ? 2   DC  B C4    1 
ATOM   235 N  N4    . DC  B 1 2  ? -8.929  -7.465  -0.152  1.00 9.38  ? 2   DC  B N4    1 
ATOM   236 C  C5    . DC  B 1 2  ? -10.283 -5.786  0.896   1.00 10.83 ? 2   DC  B C5    1 
ATOM   237 C  C6    . DC  B 1 2  ? -10.611 -5.170  2.042   1.00 11.31 ? 2   DC  B C6    1 
ATOM   238 P  P     . DG  B 1 3  ? -10.440 -2.100  7.906   1.00 13.87 ? 3   DG  B P     1 
ATOM   239 O  OP1   . DG  B 1 3  ? -11.678 -2.314  8.659   1.00 20.46 ? 3   DG  B OP1   1 
ATOM   240 O  OP2   . DG  B 1 3  ? -10.119 -0.761  7.401   1.00 16.45 ? 3   DG  B OP2   1 
ATOM   241 O  "O5'" . DG  B 1 3  ? -9.162  -2.543  8.733   1.00 14.09 ? 3   DG  B "O5'" 1 
ATOM   242 C  "C5'" . DG  B 1 3  ? -9.136  -3.803  9.421   1.00 14.00 ? 3   DG  B "C5'" 1 
ATOM   243 C  "C4'" . DG  B 1 3  ? -7.719  -4.325  9.418   1.00 11.31 ? 3   DG  B "C4'" 1 
ATOM   244 O  "O4'" . DG  B 1 3  ? -7.359  -4.877  8.130   1.00 11.50 ? 3   DG  B "O4'" 1 
ATOM   245 C  "C3'" . DG  B 1 3  ? -6.664  -3.256  9.721   1.00 11.66 ? 3   DG  B "C3'" 1 
ATOM   246 O  "O3'" . DG  B 1 3  ? -5.733  -3.890  10.607  1.00 11.55 ? 3   DG  B "O3'" 1 
ATOM   247 C  "C2'" . DG  B 1 3  ? -6.073  -2.933  8.358   1.00 11.52 ? 3   DG  B "C2'" 1 
ATOM   248 C  "C1'" . DG  B 1 3  ? -6.161  -4.251  7.634   1.00 10.93 ? 3   DG  B "C1'" 1 
ATOM   249 N  N9    . DG  B 1 3  ? -6.327  -4.120  6.193   1.00 9.56  ? 3   DG  B N9    1 
ATOM   250 C  C8    . DG  B 1 3  ? -7.175  -3.261  5.542   1.00 10.39 ? 3   DG  B C8    1 
ATOM   251 N  N7    . DG  B 1 3  ? -7.164  -3.416  4.247   1.00 9.87  ? 3   DG  B N7    1 
ATOM   252 C  C5    . DG  B 1 3  ? -6.254  -4.441  4.025   1.00 7.53  ? 3   DG  B C5    1 
ATOM   253 C  C6    . DG  B 1 3  ? -5.846  -5.067  2.815   1.00 8.54  ? 3   DG  B C6    1 
ATOM   254 O  O6    . DG  B 1 3  ? -6.226  -4.825  1.658   1.00 9.02  ? 3   DG  B O6    1 
ATOM   255 N  N1    . DG  B 1 3  ? -4.948  -6.103  3.053   1.00 7.92  ? 3   DG  B N1    1 
ATOM   256 C  C2    . DG  B 1 3  ? -4.455  -6.458  4.285   1.00 7.02  ? 3   DG  B C2    1 
ATOM   257 N  N2    . DG  B 1 3  ? -3.576  -7.469  4.322   1.00 8.31  ? 3   DG  B N2    1 
ATOM   258 N  N3    . DG  B 1 3  ? -4.853  -5.904  5.420   1.00 8.03  ? 3   DG  B N3    1 
ATOM   259 C  C4    . DG  B 1 3  ? -5.735  -4.899  5.214   1.00 8.52  ? 3   DG  B C4    1 
ATOM   260 P  P     . DG  B 1 4  ? -4.439  -3.124  11.176  1.00 12.62 ? 4   DG  B P     1 
ATOM   261 O  OP1   . DG  B 1 4  ? -4.254  -3.696  12.521  1.00 14.86 ? 4   DG  B OP1   1 
ATOM   262 O  OP2   . DG  B 1 4  ? -4.586  -1.643  10.974  1.00 14.77 ? 4   DG  B OP2   1 
ATOM   263 O  "O5'" . DG  B 1 4  ? -3.303  -3.606  10.179  1.00 10.80 ? 4   DG  B "O5'" 1 
ATOM   264 C  "C5'" . DG  B 1 4  ? -2.888  -4.989  10.257  1.00 10.44 ? 4   DG  B "C5'" 1 
ATOM   265 C  "C4'" . DG  B 1 4  ? -1.701  -5.238  9.356   1.00 9.08  ? 4   DG  B "C4'" 1 
ATOM   266 O  "O4'" . DG  B 1 4  ? -2.106  -5.072  7.974   1.00 8.46  ? 4   DG  B "O4'" 1 
ATOM   267 C  "C3'" . DG  B 1 4  ? -0.525  -4.276  9.568   1.00 9.44  ? 4   DG  B "C3'" 1 
ATOM   268 O  "O3'" . DG  B 1 4  ? 0.689   -5.052  9.632   1.00 9.16  ? 4   DG  B "O3'" 1 
ATOM   269 C  "C2'" . DG  B 1 4  ? -0.567  -3.334  8.359   1.00 9.00  ? 4   DG  B "C2'" 1 
ATOM   270 C  "C1'" . DG  B 1 4  ? -1.223  -4.192  7.278   1.00 8.55  ? 4   DG  B "C1'" 1 
ATOM   271 N  N9    . DG  B 1 4  ? -2.028  -3.437  6.316   1.00 7.97  ? 4   DG  B N9    1 
ATOM   272 C  C8    . DG  B 1 4  ? -2.895  -2.416  6.620   1.00 8.70  ? 4   DG  B C8    1 
ATOM   273 N  N7    . DG  B 1 4  ? -3.548  -1.968  5.580   1.00 8.74  ? 4   DG  B N7    1 
ATOM   274 C  C5    . DG  B 1 4  ? -3.068  -2.733  4.516   1.00 7.57  ? 4   DG  B C5    1 
ATOM   275 C  C6    . DG  B 1 4  ? -3.393  -2.696  3.117   1.00 7.87  ? 4   DG  B C6    1 
ATOM   276 O  O6    . DG  B 1 4  ? -4.171  -1.931  2.519   1.00 8.94  ? 4   DG  B O6    1 
ATOM   277 N  N1    . DG  B 1 4  ? -2.680  -3.652  2.399   1.00 7.08  ? 4   DG  B N1    1 
ATOM   278 C  C2    . DG  B 1 4  ? -1.801  -4.557  2.947   1.00 7.25  ? 4   DG  B C2    1 
ATOM   279 N  N2    . DG  B 1 4  ? -1.258  -5.451  2.097   1.00 8.58  ? 4   DG  B N2    1 
ATOM   280 N  N3    . DG  B 1 4  ? -1.467  -4.580  4.230   1.00 8.04  ? 4   DG  B N3    1 
ATOM   281 C  C4    . DG  B 1 4  ? -2.149  -3.659  4.954   1.00 8.15  ? 4   DG  B C4    1 
ATOM   282 P  P     . DT  B 1 5  ? 2.101   -4.372  9.910   1.00 9.45  ? 5   DT  B P     1 
ATOM   283 O  OP1   . DT  B 1 5  ? 2.965   -5.409  10.507  1.00 10.29 ? 5   DT  B OP1   1 
ATOM   284 O  OP2   . DT  B 1 5  ? 1.876   -3.138  10.660  1.00 11.41 ? 5   DT  B OP2   1 
ATOM   285 O  "O5'" . DT  B 1 5  ? 2.617   -3.988  8.456   1.00 9.37  ? 5   DT  B "O5'" 1 
ATOM   286 C  "C5'" . DT  B 1 5  ? 2.911   -5.061  7.523   1.00 10.05 ? 5   DT  B "C5'" 1 
ATOM   287 C  "C4'" . DT  B 1 5  ? 3.111   -4.467  6.158   1.00 10.04 ? 5   DT  B "C4'" 1 
ATOM   288 O  "O4'" . DT  B 1 5  ? 1.900   -3.827  5.707   1.00 10.45 ? 5   DT  B "O4'" 1 
ATOM   289 C  "C3'" . DT  B 1 5  ? 4.213   -3.413  6.084   1.00 10.46 ? 5   DT  B "C3'" 1 
ATOM   290 O  "O3'" . DT  B 1 5  ? 5.177   -4.072  5.276   1.00 14.03 ? 5   DT  B "O3'" 1 
ATOM   291 C  "C2'" . DT  B 1 5  ? 3.554   -2.284  5.307   1.00 13.90 ? 5   DT  B "C2'" 1 
ATOM   292 C  "C1'" . DT  B 1 5  ? 2.338   -2.938  4.708   1.00 10.06 ? 5   DT  B "C1'" 1 
ATOM   293 N  N1    . DT  B 1 5  ? 1.245   -1.989  4.405   1.00 8.30  ? 5   DT  B N1    1 
ATOM   294 C  C2    . DT  B 1 5  ? 0.711   -2.020  3.127   1.00 8.24  ? 5   DT  B C2    1 
ATOM   295 O  O2    . DT  B 1 5  ? 1.148   -2.745  2.232   1.00 9.62  ? 5   DT  B O2    1 
ATOM   296 N  N3    . DT  B 1 5  ? -0.299  -1.115  2.905   1.00 8.97  ? 5   DT  B N3    1 
ATOM   297 C  C4    . DT  B 1 5  ? -0.860  -0.253  3.822   1.00 8.47  ? 5   DT  B C4    1 
ATOM   298 O  O4    . DT  B 1 5  ? -1.778  0.479   3.469   1.00 10.86 ? 5   DT  B O4    1 
ATOM   299 C  C5    . DT  B 1 5  ? -0.297  -0.311  5.160   1.00 8.89  ? 5   DT  B C5    1 
ATOM   300 C  C7    . DT  B 1 5  ? -0.862  0.581   6.224   1.00 11.36 ? 5   DT  B C7    1 
ATOM   301 C  C6    . DT  B 1 5  ? 0.709   -1.172  5.384   1.00 7.83  ? 5   DT  B C6    1 
ATOM   302 P  P     . DA  B 1 6  ? 6.581   -3.381  4.839   1.00 16.91 ? 6   DA  B P     1 
ATOM   303 O  OP1   . DA  B 1 6  ? 7.614   -4.322  5.274   1.00 28.32 ? 6   DA  B OP1   1 
ATOM   304 O  OP2   . DA  B 1 6  ? 6.688   -2.011  5.314   1.00 20.75 ? 6   DA  B OP2   1 
ATOM   305 O  "O5'" . DA  B 1 6  ? 6.439   -3.363  3.272   1.00 12.36 ? 6   DA  B "O5'" 1 
ATOM   306 C  "C5'" . DA  B 1 6  ? 6.096   -4.549  2.568   1.00 15.31 ? 6   DA  B "C5'" 1 
ATOM   307 C  "C4'" . DA  B 1 6  ? 5.941   -4.237  1.102   1.00 12.36 ? 6   DA  B "C4'" 1 
ATOM   308 O  "O4'" . DA  B 1 6  ? 4.815   -3.348  0.869   1.00 13.20 ? 6   DA  B "O4'" 1 
ATOM   309 C  "C3'" . DA  B 1 6  ? 7.134   -3.544  0.469   1.00 9.12  ? 6   DA  B "C3'" 1 
ATOM   310 O  "O3'" . DA  B 1 6  ? 7.301   -4.112  -0.828  1.00 11.00 ? 6   DA  B "O3'" 1 
ATOM   311 C  "C2'" . DA  B 1 6  ? 6.721   -2.089  0.455   1.00 8.29  ? 6   DA  B "C2'" 1 
ATOM   312 C  "C1'" . DA  B 1 6  ? 5.227   -2.141  0.244   1.00 9.84  ? 6   DA  B "C1'" 1 
ATOM   313 N  N9    . DA  B 1 6  ? 4.488   -1.072  0.914   1.00 9.46  ? 6   DA  B N9    1 
ATOM   314 C  C8    . DA  B 1 6  ? 4.553   -0.773  2.248   1.00 11.77 ? 6   DA  B C8    1 
ATOM   315 N  N7    . DA  B 1 6  ? 3.724   0.163   2.622   1.00 9.80  ? 6   DA  B N7    1 
ATOM   316 C  C5    . DA  B 1 6  ? 2.963   0.410   1.485   1.00 8.94  ? 6   DA  B C5    1 
ATOM   317 C  C6    . DA  B 1 6  ? 1.901   1.306   1.216   1.00 8.90  ? 6   DA  B C6    1 
ATOM   318 N  N6    . DA  B 1 6  ? 1.307   2.064   2.158   1.00 9.41  ? 6   DA  B N6    1 
ATOM   319 N  N1    . DA  B 1 6  ? 1.415   1.348   -0.043  1.00 9.43  ? 6   DA  B N1    1 
ATOM   320 C  C2    . DA  B 1 6  ? 1.965   0.538   -0.975  1.00 9.85  ? 6   DA  B C2    1 
ATOM   321 N  N3    . DA  B 1 6  ? 2.964   -0.339  -0.844  1.00 10.17 ? 6   DA  B N3    1 
ATOM   322 C  C4    . DA  B 1 6  ? 3.424   -0.353  0.422   1.00 9.24  ? 6   DA  B C4    1 
ATOM   323 P  P     . DC  B 1 7  ? 8.597   -3.911  -1.714  1.00 10.79 ? 7   DC  B P     1 
ATOM   324 O  OP1   . DC  B 1 7  ? 8.664   -5.039  -2.671  1.00 11.80 ? 7   DC  B OP1   1 
ATOM   325 O  OP2   . DC  B 1 7  ? 9.805   -3.646  -0.890  1.00 11.09 ? 7   DC  B OP2   1 
ATOM   326 O  "O5'" . DC  B 1 7  ? 8.290   -2.571  -2.518  1.00 11.08 ? 7   DC  B "O5'" 1 
ATOM   327 C  "C5'" . DC  B 1 7  ? 7.307   -2.519  -3.582  1.00 12.32 ? 7   DC  B "C5'" 1 
ATOM   328 C  "C4'" . DC  B 1 7  ? 7.162   -1.089  -4.047  1.00 10.51 ? 7   DC  B "C4'" 1 
ATOM   329 O  "O4'" . DC  B 1 7  ? 6.338   -0.407  -3.062  1.00 10.09 ? 7   DC  B "O4'" 1 
ATOM   330 C  "C3'" . DC  B 1 7  ? 8.485   -0.281  -4.090  1.00 11.23 ? 7   DC  B "C3'" 1 
ATOM   331 O  "O3'" . DC  B 1 7  ? 8.445   0.616   -5.235  1.00 12.34 ? 7   DC  B "O3'" 1 
ATOM   332 C  "C2'" . DC  B 1 7  ? 8.389   0.624   -2.874  1.00 10.62 ? 7   DC  B "C2'" 1 
ATOM   333 C  "C1'" . DC  B 1 7  ? 6.890   0.883   -2.905  1.00 9.71  ? 7   DC  B "C1'" 1 
ATOM   334 N  N1    . DC  B 1 7  ? 6.307   1.518   -1.702  1.00 8.16  ? 7   DC  B N1    1 
ATOM   335 C  C2    . DC  B 1 7  ? 5.112   2.242   -1.848  1.00 7.83  ? 7   DC  B C2    1 
ATOM   336 O  O2    . DC  B 1 7  ? 4.614   2.364   -2.978  1.00 8.79  ? 7   DC  B O2    1 
ATOM   337 N  N3    . DC  B 1 7  ? 4.595   2.886   -0.768  1.00 8.06  ? 7   DC  B N3    1 
ATOM   338 C  C4    . DC  B 1 7  ? 5.177   2.746   0.440   1.00 7.41  ? 7   DC  B C4    1 
ATOM   339 N  N4    . DC  B 1 7  ? 4.659   3.426   1.470   1.00 8.90  ? 7   DC  B N4    1 
ATOM   340 C  C5    . DC  B 1 7  ? 6.384   2.004   0.614   1.00 8.32  ? 7   DC  B C5    1 
ATOM   341 C  C6    . DC  B 1 7  ? 6.897   1.391   -0.467  1.00 8.64  ? 7   DC  B C6    1 
ATOM   342 P  P     . DC  B 1 8  ? 9.381   0.367   -6.499  1.00 12.51 ? 8   DC  B P     1 
ATOM   343 O  OP1   . DC  B 1 8  ? 9.349   -1.047  -6.916  1.00 17.48 ? 8   DC  B OP1   1 
ATOM   344 O  OP2   . DC  B 1 8  ? 10.695  0.996   -6.218  1.00 16.88 ? 8   DC  B OP2   1 
ATOM   345 O  "O5'" . DC  B 1 8  ? 8.627   1.315   -7.537  1.00 11.78 ? 8   DC  B "O5'" 1 
ATOM   346 C  "C5'" . DC  B 1 8  ? 7.318   1.012   -8.010  1.00 11.23 ? 8   DC  B "C5'" 1 
ATOM   347 C  "C4'" . DC  B 1 8  ? 6.560   2.302   -8.194  1.00 10.20 ? 8   DC  B "C4'" 1 
ATOM   348 O  "O4'" . DC  B 1 8  ? 6.241   2.868   -6.905  1.00 10.02 ? 8   DC  B "O4'" 1 
ATOM   349 C  "C3'" . DC  B 1 8  ? 7.291   3.393   -8.986  1.00 12.67 ? 8   DC  B "C3'" 1 
ATOM   350 O  "O3'" . DC  B 1 8  ? 6.276   3.957   -9.817  1.00 12.71 ? 8   DC  B "O3'" 1 
ATOM   351 C  "C2'" . DC  B 1 8  ? 7.737   4.379   -7.924  1.00 11.21 ? 8   DC  B "C2'" 1 
ATOM   352 C  "C1'" . DC  B 1 8  ? 6.627   4.263   -6.891  1.00 10.70 ? 8   DC  B "C1'" 1 
ATOM   353 N  N1    . DC  B 1 8  ? 6.951   4.559   -5.489  1.00 8.86  ? 8   DC  B N1    1 
ATOM   354 C  C2    . DC  B 1 8  ? 6.093   5.375   -4.731  1.00 7.85  ? 8   DC  B C2    1 
ATOM   355 O  O2    . DC  B 1 8  ? 5.156   5.976   -5.297  1.00 10.03 ? 8   DC  B O2    1 
ATOM   356 N  N3    . DC  B 1 8  ? 6.301   5.499   -3.401  1.00 8.42  ? 8   DC  B N3    1 
ATOM   357 C  C4    . DC  B 1 8  ? 7.350   4.903   -2.833  1.00 7.64  ? 8   DC  B C4    1 
ATOM   358 N  N4    . DC  B 1 8  ? 7.483   5.011   -1.507  1.00 8.33  ? 8   DC  B N4    1 
ATOM   359 C  C5    . DC  B 1 8  ? 8.258   4.104   -3.586  1.00 8.77  ? 8   DC  B C5    1 
ATOM   360 C  C6    . DC  B 1 8  ? 8.012   3.946   -4.894  1.00 9.69  ? 8   DC  B C6    1 
ATOM   361 P  P     . DG  B 1 9  ? 6.616   4.975   -11.025 1.00 12.76 ? 9   DG  B P     1 
ATOM   362 O  OP1   . DG  B 1 9  ? 5.476   4.824   -12.030 1.00 16.08 ? 9   DG  B OP1   1 
ATOM   363 O  OP2   . DG  B 1 9  ? 7.990   4.821   -11.421 1.00 14.44 ? 9   DG  B OP2   1 
ATOM   364 O  "O5'" . DG  B 1 9  ? 6.529   6.408   -10.352 1.00 13.73 ? 9   DG  B "O5'" 1 
ATOM   365 C  "C5'" . DG  B 1 9  ? 5.230   6.940   -10.093 1.00 14.50 ? 9   DG  B "C5'" 1 
ATOM   366 C  "C4'" . DG  B 1 9  ? 5.349   8.347   -9.568  1.00 12.29 ? 9   DG  B "C4'" 1 
ATOM   367 O  "O4'" . DG  B 1 9  ? 5.830   8.322   -8.184  1.00 9.42  ? 9   DG  B "O4'" 1 
ATOM   368 C  "C3'" . DG  B 1 9  ? 6.333   9.232   -10.337 1.00 12.48 ? 9   DG  B "C3'" 1 
ATOM   369 O  "O3'" . DG  B 1 9  ? 5.877   10.540  -10.190 1.00 20.65 ? 9   DG  B "O3'" 1 
ATOM   370 C  "C2'" . DG  B 1 9  ? 7.609   9.086   -9.521  1.00 10.64 ? 9   DG  B "C2'" 1 
ATOM   371 C  "C1'" . DG  B 1 9  ? 7.032   9.108   -8.109  1.00 9.20  ? 9   DG  B "C1'" 1 
ATOM   372 N  N9    . DG  B 1 9  ? 7.864   8.503   -7.082  1.00 9.21  ? 9   DG  B N9    1 
ATOM   373 C  C8    . DG  B 1 9  ? 8.869   7.578   -7.244  1.00 10.19 ? 9   DG  B C8    1 
ATOM   374 N  N7    . DG  B 1 9  ? 9.364   7.153   -6.110  1.00 8.44  ? 9   DG  B N7    1 
ATOM   375 C  C5    . DG  B 1 9  ? 8.667   7.873   -5.141  1.00 7.87  ? 9   DG  B C5    1 
ATOM   376 C  C6    . DG  B 1 9  ? 8.776   7.869   -3.715  1.00 7.92  ? 9   DG  B C6    1 
ATOM   377 O  O6    . DG  B 1 9  ? 9.538   7.199   -2.993  1.00 10.13 ? 9   DG  B O6    1 
ATOM   378 N  N1    . DG  B 1 9  ? 7.838   8.719   -3.126  1.00 8.14  ? 9   DG  B N1    1 
ATOM   379 C  C2    . DG  B 1 9  ? 6.916   9.479   -3.817  1.00 7.82  ? 9   DG  B C2    1 
ATOM   380 N  N2    . DG  B 1 9  ? 6.136   10.297  -3.080  1.00 8.51  ? 9   DG  B N2    1 
ATOM   381 N  N3    . DG  B 1 9  ? 6.827   9.506   -5.137  1.00 8.09  ? 9   DG  B N3    1 
ATOM   382 C  C4    . DG  B 1 9  ? 7.691   8.660   -5.728  1.00 8.82  ? 9   DG  B C4    1 
ATOM   383 P  P     . DG  B 1 10 ? 5.684   11.539  -11.367 1.00 12.76 ? 10  DG  B P     1 
ATOM   384 O  OP1   . DG  B 1 10 ? 4.318   11.448  -11.929 1.00 12.72 ? 10  DG  B OP1   1 
ATOM   385 O  OP2   . DG  B 1 10 ? 6.791   11.398  -12.318 1.00 17.24 ? 10  DG  B OP2   1 
ATOM   386 O  "O5'" . DG  B 1 10 ? 5.748   12.900  -10.565 1.00 13.20 ? 10  DG  B "O5'" 1 
ATOM   387 C  "C5'" . DG  B 1 10 ? 4.702   13.263  -9.669  1.00 11.55 ? 10  DG  B "C5'" 1 
ATOM   388 C  "C4'" . DG  B 1 10 ? 5.231   14.223  -8.641  1.00 13.11 ? 10  DG  B "C4'" 1 
ATOM   389 O  "O4'" . DG  B 1 10 ? 6.037   13.449  -7.723  1.00 11.74 ? 10  DG  B "O4'" 1 
ATOM   390 C  "C3'" . DG  B 1 10 ? 6.152   15.329  -9.184  1.00 14.43 ? 10  DG  B "C3'" 1 
ATOM   391 O  "O3'" . DG  B 1 10 ? 5.927   16.484  -8.385  1.00 20.47 ? 10  DG  B "O3'" 1 
ATOM   392 C  "C2'" . DG  B 1 10 ? 7.546   14.806  -8.912  1.00 15.22 ? 10  DG  B "C2'" 1 
ATOM   393 C  "C1'" . DG  B 1 10 ? 7.311   14.085  -7.590  1.00 11.81 ? 10  DG  B "C1'" 1 
ATOM   394 N  N9    . DG  B 1 10 ? 8.292   13.077  -7.223  1.00 9.55  ? 10  DG  B N9    1 
ATOM   395 C  C8    . DG  B 1 10 ? 9.017   12.242  -8.040  1.00 11.47 ? 10  DG  B C8    1 
ATOM   396 N  N7    . DG  B 1 10 ? 9.754   11.394  -7.375  1.00 10.90 ? 10  DG  B N7    1 
ATOM   397 C  C5    . DG  B 1 10 ? 9.492   11.679  -6.039  1.00 10.46 ? 10  DG  B C5    1 
ATOM   398 C  C6    . DG  B 1 10 ? 10.049  11.125  -4.835  1.00 9.67  ? 10  DG  B C6    1 
ATOM   399 O  O6    . DG  B 1 10 ? 10.853  10.201  -4.698  1.00 11.95 ? 10  DG  B O6    1 
ATOM   400 N  N1    . DG  B 1 10 ? 9.499   11.712  -3.701  1.00 9.70  ? 10  DG  B N1    1 
ATOM   401 C  C2    . DG  B 1 10 ? 8.577   12.723  -3.702  1.00 8.89  ? 10  DG  B C2    1 
ATOM   402 N  N2    . DG  B 1 10 ? 8.156   13.159  -2.501  1.00 10.69 ? 10  DG  B N2    1 
ATOM   403 N  N3    . DG  B 1 10 ? 8.042   13.237  -4.803  1.00 9.40  ? 10  DG  B N3    1 
ATOM   404 C  C4    . DG  B 1 10 ? 8.578   12.697  -5.929  1.00 10.02 ? 10  DG  B C4    1 
HETATM 405 CA CA    . CA  C 2 .  ? -6.965  -1.977  -9.530  1.00 8.75  ? 101 CA  A CA    1 
HETATM 406 CA CA    . CA  D 2 .  ? -6.520  8.258   -8.522  1.00 10.15 ? 102 CA  A CA    1 
HETATM 407 CA CA    . CA  E 2 .  ? 5.615   5.629   4.830   0.84 13.18 ? 103 CA  A CA    1 
HETATM 408 NA NA    . NA  F 3 .  ? -7.186  10.379  -3.353  1.00 26.20 ? 104 NA  A NA    1 
HETATM 409 CA CA    . CA  G 2 .  ? 5.108   -5.918  11.241  1.00 10.68 ? 101 CA  B CA    1 
HETATM 410 CA CA    . CA  H 2 .  ? 4.569   10.209  -16.144 0.86 12.32 ? 102 CA  B CA    1 
HETATM 411 CA CA    . CA  I 2 .  ? 11.281  -3.136  3.509   1.00 8.97  ? 103 CA  B CA    1 
HETATM 412 CA CA    . CA  J 2 .  ? 10.151  3.412   -0.446  0.66 14.15 ? 104 CA  B CA    1 
HETATM 413 NA NA    . NA  K 3 .  ? -3.159  -3.413  14.386  0.49 8.63  ? 105 NA  B NA    1 
HETATM 414 O  O     . HOH L 4 .  ? -6.196  -2.445  -7.370  1.00 9.96  ? 201 HOH A O     1 
HETATM 415 O  O     . HOH L 4 .  ? -5.669  -0.019  -10.273 1.00 9.65  ? 202 HOH A O     1 
HETATM 416 O  O     . HOH L 4 .  ? -4.830  -3.097  -10.192 1.00 10.33 ? 203 HOH A O     1 
HETATM 417 O  O     . HOH L 4 .  ? 0.463   -6.935  -0.681  1.00 12.68 ? 204 HOH A O     1 
HETATM 418 O  O     . HOH L 4 .  ? -8.246  9.360   -7.318  1.00 15.14 ? 205 HOH A O     1 
HETATM 419 O  O     . HOH L 4 .  ? 1.803   -16.084 7.151   0.93 12.34 ? 206 HOH A O     1 
HETATM 420 O  O     . HOH L 4 .  ? -5.138  -4.797  -6.535  0.81 10.97 ? 207 HOH A O     1 
HETATM 421 O  O     . HOH L 4 .  ? -4.911  6.801   -9.641  1.00 13.20 ? 208 HOH A O     1 
HETATM 422 O  O     . HOH L 4 .  ? -7.735  0.086   -8.481  1.00 10.72 ? 209 HOH A O     1 
HETATM 423 O  O     . HOH L 4 .  ? -0.111  -18.634 6.129   1.00 16.10 ? 210 HOH A O     1 
HETATM 424 O  O     . HOH L 4 .  ? 14.553  16.260  2.153   0.99 12.79 ? 211 HOH A O     1 
HETATM 425 O  O     . HOH L 4 .  ? -6.415  -1.199  -4.970  0.93 10.91 ? 212 HOH A O     1 
HETATM 426 O  O     . HOH L 4 .  ? 0.293   5.317   -5.760  1.00 14.29 ? 213 HOH A O     1 
HETATM 427 O  O     . HOH L 4 .  ? 6.414   5.974   2.596   1.00 12.63 ? 214 HOH A O     1 
HETATM 428 O  O     . HOH L 4 .  ? -0.059  -8.972  2.976   1.00 14.84 ? 215 HOH A O     1 
HETATM 429 O  O     . HOH L 4 .  ? -7.135  6.339   -7.287  0.95 10.77 ? 216 HOH A O     1 
HETATM 430 O  O     . HOH L 4 .  ? -7.661  -4.306  -9.634  1.00 9.94  ? 217 HOH A O     1 
HETATM 431 O  O     . HOH L 4 .  ? 17.010  14.063  2.872   1.00 11.46 ? 218 HOH A O     1 
HETATM 432 O  O     . HOH L 4 .  ? 3.107   11.284  -3.611  1.00 9.78  ? 219 HOH A O     1 
HETATM 433 O  O     . HOH L 4 .  ? -4.818  -11.070 6.413   1.00 9.99  ? 220 HOH A O     1 
HETATM 434 O  O     . HOH L 4 .  ? 16.972  16.674  0.938   1.00 10.10 ? 221 HOH A O     1 
HETATM 435 O  O     . HOH L 4 .  ? 3.026   -8.402  -1.710  1.00 14.47 ? 222 HOH A O     1 
HETATM 436 O  O     . HOH L 4 .  ? -0.925  -17.361 9.347   0.87 13.46 ? 223 HOH A O     1 
HETATM 437 O  O     . HOH L 4 .  ? 5.056   12.916  -0.116  0.77 13.30 ? 224 HOH A O     1 
HETATM 438 O  O     . HOH L 4 .  ? 0.796   -3.906  -2.667  0.67 9.93  ? 225 HOH A O     1 
HETATM 439 O  O     . HOH L 4 .  ? -0.193  7.684   3.007   0.74 16.93 ? 226 HOH A O     1 
HETATM 440 O  O     . HOH L 4 .  ? 1.385   5.322   3.480   0.73 14.64 ? 227 HOH A O     1 
HETATM 441 O  O     . HOH L 4 .  ? -7.143  0.797   1.064   0.78 20.72 ? 228 HOH A O     1 
HETATM 442 O  O     . HOH L 4 .  ? -2.444  -14.971 -0.480  0.79 19.52 ? 229 HOH A O     1 
HETATM 443 O  O     . HOH L 4 .  ? 16.131  14.272  5.418   0.89 17.44 ? 230 HOH A O     1 
HETATM 444 O  O     . HOH L 4 .  ? 1.874   -9.147  -6.355  0.75 18.17 ? 231 HOH A O     1 
HETATM 445 O  O     . HOH L 4 .  ? -7.539  -16.707 -0.395  0.57 11.03 ? 232 HOH A O     1 
HETATM 446 O  O     . HOH L 4 .  ? 4.025   7.052   3.899   0.62 17.61 ? 233 HOH A O     1 
HETATM 447 O  O     . HOH L 4 .  ? 11.686  5.797   1.401   0.87 21.87 ? 234 HOH A O     1 
HETATM 448 O  O     . HOH L 4 .  ? 9.123   15.198  0.225   0.63 13.51 ? 235 HOH A O     1 
HETATM 449 O  O     . HOH L 4 .  ? -3.619  9.137   0.486   0.80 20.10 ? 236 HOH A O     1 
HETATM 450 O  O     . HOH L 4 .  ? -7.140  -6.654  -3.428  1.00 7.48  ? 237 HOH A O     1 
HETATM 451 O  O     . HOH L 4 .  ? 3.447   4.394   4.676   0.66 17.29 ? 238 HOH A O     1 
HETATM 452 O  O     . HOH L 4 .  ? 5.791   7.681   6.126   0.68 21.96 ? 239 HOH A O     1 
HETATM 453 O  O     . HOH L 4 .  ? -6.328  -16.024 1.414   0.60 17.80 ? 240 HOH A O     1 
HETATM 454 O  O     . HOH L 4 .  ? 3.032   -7.819  -4.447  0.66 19.23 ? 241 HOH A O     1 
HETATM 455 O  O     . HOH L 4 .  ? -3.565  -14.802 -2.860  0.54 12.94 ? 242 HOH A O     1 
HETATM 456 O  O     . HOH L 4 .  ? 5.743   4.652   7.036   0.67 22.92 ? 243 HOH A O     1 
HETATM 457 O  O     . HOH L 4 .  ? -3.605  -16.917 0.933   0.69 19.85 ? 244 HOH A O     1 
HETATM 458 O  O     . HOH L 4 .  ? -5.669  -12.917 -2.111  0.81 24.54 ? 245 HOH A O     1 
HETATM 459 O  O     . HOH L 4 .  ? -3.871  -6.796  -9.604  0.46 19.96 ? 246 HOH A O     1 
HETATM 460 O  O     . HOH L 4 .  ? -1.581  -21.044 5.990   0.81 24.49 ? 247 HOH A O     1 
HETATM 461 O  O     . HOH L 4 .  ? -0.878  -12.250 -7.415  0.54 14.47 ? 248 HOH A O     1 
HETATM 462 O  O     . HOH L 4 .  ? -2.519  11.615  3.391   0.66 21.45 ? 249 HOH A O     1 
HETATM 463 O  O     . HOH L 4 .  ? -2.131  -17.784 3.081   0.59 17.57 ? 250 HOH A O     1 
HETATM 464 O  O     . HOH L 4 .  ? 0.867   -17.332 0.065   0.63 19.77 ? 251 HOH A O     1 
HETATM 465 O  O     . HOH L 4 .  ? 0.159   -18.321 2.570   0.73 23.22 ? 252 HOH A O     1 
HETATM 466 O  O     . HOH L 4 .  ? -1.514  14.054  4.298   0.50 17.71 ? 253 HOH A O     1 
HETATM 467 O  O     . HOH L 4 .  ? 2.817   -15.120 3.411   0.57 20.01 ? 254 HOH A O     1 
HETATM 468 O  O     . HOH L 4 .  ? -7.897  -14.226 -0.208  0.44 17.61 ? 255 HOH A O     1 
HETATM 469 O  O     . HOH L 4 .  ? -6.511  -7.256  -6.147  0.84 15.87 ? 256 HOH A O     1 
HETATM 470 O  O     . HOH L 4 .  ? -6.461  -6.724  -10.054 0.96 17.72 ? 257 HOH A O     1 
HETATM 471 O  O     . HOH L 4 .  ? -5.314  -4.546  -12.557 0.68 15.72 ? 258 HOH A O     1 
HETATM 472 O  O     . HOH L 4 .  ? 13.667  6.799   -1.687  0.63 17.91 ? 259 HOH A O     1 
HETATM 473 O  O     . HOH L 4 .  ? -5.627  -9.777  -4.640  0.46 15.68 ? 260 HOH A O     1 
HETATM 474 O  O     . HOH L 4 .  ? 3.888   9.531   6.687   0.78 28.28 ? 261 HOH A O     1 
HETATM 475 O  O     . HOH L 4 .  ? 1.955   8.624   4.806   0.59 21.78 ? 262 HOH A O     1 
HETATM 476 O  O     . HOH L 4 .  ? -11.415 8.756   -3.951  0.54 20.41 ? 263 HOH A O     1 
HETATM 477 O  O     . HOH L 4 .  ? -9.434  11.485  -8.614  0.50 32.16 ? 264 HOH A O     1 
HETATM 478 O  O     . HOH L 4 .  ? -2.762  6.920   3.929   1.00 39.51 ? 265 HOH A O     1 
HETATM 479 O  O     . HOH L 4 .  ? -2.243  3.381   3.869   0.62 20.73 ? 266 HOH A O     1 
HETATM 480 O  O     . HOH L 4 .  ? -4.938  3.286   3.474   0.49 17.63 ? 267 HOH A O     1 
HETATM 481 O  O     . HOH L 4 .  ? -3.225  -6.067  -13.423 0.60 29.62 ? 268 HOH A O     1 
HETATM 482 O  O     . HOH L 4 .  ? 6.287   15.470  0.536   1.00 33.27 ? 269 HOH A O     1 
HETATM 483 O  O     . HOH L 4 .  ? -4.496  -17.856 5.457   1.00 33.74 ? 270 HOH A O     1 
HETATM 484 O  O     . HOH L 4 .  ? -7.567  5.923   -4.553  1.00 18.38 ? 271 HOH A O     1 
HETATM 485 O  O     . HOH L 4 .  ? -5.213  1.988   -0.466  1.00 22.34 ? 272 HOH A O     1 
HETATM 486 O  O     . HOH L 4 .  ? -6.867  1.417   -2.891  1.00 22.04 ? 273 HOH A O     1 
HETATM 487 O  O     . HOH L 4 .  ? -8.605  8.614   -4.576  1.00 24.98 ? 274 HOH A O     1 
HETATM 488 O  O     . HOH L 4 .  ? -11.949 10.342  -0.111  1.00 33.53 ? 275 HOH A O     1 
HETATM 489 O  O     . HOH L 4 .  ? -5.693  6.336   -2.310  1.00 26.94 ? 276 HOH A O     1 
HETATM 490 O  O     . HOH L 4 .  ? 0.192   -7.200  -9.589  1.00 22.93 ? 277 HOH A O     1 
HETATM 491 O  O     . HOH L 4 .  ? -6.374  4.484   -0.708  1.00 28.34 ? 278 HOH A O     1 
HETATM 492 O  O     . HOH L 4 .  ? -5.531  11.980  -6.420  1.00 34.09 ? 279 HOH A O     1 
HETATM 493 O  O     . HOH L 4 .  ? -4.629  13.203  -3.790  1.00 37.02 ? 280 HOH A O     1 
HETATM 494 O  O     . HOH L 4 .  ? 11.380  11.656  8.263   1.00 43.37 ? 281 HOH A O     1 
HETATM 495 O  O     . HOH L 4 .  ? -9.608  12.251  -0.306  1.00 40.96 ? 282 HOH A O     1 
HETATM 496 O  O     . HOH L 4 .  ? -9.356  -15.951 10.456  1.00 38.90 ? 283 HOH A O     1 
HETATM 497 O  O     . HOH L 4 .  ? -7.163  -10.364 -2.519  1.00 36.73 ? 284 HOH A O     1 
HETATM 498 O  O     . HOH L 4 .  ? 13.410  15.472  6.046   1.00 31.23 ? 285 HOH A O     1 
HETATM 499 O  O     . HOH L 4 .  ? -7.051  -8.164  -12.306 1.00 41.22 ? 286 HOH A O     1 
HETATM 500 O  O     . HOH L 4 .  ? -2.299  -13.176 -9.019  1.00 40.55 ? 287 HOH A O     1 
HETATM 501 O  O     . HOH L 4 .  ? -1.441  -8.739  -8.733  1.00 31.69 ? 288 HOH A O     1 
HETATM 502 O  O     . HOH L 4 .  ? -5.183  -15.480 -1.240  1.00 37.88 ? 289 HOH A O     1 
HETATM 503 O  O     . HOH L 4 .  ? -4.271  -6.991  -16.142 1.00 37.46 ? 290 HOH A O     1 
HETATM 504 O  O     . HOH L 4 .  ? -6.914  14.135  -6.855  1.00 38.54 ? 291 HOH A O     1 
HETATM 505 O  O     . HOH L 4 .  ? 7.692   11.976  9.265   1.00 33.54 ? 292 HOH A O     1 
HETATM 506 O  O     . HOH L 4 .  ? 3.266   -3.757  -3.497  1.00 38.68 ? 293 HOH A O     1 
HETATM 507 O  O     . HOH L 4 .  ? 3.667   16.126  4.051   1.00 41.48 ? 294 HOH A O     1 
HETATM 508 O  O     . HOH L 4 .  ? -5.811  9.392   -10.383 1.00 33.60 ? 295 HOH A O     1 
HETATM 509 O  O     . HOH L 4 .  ? 3.749   -17.566 0.027   1.00 55.11 ? 296 HOH A O     1 
HETATM 510 O  O     . HOH L 4 .  ? 2.029   -14.900 -2.501  1.00 31.90 ? 297 HOH A O     1 
HETATM 511 O  O     . HOH L 4 .  ? -5.757  -19.287 8.323   1.00 33.79 ? 298 HOH A O     1 
HETATM 512 O  O     . HOH M 4 .  ? 11.047  -4.436  1.428   1.00 10.71 ? 201 HOH B O     1 
HETATM 513 O  O     . HOH M 4 .  ? 4.049   1.753   -5.554  1.00 11.41 ? 202 HOH B O     1 
HETATM 514 O  O     . HOH M 4 .  ? 9.751   -1.653  2.504   1.00 10.23 ? 203 HOH B O     1 
HETATM 515 O  O     . HOH M 4 .  ? 5.028   11.464  -6.084  1.00 9.68  ? 204 HOH B O     1 
HETATM 516 O  O     . HOH M 4 .  ? 9.956   -2.589  5.522   1.00 11.66 ? 205 HOH B O     1 
HETATM 517 O  O     . HOH M 4 .  ? -18.038 -11.131 3.809   1.00 14.73 ? 206 HOH B O     1 
HETATM 518 O  O     . HOH M 4 .  ? 9.918   -0.831  -0.060  0.86 11.94 ? 207 HOH B O     1 
HETATM 519 O  O     . HOH M 4 .  ? 2.225   -5.697  2.111   1.00 15.15 ? 208 HOH B O     1 
HETATM 520 O  O     . HOH M 4 .  ? 0.810   -6.338  4.401   0.86 12.95 ? 209 HOH B O     1 
HETATM 521 O  O     . HOH M 4 .  ? 3.175   5.515   -6.968  1.00 15.06 ? 210 HOH B O     1 
HETATM 522 O  O     . HOH M 4 .  ? -9.201  -6.853  7.030   0.73 11.60 ? 211 HOH B O     1 
HETATM 523 O  O     . HOH M 4 .  ? -8.413  -4.420  -1.873  0.83 12.52 ? 212 HOH B O     1 
HETATM 524 O  O     . HOH M 4 .  ? -5.366  0.114   5.933   0.70 14.49 ? 213 HOH B O     1 
HETATM 525 O  O     . HOH M 4 .  ? -2.159  -7.714  7.005   1.00 8.33  ? 214 HOH B O     1 
HETATM 526 O  O     . HOH M 4 .  ? -8.072  -3.147  0.605   1.00 12.09 ? 215 HOH B O     1 
HETATM 527 O  O     . HOH M 4 .  ? 5.764   -3.953  10.002  1.00 12.97 ? 216 HOH B O     1 
HETATM 528 O  O     . HOH M 4 .  ? 7.707   -0.140  3.423   1.00 12.49 ? 217 HOH B O     1 
HETATM 529 O  O     . HOH M 4 .  ? -5.424  0.429   3.216   0.86 13.92 ? 218 HOH B O     1 
HETATM 530 O  O     . HOH M 4 .  ? 3.511   -1.158  -3.363  0.72 12.65 ? 219 HOH B O     1 
HETATM 531 O  O     . HOH M 4 .  ? 6.351   11.281  -14.992 1.00 16.49 ? 220 HOH B O     1 
HETATM 532 O  O     . HOH M 4 .  ? -10.319 -6.911  -2.745  0.78 19.02 ? 221 HOH B O     1 
HETATM 533 O  O     . HOH M 4 .  ? 2.187   -4.531  -0.288  0.54 11.56 ? 222 HOH B O     1 
HETATM 534 O  O     . HOH M 4 .  ? -8.187  -1.230  2.869   0.85 18.67 ? 223 HOH B O     1 
HETATM 535 O  O     . HOH M 4 .  ? 9.947   6.249   -10.127 0.70 16.18 ? 224 HOH B O     1 
HETATM 536 O  O     . HOH M 4 .  ? -1.498  -4.849  13.480  0.76 16.32 ? 225 HOH B O     1 
HETATM 537 O  O     . HOH M 4 .  ? 1.942   -0.763  8.536   0.74 18.38 ? 226 HOH B O     1 
HETATM 538 O  O     . HOH M 4 .  ? 5.615   8.347   -14.989 0.81 23.07 ? 227 HOH B O     1 
HETATM 539 O  O     . HOH M 4 .  ? 10.683  8.712   -11.188 0.62 15.76 ? 228 HOH B O     1 
HETATM 540 O  O     . HOH M 4 .  ? -5.717  -7.232  10.337  0.66 14.03 ? 229 HOH B O     1 
HETATM 541 O  O     . HOH M 4 .  ? -10.862 -0.376  2.091   0.82 19.41 ? 230 HOH B O     1 
HETATM 542 O  O     . HOH M 4 .  ? 4.557   -1.531  9.564   0.56 13.34 ? 231 HOH B O     1 
HETATM 543 O  O     . HOH M 4 .  ? 12.850  4.332   -4.567  0.52 11.65 ? 232 HOH B O     1 
HETATM 544 O  O     . HOH M 4 .  ? 11.662  9.804   -8.804  0.76 21.33 ? 233 HOH B O     1 
HETATM 545 O  O     . HOH M 4 .  ? -7.567  0.234   7.607   0.66 17.87 ? 234 HOH B O     1 
HETATM 546 O  O     . HOH M 4 .  ? -5.984  -6.006  12.890  0.59 16.20 ? 235 HOH B O     1 
HETATM 547 O  O     . HOH M 4 .  ? 10.966  -3.110  -6.020  0.48 13.79 ? 236 HOH B O     1 
HETATM 548 O  O     . HOH M 4 .  ? 12.269  -3.880  -2.106  0.51 16.69 ? 237 HOH B O     1 
HETATM 549 O  O     . HOH M 4 .  ? -2.001  -1.730  13.493  0.70 30.57 ? 238 HOH B O     1 
HETATM 550 O  O     . HOH M 4 .  ? -6.316  0.164   10.290  0.61 20.89 ? 239 HOH B O     1 
HETATM 551 O  O     . HOH M 4 .  ? 3.750   -1.932  12.242  0.59 21.08 ? 240 HOH B O     1 
HETATM 552 O  O     . HOH M 4 .  ? 11.905  4.898   -8.919  0.37 16.17 ? 241 HOH B O     1 
HETATM 553 O  O     . HOH M 4 .  ? -4.112  0.713   12.480  0.59 19.38 ? 242 HOH B O     1 
HETATM 554 O  O     . HOH M 4 .  ? 11.639  6.158   -5.567  0.77 23.03 ? 243 HOH B O     1 
HETATM 555 O  O     . HOH M 4 .  ? 4.615   -0.112  14.165  0.53 23.98 ? 244 HOH B O     1 
HETATM 556 O  O     . HOH M 4 .  ? 11.723  1.130   -1.128  0.83 16.09 ? 245 HOH B O     1 
HETATM 557 O  O     . HOH M 4 .  ? 8.547   12.607  -16.222 0.80 19.30 ? 246 HOH B O     1 
HETATM 558 O  O     . HOH M 4 .  ? -10.212 -10.566 -2.796  0.63 18.02 ? 247 HOH B O     1 
HETATM 559 O  O     . HOH M 4 .  ? 11.450  5.365   -2.889  0.57 16.80 ? 248 HOH B O     1 
HETATM 560 O  O     . HOH M 4 .  ? 7.808   18.395  -7.406  0.72 24.11 ? 249 HOH B O     1 
HETATM 561 O  O     . HOH M 4 .  ? 8.167   8.302   -14.504 0.80 26.56 ? 250 HOH B O     1 
HETATM 562 O  O     . HOH M 4 .  ? -11.518 -7.775  8.299   0.54 18.55 ? 251 HOH B O     1 
HETATM 563 O  O     . HOH M 4 .  ? 7.527   -2.845  -7.285  0.51 17.76 ? 252 HOH B O     1 
HETATM 564 O  O     . HOH M 4 .  ? 9.077   9.913   -12.690 0.45 23.24 ? 253 HOH B O     1 
HETATM 565 O  O     . HOH M 4 .  ? 3.186   10.195  -14.107 1.00 12.16 ? 254 HOH B O     1 
HETATM 566 O  O     . HOH M 4 .  ? 2.957   1.774   4.789   0.70 23.22 ? 255 HOH B O     1 
HETATM 567 O  O     . HOH M 4 .  ? 4.293   6.249   -13.835 1.00 22.77 ? 256 HOH B O     1 
HETATM 568 O  O     . HOH M 4 .  ? 6.373   -6.470  -2.711  1.00 30.80 ? 257 HOH B O     1 
HETATM 569 O  O     . HOH M 4 .  ? -8.475  -1.019  12.057  1.00 43.17 ? 258 HOH B O     1 
HETATM 570 O  O     . HOH M 4 .  ? -8.180  -4.402  13.282  1.00 42.11 ? 259 HOH B O     1 
HETATM 571 O  O     . HOH M 4 .  ? 1.094   -3.636  13.206  1.00 30.48 ? 260 HOH B O     1 
HETATM 572 O  O     . HOH M 4 .  ? 3.686   -7.088  12.885  1.00 22.97 ? 261 HOH B O     1 
HETATM 573 O  O     . HOH M 4 .  ? -2.810  -0.518  9.305   1.00 21.70 ? 262 HOH B O     1 
HETATM 574 O  O     . HOH M 4 .  ? 11.644  2.403   -4.068  1.00 33.86 ? 263 HOH B O     1 
HETATM 575 O  O     . HOH M 4 .  ? -17.579 -3.741  1.591   1.00 38.15 ? 264 HOH B O     1 
HETATM 576 O  O     . HOH M 4 .  ? -7.671  3.122   7.522   1.00 37.92 ? 265 HOH B O     1 
HETATM 577 O  O     . HOH M 4 .  ? -13.648 0.300   1.588   1.00 41.86 ? 266 HOH B O     1 
HETATM 578 O  O     . HOH M 4 .  ? -11.004 0.126   4.935   1.00 34.09 ? 267 HOH B O     1 
HETATM 579 O  O     . HOH M 4 .  ? -14.110 -2.127  3.019   1.00 42.25 ? 268 HOH B O     1 
HETATM 580 O  O     . HOH M 4 .  ? -3.961  2.282   7.074   1.00 37.78 ? 269 HOH B O     1 
# 
loop_
_atom_site_anisotrop.id 
_atom_site_anisotrop.type_symbol 
_atom_site_anisotrop.pdbx_label_atom_id 
_atom_site_anisotrop.pdbx_label_alt_id 
_atom_site_anisotrop.pdbx_label_comp_id 
_atom_site_anisotrop.pdbx_label_asym_id 
_atom_site_anisotrop.pdbx_label_seq_id 
_atom_site_anisotrop.pdbx_PDB_ins_code 
_atom_site_anisotrop.U[1][1] 
_atom_site_anisotrop.U[2][2] 
_atom_site_anisotrop.U[3][3] 
_atom_site_anisotrop.U[1][2] 
_atom_site_anisotrop.U[1][3] 
_atom_site_anisotrop.U[2][3] 
_atom_site_anisotrop.pdbx_auth_seq_id 
_atom_site_anisotrop.pdbx_auth_comp_id 
_atom_site_anisotrop.pdbx_auth_asym_id 
_atom_site_anisotrop.pdbx_auth_atom_id 
1   O  "O5'" . DC  A 1  ? 0.1399 0.1660 0.1762 0.0072  0.0006  -0.0006 1   DC  A "O5'" 
2   C  "C5'" . DC  A 1  ? 0.2055 0.1688 0.2042 -0.0184 0.0014  0.0372  1   DC  A "C5'" 
3   C  "C4'" . DC  A 1  ? 0.1970 0.3613 0.1539 -0.0253 -0.0137 0.0384  1   DC  A "C4'" 
4   O  "O4'" . DC  A 1  ? 0.1924 0.2285 0.1642 -0.0443 -0.0014 -0.0114 1   DC  A "O4'" 
5   C  "C3'" . DC  A 1  ? 0.2711 0.1945 0.1814 -0.0175 0.0768  -0.0625 1   DC  A "C3'" 
6   O  "O3'" . DC  A 1  ? 0.2480 0.2614 0.1722 0.0118  0.0371  -0.0470 1   DC  A "O3'" 
7   C  "C2'" . DC  A 1  ? 0.2964 0.1830 0.1333 0.0042  0.0152  -0.0349 1   DC  A "C2'" 
8   C  "C1'" . DC  A 1  ? 0.2216 0.1692 0.1335 -0.0509 0.0536  -0.0124 1   DC  A "C1'" 
9   N  N1    . DC  A 1  ? 0.1412 0.1300 0.1441 -0.0281 0.0204  0.0091  1   DC  A N1    
10  C  C2    . DC  A 1  ? 0.1784 0.1646 0.1343 -0.0606 0.0073  0.0191  1   DC  A C2    
11  O  O2    . DC  A 1  ? 0.1775 0.1784 0.1353 -0.0347 -0.0089 -0.0093 1   DC  A O2    
12  N  N3    . DC  A 1  ? 0.1441 0.1299 0.1427 -0.0738 -0.0005 0.0127  1   DC  A N3    
13  C  C4    . DC  A 1  ? 0.1633 0.1355 0.1727 -0.0543 0.0103  -0.0013 1   DC  A C4    
14  N  N4    . DC  A 1  ? 0.1417 0.1452 0.1808 -0.0515 -0.0002 -0.0338 1   DC  A N4    
15  C  C5    . DC  A 1  ? 0.1572 0.1570 0.1551 -0.0652 -0.0117 -0.0072 1   DC  A C5    
16  C  C6    . DC  A 1  ? 0.1717 0.0916 0.1987 -0.0299 0.0085  0.0171  1   DC  A C6    
17  P  P     . DC  A 2  ? 0.2339 0.2751 0.1799 -0.0318 -0.0050 -0.0373 2   DC  A P     
18  O  OP1   . DC  A 2  ? 0.3797 0.3103 0.2355 -0.0335 0.0249  -0.1467 2   DC  A OP1   
19  O  OP2   . DC  A 2  ? 0.3665 0.3058 0.1817 0.0550  -0.0133 0.0555  2   DC  A OP2   
20  O  "O5'" . DC  A 2  ? 0.2126 0.3685 0.1637 0.0184  -0.0462 -0.0655 2   DC  A "O5'" 
21  C  "C5'" . DC  A 2  ? 0.1976 0.2664 0.1891 0.0464  -0.0283 -0.1185 2   DC  A "C5'" 
22  C  "C4'" . DC  A 2  ? 0.1923 0.2295 0.1501 0.0361  -0.0260 -0.1004 2   DC  A "C4'" 
23  O  "O4'" . DC  A 2  ? 0.2306 0.1958 0.1249 0.0115  0.0022  -0.0555 2   DC  A "O4'" 
24  C  "C3'" . DC  A 2  ? 0.1986 0.2613 0.1764 0.0557  -0.0271 -0.0271 2   DC  A "C3'" 
25  O  "O3'" . DC  A 2  ? 0.2138 0.4085 0.1419 0.0721  0.0096  -0.0712 2   DC  A "O3'" 
26  C  "C2'" . DC  A 2  ? 0.1838 0.2964 0.1153 0.0540  -0.0077 -0.0220 2   DC  A "C2'" 
27  C  "C1'" . DC  A 2  ? 0.1279 0.2335 0.1420 -0.0045 -0.0071 -0.0018 2   DC  A "C1'" 
28  N  N1    . DC  A 2  ? 0.1305 0.2126 0.1267 -0.0109 -0.0288 -0.0010 2   DC  A N1    
29  C  C2    . DC  A 2  ? 0.0943 0.1321 0.1155 -0.0128 -0.0084 0.0054  2   DC  A C2    
30  O  O2    . DC  A 2  ? 0.1623 0.1782 0.0947 0.0108  -0.0117 -0.0011 2   DC  A O2    
31  N  N3    . DC  A 2  ? 0.0994 0.1136 0.1364 0.0021  -0.0346 0.0104  2   DC  A N3    
32  C  C4    . DC  A 2  ? 0.0986 0.1144 0.1194 -0.0178 -0.0224 0.0208  2   DC  A C4    
33  N  N4    . DC  A 2  ? 0.1383 0.0921 0.1633 0.0025  -0.0284 0.0229  2   DC  A N4    
34  C  C5    . DC  A 2  ? 0.1387 0.1726 0.1266 -0.0129 -0.0137 0.0146  2   DC  A C5    
35  C  C6    . DC  A 2  ? 0.1232 0.1550 0.1392 -0.0067 -0.0116 0.0151  2   DC  A C6    
36  P  P     . DG  A 3  ? 0.2226 0.2217 0.1576 0.0524  -0.0041 -0.0667 3   DG  A P     
37  O  OP1   . DG  A 3  ? 0.3396 0.2212 0.2341 0.1026  -0.0303 -0.1116 3   DG  A OP1   
38  O  OP2   . DG  A 3  ? 0.2637 0.2570 0.2105 0.0130  0.0062  -0.0162 3   DG  A OP2   
39  O  "O5'" . DG  A 3  ? 0.1753 0.2319 0.1588 0.0341  -0.0085 -0.0474 3   DG  A "O5'" 
40  C  "C5'" . DG  A 3  ? 0.2418 0.1678 0.1520 0.0294  -0.0261 -0.0696 3   DG  A "C5'" 
41  C  "C4'" . DG  A 3  ? 0.1612 0.1744 0.1399 0.0099  0.0207  -0.0817 3   DG  A "C4'" 
42  O  "O4'" . DG  A 3  ? 0.1707 0.1519 0.1567 0.0111  0.0374  -0.0266 3   DG  A "O4'" 
43  C  "C3'" . DG  A 3  ? 0.1370 0.1612 0.1504 0.0285  -0.0004 -0.0487 3   DG  A "C3'" 
44  O  "O3'" . DG  A 3  ? 0.1408 0.1509 0.1673 0.0356  -0.0058 -0.0670 3   DG  A "O3'" 
45  C  "C2'" . DG  A 3  ? 0.1545 0.1510 0.1447 0.0088  0.0340  -0.0349 3   DG  A "C2'" 
46  C  "C1'" . DG  A 3  ? 0.1472 0.1284 0.1590 0.0280  0.0366  -0.0368 3   DG  A "C1'" 
47  N  N9    . DG  A 3  ? 0.1139 0.1474 0.1229 0.0318  0.0095  -0.0322 3   DG  A N9    
48  C  C8    . DG  A 3  ? 0.1259 0.1627 0.1315 0.0346  -0.0157 -0.0010 3   DG  A C8    
49  N  N7    . DG  A 3  ? 0.1776 0.1736 0.0987 0.0434  -0.0049 0.0016  3   DG  A N7    
50  C  C5    . DG  A 3  ? 0.1177 0.1167 0.1127 0.0082  -0.0113 -0.0164 3   DG  A C5    
51  C  C6    . DG  A 3  ? 0.1557 0.0753 0.1061 -0.0076 0.0037  0.0000  3   DG  A C6    
52  O  O6    . DG  A 3  ? 0.1449 0.1035 0.0976 0.0080  0.0116  -0.0031 3   DG  A O6    
53  N  N1    . DG  A 3  ? 0.1227 0.0834 0.0963 0.0026  0.0005  -0.0002 3   DG  A N1    
54  C  C2    . DG  A 3  ? 0.1226 0.0776 0.0874 -0.0191 0.0003  0.0128  3   DG  A C2    
55  N  N2    . DG  A 3  ? 0.1522 0.1069 0.0811 -0.0286 0.0043  0.0012  3   DG  A N2    
56  N  N3    . DG  A 3  ? 0.1244 0.1082 0.1055 -0.0119 -0.0031 -0.0197 3   DG  A N3    
57  C  C4    . DG  A 3  ? 0.0869 0.0928 0.1073 0.0014  -0.0034 -0.0271 3   DG  A C4    
58  P  P     . DG  A 4  ? 0.1661 0.2120 0.1669 0.0405  -0.0026 -0.0962 4   DG  A P     
59  O  OP1   . DG  A 4  ? 0.1801 0.1843 0.2273 0.0506  -0.0374 -0.0845 4   DG  A OP1   
60  O  OP2   . DG  A 4  ? 0.1938 0.3497 0.1599 -0.0212 0.0394  -0.0857 4   DG  A OP2   
61  O  "O5'" . DG  A 4  ? 0.1475 0.1753 0.1365 -0.0007 0.0219  -0.0768 4   DG  A "O5'" 
62  C  "C5'" . DG  A 4  ? 0.1382 0.1556 0.1260 0.0142  0.0196  -0.0728 4   DG  A "C5'" 
63  C  "C4'" . DG  A 4  ? 0.1245 0.1010 0.1368 0.0002  -0.0225 -0.0290 4   DG  A "C4'" 
64  O  "O4'" . DG  A 4  ? 0.1103 0.1296 0.1350 -0.0070 0.0000  0.0036  4   DG  A "O4'" 
65  C  "C3'" . DG  A 4  ? 0.1445 0.0975 0.0965 -0.0073 0.0061  -0.0316 4   DG  A "C3'" 
66  O  "O3'" . DG  A 4  ? 0.1110 0.1125 0.0890 -0.0008 0.0050  -0.0221 4   DG  A "O3'" 
67  C  "C2'" . DG  A 4  ? 0.1288 0.1293 0.1024 0.0303  0.0137  -0.0258 4   DG  A "C2'" 
68  C  "C1'" . DG  A 4  ? 0.1155 0.1011 0.1175 0.0107  0.0000  0.0080  4   DG  A "C1'" 
69  N  N9    . DG  A 4  ? 0.1194 0.1048 0.0805 -0.0001 0.0054  -0.0260 4   DG  A N9    
70  C  C8    . DG  A 4  ? 0.1478 0.1450 0.0682 -0.0238 -0.0053 -0.0151 4   DG  A C8    
71  N  N7    . DG  A 4  ? 0.1720 0.1084 0.0965 0.0265  -0.0032 -0.0379 4   DG  A N7    
72  C  C5    . DG  A 4  ? 0.1355 0.0925 0.0972 0.0075  0.0046  -0.0258 4   DG  A C5    
73  C  C6    . DG  A 4  ? 0.1126 0.0848 0.0994 -0.0104 0.0042  -0.0107 4   DG  A C6    
74  O  O6    . DG  A 4  ? 0.1625 0.1043 0.1020 0.0206  0.0072  -0.0269 4   DG  A O6    
75  N  N1    . DG  A 4  ? 0.1253 0.0962 0.0915 -0.0242 -0.0001 -0.0186 4   DG  A N1    
76  C  C2    . DG  A 4  ? 0.1271 0.0744 0.0866 -0.0092 0.0020  -0.0153 4   DG  A C2    
77  N  N2    . DG  A 4  ? 0.1432 0.0978 0.0953 0.0057  -0.0052 -0.0463 4   DG  A N2    
78  N  N3    . DG  A 4  ? 0.1256 0.0896 0.0866 -0.0140 0.0049  -0.0133 4   DG  A N3    
79  C  C4    . DG  A 4  ? 0.1230 0.0783 0.0971 -0.0193 0.0098  -0.0050 4   DG  A C4    
80  P  P     . DT  A 5  ? 0.1207 0.1252 0.1051 -0.0019 -0.0012 -0.0148 5   DT  A P     
81  O  OP1   . DT  A 5  ? 0.1514 0.1160 0.1041 -0.0185 -0.0023 -0.0182 5   DT  A OP1   
82  O  OP2   . DT  A 5  ? 0.1404 0.1994 0.0785 -0.0063 0.0045  -0.0275 5   DT  A OP2   
83  O  "O5'" . DT  A 5  ? 0.1350 0.1233 0.0999 -0.0177 0.0067  -0.0167 5   DT  A "O5'" 
84  C  "C5'" . DT  A 5  ? 0.1586 0.0900 0.0930 0.0017  0.0078  -0.0087 5   DT  A "C5'" 
85  C  "C4'" . DT  A 5  ? 0.1265 0.1020 0.1166 0.0016  -0.0143 -0.0083 5   DT  A "C4'" 
86  O  "O4'" . DT  A 5  ? 0.1604 0.1057 0.1158 -0.0220 -0.0207 0.0115  5   DT  A "O4'" 
87  C  "C3'" . DT  A 5  ? 0.1578 0.0803 0.1423 -0.0196 -0.0120 -0.0163 5   DT  A "C3'" 
88  O  "O3'" . DT  A 5  ? 0.2687 0.1292 0.1682 -0.0391 -0.0243 -0.0512 5   DT  A "O3'" 
89  C  "C2'" . DT  A 5  ? 0.2215 0.1931 0.1466 -0.0743 -0.0325 0.0243  5   DT  A "C2'" 
90  C  "C1'" . DT  A 5  ? 0.1572 0.1233 0.1102 0.0053  -0.0063 0.0207  5   DT  A "C1'" 
91  N  N1    . DT  A 5  ? 0.1354 0.1043 0.0914 -0.0023 0.0260  -0.0036 5   DT  A N1    
92  C  C2    . DT  A 5  ? 0.1223 0.0896 0.1237 -0.0125 0.0029  -0.0062 5   DT  A C2    
93  O  O2    . DT  A 5  ? 0.1389 0.1028 0.1081 0.0109  0.0042  -0.0018 5   DT  A O2    
94  N  N3    . DT  A 5  ? 0.1272 0.1003 0.1164 -0.0172 0.0032  -0.0088 5   DT  A N3    
95  C  C4    . DT  A 5  ? 0.1008 0.1111 0.1277 0.0028  -0.0176 -0.0134 5   DT  A C4    
96  O  O4    . DT  A 5  ? 0.1618 0.1415 0.1089 0.0072  -0.0083 -0.0020 5   DT  A O4    
97  C  C5    . DT  A 5  ? 0.1036 0.1337 0.1050 0.0157  0.0033  -0.0118 5   DT  A C5    
98  C  C7    . DT  A 5  ? 0.1464 0.1588 0.1382 0.0389  0.0069  -0.0417 5   DT  A C7    
99  C  C6    . DT  A 5  ? 0.0761 0.1371 0.1045 -0.0009 0.0157  -0.0126 5   DT  A C6    
100 P  P     . DA  A 6  ? 0.2255 0.1233 0.1414 -0.0079 -0.0442 -0.0166 6   DA  A P     
101 O  OP1   . DA  A 6  ? 0.2148 0.1680 0.1578 0.0169  -0.0413 -0.0047 6   DA  A OP1   
102 O  OP2   . DA  A 6  ? 0.1931 0.1740 0.1944 0.0013  -0.0367 -0.0077 6   DA  A OP2   
103 O  "O5'" . DA  A 6  ? 0.1950 0.1419 0.1773 -0.0091 0.0209  -0.0292 6   DA  A "O5'" 
104 C  "C5'" . DA  A 6  ? 0.1984 0.1712 0.1568 -0.0060 0.0096  0.0198  6   DA  A "C5'" 
105 C  "C4'" . DA  A 6  ? 0.1643 0.1566 0.1140 -0.0344 0.0282  -0.0084 6   DA  A "C4'" 
106 O  "O4'" . DA  A 6  ? 0.1769 0.1710 0.1253 -0.0729 0.0130  -0.0064 6   DA  A "O4'" 
107 C  "C3'" . DA  A 6  ? 0.1587 0.1249 0.1083 -0.0078 0.0440  -0.0137 6   DA  A "C3'" 
108 O  "O3'" . DA  A 6  ? 0.1604 0.1409 0.1137 -0.0087 0.0268  -0.0317 6   DA  A "O3'" 
109 C  "C2'" . DA  A 6  ? 0.1315 0.1476 0.0877 -0.0148 0.0212  -0.0228 6   DA  A "C2'" 
110 C  "C1'" . DA  A 6  ? 0.1432 0.1125 0.1012 0.0051  0.0067  0.0003  6   DA  A "C1'" 
111 N  N9    . DA  A 6  ? 0.1343 0.1087 0.0883 -0.0076 0.0076  0.0036  6   DA  A N9    
112 C  C8    . DA  A 6  ? 0.1639 0.1128 0.1295 -0.0004 0.0171  0.0013  6   DA  A C8    
113 N  N7    . DA  A 6  ? 0.1575 0.1215 0.1054 -0.0036 -0.0175 0.0109  6   DA  A N7    
114 C  C5    . DA  A 6  ? 0.1078 0.1075 0.1046 -0.0110 0.0211  0.0087  6   DA  A C5    
115 C  C6    . DA  A 6  ? 0.0971 0.1086 0.1067 -0.0002 0.0049  0.0034  6   DA  A C6    
116 N  N6    . DA  A 6  ? 0.1485 0.1284 0.1016 -0.0074 0.0238  -0.0041 6   DA  A N6    
117 N  N1    . DA  A 6  ? 0.0942 0.1372 0.1197 0.0039  0.0052  0.0128  6   DA  A N1    
118 C  C2    . DA  A 6  ? 0.0968 0.1295 0.1182 -0.0110 -0.0054 0.0055  6   DA  A C2    
119 N  N3    . DA  A 6  ? 0.1256 0.1312 0.1052 0.0044  0.0099  0.0066  6   DA  A N3    
120 C  C4    . DA  A 6  ? 0.1163 0.0920 0.1061 -0.0085 -0.0020 0.0025  6   DA  A C4    
121 P  P     . DC  A 7  ? 0.1661 0.1463 0.1263 0.0286  0.0167  -0.0157 7   DC  A P     
122 O  OP1   . DC  A 7  ? 0.1967 0.2098 0.1125 0.0537  0.0582  -0.0211 7   DC  A OP1   
123 O  OP2   . DC  A 7  ? 0.1719 0.1401 0.1346 0.0234  -0.0083 -0.0226 7   DC  A OP2   
124 O  "O5'" . DC  A 7  ? 0.1504 0.1619 0.1217 0.0102  0.0181  0.0011  7   DC  A "O5'" 
125 C  "C5'" . DC  A 7  ? 0.1397 0.2050 0.1117 -0.0004 0.0106  -0.0180 7   DC  A "C5'" 
126 C  "C4'" . DC  A 7  ? 0.1405 0.1211 0.1224 0.0219  0.0492  -0.0333 7   DC  A "C4'" 
127 O  "O4'" . DC  A 7  ? 0.1159 0.1004 0.1288 0.0209  0.0251  -0.0384 7   DC  A "O4'" 
128 C  "C3'" . DC  A 7  ? 0.1337 0.1454 0.1468 0.0138  0.0068  0.0217  7   DC  A "C3'" 
129 O  "O3'" . DC  A 7  ? 0.2492 0.1173 0.1317 0.0643  0.0001  -0.0415 7   DC  A "O3'" 
130 C  "C2'" . DC  A 7  ? 0.1700 0.1236 0.1173 -0.0318 0.0211  -0.0477 7   DC  A "C2'" 
131 C  "C1'" . DC  A 7  ? 0.1569 0.0857 0.1187 -0.0039 0.0095  -0.0274 7   DC  A "C1'" 
132 N  N1    . DC  A 7  ? 0.1215 0.0758 0.0771 -0.0083 0.0086  0.0026  7   DC  A N1    
133 C  C2    . DC  A 7  ? 0.1024 0.0686 0.0875 -0.0050 0.0055  -0.0009 7   DC  A C2    
134 O  O2    . DC  A 7  ? 0.1075 0.1051 0.0997 0.0232  0.0111  -0.0105 7   DC  A O2    
135 N  N3    . DC  A 7  ? 0.0950 0.0960 0.1075 -0.0021 0.0062  -0.0237 7   DC  A N3    
136 C  C4    . DC  A 7  ? 0.0900 0.0939 0.0931 -0.0103 0.0066  0.0030  7   DC  A C4    
137 N  N4    . DC  A 7  ? 0.1605 0.1037 0.1044 -0.0076 0.0296  -0.0112 7   DC  A N4    
138 C  C5    . DC  A 7  ? 0.1383 0.0823 0.0989 -0.0106 -0.0082 0.0162  7   DC  A C5    
139 C  C6    . DC  A 7  ? 0.1006 0.1142 0.1265 -0.0184 0.0075  0.0016  7   DC  A C6    
140 P  P     . DC  A 8  ? 0.1724 0.1270 0.1571 0.0386  0.0105  -0.0396 8   DC  A P     
141 O  OP1   . DC  A 8  ? 0.1616 0.2707 0.1710 0.0541  0.0405  -0.0515 8   DC  A OP1   
142 O  OP2   . DC  A 8  ? 0.1828 0.1906 0.2394 -0.0006 -0.0441 0.0187  8   DC  A OP2   
143 O  "O5'" . DC  A 8  ? 0.1734 0.1047 0.1570 0.0162  -0.0105 -0.0162 8   DC  A "O5'" 
144 C  "C5'" . DC  A 8  ? 0.1425 0.1586 0.1446 0.0263  0.0275  -0.0235 8   DC  A "C5'" 
145 C  "C4'" . DC  A 8  ? 0.1358 0.1092 0.1313 0.0154  0.0198  -0.0360 8   DC  A "C4'" 
146 O  "O4'" . DC  A 8  ? 0.1361 0.0845 0.1477 0.0144  0.0124  -0.0179 8   DC  A "O4'" 
147 C  "C3'" . DC  A 8  ? 0.1740 0.1458 0.1840 -0.0201 0.0090  -0.0039 8   DC  A "C3'" 
148 O  "O3'" . DC  A 8  ? 0.1857 0.1451 0.2058 0.0366  0.0142  0.0359  8   DC  A "O3'" 
149 C  "C2'" . DC  A 8  ? 0.2125 0.1000 0.1929 -0.0063 0.0505  0.0006  8   DC  A "C2'" 
150 C  "C1'" . DC  A 8  ? 0.1965 0.1039 0.1299 0.0262  0.0501  0.0032  8   DC  A "C1'" 
151 N  N1    . DC  A 8  ? 0.1532 0.1142 0.1100 0.0052  0.0299  -0.0207 8   DC  A N1    
152 C  C2    . DC  A 8  ? 0.1119 0.1044 0.1055 0.0081  0.0268  -0.0171 8   DC  A C2    
153 O  O2    . DC  A 8  ? 0.1974 0.1476 0.0921 0.0480  0.0175  -0.0149 8   DC  A O2    
154 N  N3    . DC  A 8  ? 0.1259 0.0991 0.1139 -0.0068 0.0072  0.0040  8   DC  A N3    
155 C  C4    . DC  A 8  ? 0.0955 0.0963 0.1126 -0.0152 0.0097  0.0081  8   DC  A C4    
156 N  N4    . DC  A 8  ? 0.1032 0.0787 0.1246 -0.0174 0.0206  0.0105  8   DC  A N4    
157 C  C5    . DC  A 8  ? 0.1190 0.1154 0.1174 -0.0572 0.0333  -0.0159 8   DC  A C5    
158 C  C6    . DC  A 8  ? 0.1818 0.1356 0.1142 -0.0030 0.0110  -0.0121 8   DC  A C6    
159 P  P     . DG  A 9  ? 0.2634 0.1447 0.1788 0.0438  0.0446  -0.0022 9   DG  A P     
160 O  OP1   . DG  A 9  ? 0.2245 0.2394 0.2622 0.0766  0.0346  0.0026  9   DG  A OP1   
161 O  OP2   . DG  A 9  ? 0.3523 0.1561 0.1568 -0.0340 0.0074  0.0009  9   DG  A OP2   
162 O  "O5'" . DG  A 9  ? 0.2196 0.1350 0.1450 0.0436  0.0372  -0.0219 9   DG  A "O5'" 
163 C  "C5'" . DG  A 9  ? 0.1759 0.1961 0.1638 0.0529  0.0149  -0.0563 9   DG  A "C5'" 
164 C  "C4'" . DG  A 9  ? 0.1506 0.1756 0.1306 0.0320  -0.0319 -0.0327 9   DG  A "C4'" 
165 O  "O4'" . DG  A 9  ? 0.1479 0.1024 0.1315 0.0030  -0.0276 -0.0133 9   DG  A "O4'" 
166 C  "C3'" . DG  A 9  ? 0.1317 0.1351 0.1127 0.0656  0.0161  -0.0145 9   DG  A "C3'" 
167 O  "O3'" . DG  A 9  ? 0.3685 0.1846 0.1347 0.1065  0.0360  0.0323  9   DG  A "O3'" 
168 C  "C2'" . DG  A 9  ? 0.1806 0.0993 0.1746 0.0041  -0.0154 -0.0183 9   DG  A "C2'" 
169 C  "C1'" . DG  A 9  ? 0.1236 0.1047 0.1259 0.0076  -0.0013 -0.0024 9   DG  A "C1'" 
170 N  N9    . DG  A 9  ? 0.1514 0.0955 0.1015 -0.0022 0.0074  -0.0060 9   DG  A N9    
171 C  C8    . DG  A 9  ? 0.1611 0.0992 0.0986 -0.0220 -0.0061 0.0044  9   DG  A C8    
172 N  N7    . DG  A 9  ? 0.1097 0.1047 0.1037 -0.0024 -0.0022 -0.0183 9   DG  A N7    
173 C  C5    . DG  A 9  ? 0.1082 0.0764 0.1124 -0.0205 0.0083  -0.0073 9   DG  A C5    
174 C  C6    . DG  A 9  ? 0.0959 0.0599 0.1041 -0.0308 0.0034  0.0047  9   DG  A C6    
175 O  O6    . DG  A 9  ? 0.1196 0.1359 0.1066 -0.0113 -0.0109 0.0247  9   DG  A O6    
176 N  N1    . DG  A 9  ? 0.0992 0.1010 0.0915 -0.0173 -0.0064 -0.0004 9   DG  A N1    
177 C  C2    . DG  A 9  ? 0.1145 0.0766 0.0935 -0.0308 -0.0051 0.0033  9   DG  A C2    
178 N  N2    . DG  A 9  ? 0.1077 0.1175 0.0965 -0.0303 -0.0012 -0.0196 9   DG  A N2    
179 N  N3    . DG  A 9  ? 0.1197 0.0932 0.0975 -0.0168 0.0016  0.0099  9   DG  A N3    
180 C  C4    . DG  A 9  ? 0.1036 0.0774 0.1163 -0.0199 0.0031  0.0065  9   DG  A C4    
181 P  P     . DG  A 10 ? 0.2167 0.1306 0.1510 0.0433  -0.0056 0.0126  10  DG  A P     
182 O  OP1   . DG  A 10 ? 0.1730 0.1271 0.2240 0.0141  -0.0127 0.0146  10  DG  A OP1   
183 O  OP2   . DG  A 10 ? 0.2606 0.1278 0.1901 0.0492  -0.0299 -0.0200 10  DG  A OP2   
184 O  "O5'" . DG  A 10 ? 0.2028 0.1324 0.1551 0.0262  -0.0128 0.0044  10  DG  A "O5'" 
185 C  "C5'" . DG  A 10 ? 0.2034 0.1040 0.1587 0.0157  -0.0126 -0.0067 10  DG  A "C5'" 
186 C  "C4'" . DG  A 10 ? 0.1939 0.1721 0.1903 0.0076  -0.0093 0.0733  10  DG  A "C4'" 
187 O  "O4'" . DG  A 10 ? 0.2021 0.1344 0.1600 -0.0214 -0.0215 0.0188  10  DG  A "O4'" 
188 C  "C3'" . DG  A 10 ? 0.1943 0.1468 0.2235 0.0165  0.0270  0.0265  10  DG  A "C3'" 
189 O  "O3'" . DG  A 10 ? 0.3513 0.2380 0.2170 0.0301  0.0908  0.0615  10  DG  A "O3'" 
190 C  "C2'" . DG  A 10 ? 0.2726 0.0851 0.2585 -0.0070 -0.0125 0.0419  10  DG  A "C2'" 
191 C  "C1'" . DG  A 10 ? 0.1379 0.1042 0.1990 0.0268  0.0279  0.0377  10  DG  A "C1'" 
192 N  N9    . DG  A 10 ? 0.0851 0.1261 0.1714 -0.0026 0.0176  0.0014  10  DG  A N9    
193 C  C8    . DG  A 10 ? 0.1294 0.1005 0.2142 0.0021  -0.0014 0.0008  10  DG  A C8    
194 N  N7    . DG  A 10 ? 0.1174 0.1104 0.2028 -0.0177 -0.0012 -0.0117 10  DG  A N7    
195 C  C5    . DG  A 10 ? 0.0951 0.1255 0.1815 -0.0174 0.0209  0.0059  10  DG  A C5    
196 C  C6    . DG  A 10 ? 0.0998 0.0888 0.1561 -0.0384 0.0146  -0.0052 10  DG  A C6    
197 O  O6    . DG  A 10 ? 0.1634 0.1569 0.1527 -0.0448 0.0031  0.0107  10  DG  A O6    
198 N  N1    . DG  A 10 ? 0.1131 0.0776 0.1931 -0.0404 0.0145  0.0020  10  DG  A N1    
199 C  C2    . DG  A 10 ? 0.1209 0.1158 0.1907 -0.0364 0.0077  0.0097  10  DG  A C2    
200 N  N2    . DG  A 10 ? 0.1259 0.1088 0.2434 -0.0370 0.0194  -0.0035 10  DG  A N2    
201 N  N3    . DG  A 10 ? 0.1278 0.0956 0.1807 -0.0112 -0.0022 -0.0006 10  DG  A N3    
202 C  C4    . DG  A 10 ? 0.0905 0.1164 0.1717 -0.0188 -0.0037 0.0125  10  DG  A C4    
203 O  "O5'" . DC  B 1  ? 0.1817 0.1415 0.1327 -0.0203 0.0008  -0.0044 1   DC  B "O5'" 
204 C  "C5'" . DC  B 1  ? 0.1957 0.1398 0.1734 0.0145  -0.0145 -0.0204 1   DC  B "C5'" 
205 C  "C4'" . DC  B 1  ? 0.2195 0.1776 0.2515 -0.0203 -0.0435 -0.0677 1   DC  B "C4'" 
206 O  "O4'" . DC  B 1  ? 0.1914 0.1775 0.2000 -0.0340 0.0118  -0.0378 1   DC  B "O4'" 
207 C  "C3'" . DC  B 1  ? 0.1869 0.1645 0.2454 0.0083  0.0210  -0.0744 1   DC  B "C3'" 
208 O  "O3'" . DC  B 1  ? 0.2505 0.2494 0.2844 0.0308  -0.0101 -0.1847 1   DC  B "O3'" 
209 C  "C2'" . DC  B 1  ? 0.1655 0.1832 0.2848 0.0315  0.0149  -0.0535 1   DC  B "C2'" 
210 C  "C1'" . DC  B 1  ? 0.1284 0.1653 0.2361 -0.0049 0.0418  -0.0351 1   DC  B "C1'" 
211 N  N1    . DC  B 1  ? 0.1386 0.1183 0.1800 -0.0031 0.0308  0.0064  1   DC  B N1    
212 C  C2    . DC  B 1  ? 0.1236 0.0786 0.1650 -0.0247 0.0066  0.0137  1   DC  B C2    
213 O  O2    . DC  B 1  ? 0.1261 0.1432 0.1942 0.0189  0.0004  -0.0042 1   DC  B O2    
214 N  N3    . DC  B 1  ? 0.1061 0.0907 0.2192 -0.0232 0.0110  0.0264  1   DC  B N3    
215 C  C4    . DC  B 1  ? 0.1282 0.0991 0.2125 -0.0300 0.0231  0.0125  1   DC  B C4    
216 N  N4    . DC  B 1  ? 0.0942 0.1204 0.2584 -0.0259 0.0187  -0.0147 1   DC  B N4    
217 C  C5    . DC  B 1  ? 0.1054 0.1274 0.2669 -0.0260 -0.0034 0.0184  1   DC  B C5    
218 C  C6    . DC  B 1  ? 0.1429 0.1411 0.1730 -0.0424 0.0289  0.0323  1   DC  B C6    
219 P  P     . DC  B 2  ? 0.1831 0.2517 0.3269 0.0090  0.0108  -0.1326 2   DC  B P     
220 O  OP1   . DC  B 2  ? 0.2014 0.4622 0.3993 0.0312  0.0521  -0.2449 2   DC  B OP1   
221 O  OP2   . DC  B 2  ? 0.3476 0.2710 0.4174 -0.0028 -0.1171 0.0315  2   DC  B OP2   
222 O  "O5'" . DC  B 2  ? 0.1530 0.2315 0.3740 0.0741  -0.0751 -0.1112 2   DC  B "O5'" 
223 C  "C5'" . DC  B 2  ? 0.1330 0.2302 0.2750 0.0600  0.0036  -0.1155 2   DC  B "C5'" 
224 C  "C4'" . DC  B 2  ? 0.1468 0.2263 0.2318 -0.0154 0.0160  -0.1066 2   DC  B "C4'" 
225 O  "O4'" . DC  B 2  ? 0.1477 0.1683 0.1908 -0.0034 0.0060  -0.0668 2   DC  B "O4'" 
226 C  "C3'" . DC  B 2  ? 0.1526 0.1926 0.2042 0.0380  -0.0420 -0.0501 2   DC  B "C3'" 
227 O  "O3'" . DC  B 2  ? 0.1384 0.1782 0.1930 0.0577  -0.0187 -0.0848 2   DC  B "O3'" 
228 C  "C2'" . DC  B 2  ? 0.1856 0.1566 0.2077 0.0597  -0.0311 -0.0910 2   DC  B "C2'" 
229 C  "C1'" . DC  B 2  ? 0.1402 0.1245 0.1733 0.0045  0.0036  -0.0719 2   DC  B "C1'" 
230 N  N1    . DC  B 2  ? 0.1415 0.1255 0.1529 -0.0019 -0.0116 -0.0442 2   DC  B N1    
231 C  C2    . DC  B 2  ? 0.1026 0.1236 0.1554 -0.0277 0.0198  0.0081  2   DC  B C2    
232 O  O2    . DC  B 2  ? 0.1529 0.0975 0.1578 0.0169  -0.0011 -0.0150 2   DC  B O2    
233 N  N3    . DC  B 2  ? 0.1087 0.1161 0.1190 -0.0327 0.0126  0.0181  2   DC  B N3    
234 C  C4    . DC  B 2  ? 0.0882 0.0963 0.1331 -0.0225 0.0005  0.0141  2   DC  B C4    
235 N  N4    . DC  B 2  ? 0.1152 0.1146 0.1263 -0.0152 0.0055  0.0082  2   DC  B N4    
236 C  C5    . DC  B 2  ? 0.1405 0.1040 0.1670 0.0125  0.0161  -0.0072 2   DC  B C5    
237 C  C6    . DC  B 2  ? 0.1653 0.1147 0.1498 -0.0102 -0.0165 -0.0276 2   DC  B C6    
238 P  P     . DG  B 3  ? 0.2064 0.1614 0.1592 0.0386  0.0059  -0.0593 3   DG  B P     
239 O  OP1   . DG  B 3  ? 0.2228 0.3778 0.1765 0.1370  0.0567  -0.0113 3   DG  B OP1   
240 O  OP2   . DG  B 3  ? 0.2600 0.1712 0.1939 0.0271  -0.0130 -0.0208 3   DG  B OP2   
241 O  "O5'" . DG  B 3  ? 0.1811 0.1917 0.1625 0.0254  0.0118  -0.0542 3   DG  B "O5'" 
242 C  "C5'" . DG  B 3  ? 0.1602 0.2253 0.1462 0.0499  0.0191  0.0078  3   DG  B "C5'" 
243 C  "C4'" . DG  B 3  ? 0.1315 0.1810 0.1172 0.0043  0.0162  -0.0321 3   DG  B "C4'" 
244 O  "O4'" . DG  B 3  ? 0.1676 0.1408 0.1285 -0.0159 0.0192  -0.0304 3   DG  B "O4'" 
245 C  "C3'" . DG  B 3  ? 0.1114 0.2165 0.1151 0.0000  0.0101  -0.0370 3   DG  B "C3'" 
246 O  "O3'" . DG  B 3  ? 0.1356 0.1993 0.1037 0.0053  0.0205  -0.0366 3   DG  B "O3'" 
247 C  "C2'" . DG  B 3  ? 0.1866 0.1523 0.0989 -0.0295 0.0249  -0.0657 3   DG  B "C2'" 
248 C  "C1'" . DG  B 3  ? 0.1780 0.1338 0.1031 -0.0133 0.0098  -0.0450 3   DG  B "C1'" 
249 N  N9    . DG  B 3  ? 0.1250 0.1421 0.0958 0.0064  0.0151  -0.0290 3   DG  B N9    
250 C  C8    . DG  B 3  ? 0.1501 0.1492 0.0955 0.0009  0.0221  -0.0039 3   DG  B C8    
251 N  N7    . DG  B 3  ? 0.1629 0.1089 0.1030 0.0135  0.0123  0.0010  3   DG  B N7    
252 C  C5    . DG  B 3  ? 0.0896 0.0910 0.1052 -0.0136 0.0029  -0.0114 3   DG  B C5    
253 C  C6    . DG  B 3  ? 0.1405 0.0780 0.1058 -0.0079 0.0081  0.0052  3   DG  B C6    
254 O  O6    . DG  B 3  ? 0.1375 0.1037 0.1016 -0.0046 0.0183  0.0045  3   DG  B O6    
255 N  N1    . DG  B 3  ? 0.1164 0.0885 0.0960 -0.0156 0.0113  0.0062  3   DG  B N1    
256 C  C2    . DG  B 3  ? 0.0853 0.0849 0.0963 -0.0079 0.0102  0.0056  3   DG  B C2    
257 N  N2    . DG  B 3  ? 0.1161 0.0896 0.1096 0.0001  0.0138  0.0008  3   DG  B N2    
258 N  N3    . DG  B 3  ? 0.1191 0.0962 0.0899 -0.0146 0.0150  -0.0068 3   DG  B N3    
259 C  C4    . DG  B 3  ? 0.1150 0.1126 0.0961 0.0012  0.0096  -0.0184 3   DG  B C4    
260 P  P     . DG  B 4  ? 0.1649 0.1907 0.1238 0.0272  0.0089  -0.0491 4   DG  B P     
261 O  OP1   . DG  B 4  ? 0.1880 0.2774 0.0991 -0.0053 -0.0154 -0.0301 4   DG  B OP1   
262 O  OP2   . DG  B 4  ? 0.2118 0.1693 0.1798 0.0063  -0.0304 -0.0496 4   DG  B OP2   
263 O  "O5'" . DG  B 4  ? 0.1605 0.1553 0.0945 0.0198  0.0251  -0.0363 4   DG  B "O5'" 
264 C  "C5'" . DG  B 4  ? 0.1395 0.1530 0.1040 0.0303  0.0268  -0.0090 4   DG  B "C5'" 
265 C  "C4'" . DG  B 4  ? 0.1230 0.1496 0.0723 -0.0263 0.0215  -0.0085 4   DG  B "C4'" 
266 O  "O4'" . DG  B 4  ? 0.1440 0.0955 0.0818 -0.0190 0.0129  -0.0188 4   DG  B "O4'" 
267 C  "C3'" . DG  B 4  ? 0.1297 0.1249 0.1041 -0.0111 0.0139  -0.0107 4   DG  B "C3'" 
268 O  "O3'" . DG  B 4  ? 0.1220 0.1264 0.0996 -0.0119 -0.0132 -0.0059 4   DG  B "O3'" 
269 C  "C2'" . DG  B 4  ? 0.1394 0.1073 0.0951 0.0077  -0.0044 -0.0215 4   DG  B "C2'" 
270 C  "C1'" . DG  B 4  ? 0.1563 0.0678 0.1005 -0.0024 0.0120  -0.0083 4   DG  B "C1'" 
271 N  N9    . DG  B 4  ? 0.1212 0.0799 0.1015 0.0136  0.0245  -0.0125 4   DG  B N9    
272 C  C8    . DG  B 4  ? 0.1177 0.0842 0.1286 0.0203  0.0152  -0.0087 4   DG  B C8    
273 N  N7    . DG  B 4  ? 0.1190 0.0915 0.1215 0.0368  0.0052  -0.0380 4   DG  B N7    
274 C  C5    . DG  B 4  ? 0.0817 0.0854 0.1204 0.0027  0.0285  -0.0316 4   DG  B C5    
275 C  C6    . DG  B 4  ? 0.0945 0.0710 0.1334 0.0050  0.0101  -0.0092 4   DG  B C6    
276 O  O6    . DG  B 4  ? 0.1308 0.0952 0.1133 0.0304  0.0098  -0.0141 4   DG  B O6    
277 N  N1    . DG  B 4  ? 0.0776 0.0807 0.1106 0.0049  0.0069  -0.0048 4   DG  B N1    
278 C  C2    . DG  B 4  ? 0.0823 0.0775 0.1154 0.0070  0.0040  -0.0056 4   DG  B C2    
279 N  N2    . DG  B 4  ? 0.0883 0.1065 0.1311 0.0294  0.0073  -0.0199 4   DG  B N2    
280 N  N3    . DG  B 4  ? 0.1053 0.0894 0.1106 -0.0027 0.0176  -0.0009 4   DG  B N3    
281 C  C4    . DG  B 4  ? 0.0985 0.0990 0.1121 -0.0205 0.0388  0.0086  4   DG  B C4    
282 P  P     . DT  B 5  ? 0.1282 0.1219 0.1087 -0.0006 -0.0030 -0.0222 5   DT  B P     
283 O  OP1   . DT  B 5  ? 0.1247 0.1478 0.1184 -0.0015 -0.0097 0.0038  5   DT  B OP1   
284 O  OP2   . DT  B 5  ? 0.1299 0.1275 0.1761 0.0207  -0.0306 -0.0625 5   DT  B OP2   
285 O  "O5'" . DT  B 5  ? 0.1117 0.1167 0.1275 -0.0033 0.0073  -0.0125 5   DT  B "O5'" 
286 C  "C5'" . DT  B 5  ? 0.1524 0.1390 0.0904 0.0131  0.0178  -0.0142 5   DT  B "C5'" 
287 C  "C4'" . DT  B 5  ? 0.1289 0.1340 0.1186 0.0049  0.0032  0.0123  5   DT  B "C4'" 
288 O  "O4'" . DT  B 5  ? 0.1293 0.1130 0.1544 -0.0102 -0.0096 0.0382  5   DT  B "O4'" 
289 C  "C3'" . DT  B 5  ? 0.1424 0.1283 0.1264 0.0012  0.0254  0.0195  5   DT  B "C3'" 
290 O  "O3'" . DT  B 5  ? 0.1279 0.2261 0.1789 -0.0074 0.0255  0.0155  5   DT  B "O3'" 
291 C  "C2'" . DT  B 5  ? 0.1239 0.1410 0.2632 -0.0043 -0.0010 0.0678  5   DT  B "C2'" 
292 C  "C1'" . DT  B 5  ? 0.1542 0.1132 0.1150 0.0080  -0.0027 0.0252  5   DT  B "C1'" 
293 N  N1    . DT  B 5  ? 0.1500 0.0733 0.0919 0.0094  0.0000  -0.0030 5   DT  B N1    
294 C  C2    . DT  B 5  ? 0.1293 0.0935 0.0901 -0.0062 0.0135  -0.0091 5   DT  B C2    
295 O  O2    . DT  B 5  ? 0.1716 0.0948 0.0991 0.0129  0.0091  -0.0138 5   DT  B O2    
296 N  N3    . DT  B 5  ? 0.1287 0.0927 0.1192 -0.0076 0.0095  -0.0249 5   DT  B N3    
297 C  C4    . DT  B 5  ? 0.1098 0.1153 0.0966 -0.0165 0.0059  -0.0226 5   DT  B C4    
298 O  O4    . DT  B 5  ? 0.1671 0.1315 0.1140 0.0117  -0.0027 0.0025  5   DT  B O4    
299 C  C5    . DT  B 5  ? 0.1485 0.0868 0.1023 0.0224  -0.0005 -0.0188 5   DT  B C5    
300 C  C7    . DT  B 5  ? 0.1837 0.1221 0.1255 0.0362  0.0099  -0.0422 5   DT  B C7    
301 C  C6    . DT  B 5  ? 0.1154 0.0677 0.1142 -0.0087 -0.0027 -0.0128 5   DT  B C6    
302 P  P     . DA  B 6  ? 0.1293 0.3358 0.1771 0.0285  0.0245  0.1190  6   DA  B P     
303 O  OP1   . DA  B 6  ? 0.1812 0.5364 0.3583 0.1247  0.1030  0.3036  6   DA  B OP1   
304 O  OP2   . DA  B 6  ? 0.1820 0.4620 0.1444 -0.0624 -0.0191 -0.0336 6   DA  B OP2   
305 O  "O5'" . DA  B 6  ? 0.2239 0.1132 0.1325 0.0411  0.0517  0.0104  6   DA  B "O5'" 
306 C  "C5'" . DA  B 6  ? 0.2842 0.1321 0.1651 0.0083  0.0679  -0.0018 6   DA  B "C5'" 
307 C  "C4'" . DA  B 6  ? 0.1843 0.1044 0.1806 -0.0181 0.0264  -0.0054 6   DA  B "C4'" 
308 O  "O4'" . DA  B 6  ? 0.1571 0.1100 0.2341 -0.0280 0.0416  -0.0084 6   DA  B "O4'" 
309 C  "C3'" . DA  B 6  ? 0.1295 0.0941 0.1230 0.0192  0.0230  -0.0305 6   DA  B "C3'" 
310 O  "O3'" . DA  B 6  ? 0.1591 0.1264 0.1324 0.0042  0.0103  -0.0312 6   DA  B "O3'" 
311 C  "C2'" . DA  B 6  ? 0.0983 0.0886 0.1279 0.0125  0.0126  -0.0321 6   DA  B "C2'" 
312 C  "C1'" . DA  B 6  ? 0.1135 0.1050 0.1553 0.0332  0.0075  0.0093  6   DA  B "C1'" 
313 N  N9    . DA  B 6  ? 0.1341 0.1043 0.1209 0.0147  0.0121  -0.0108 6   DA  B N9    
314 C  C8    . DA  B 6  ? 0.1953 0.1413 0.1104 -0.0017 0.0227  -0.0081 6   DA  B C8    
315 N  N7    . DA  B 6  ? 0.1441 0.1124 0.1158 0.0120  -0.0080 0.0341  6   DA  B N7    
316 C  C5    . DA  B 6  ? 0.1552 0.0766 0.1078 0.0018  -0.0067 0.0103  6   DA  B C5    
317 C  C6    . DA  B 6  ? 0.1215 0.1111 0.1054 -0.0064 -0.0101 -0.0072 6   DA  B C6    
318 N  N6    . DA  B 6  ? 0.1412 0.1052 0.1109 0.0120  0.0042  0.0055  6   DA  B N6    
319 N  N1    . DA  B 6  ? 0.1541 0.0963 0.1075 -0.0048 -0.0211 -0.0048 6   DA  B N1    
320 C  C2    . DA  B 6  ? 0.1408 0.1227 0.1107 0.0010  0.0032  -0.0104 6   DA  B C2    
321 N  N3    . DA  B 6  ? 0.1514 0.1195 0.1155 -0.0209 -0.0040 -0.0136 6   DA  B N3    
322 C  C4    . DA  B 6  ? 0.1384 0.0882 0.1247 -0.0128 -0.0157 -0.0100 6   DA  B C4    
323 P  P     . DC  B 7  ? 0.1678 0.1247 0.1173 0.0186  0.0087  -0.0251 7   DC  B P     
324 O  OP1   . DC  B 7  ? 0.1962 0.1121 0.1400 0.0274  0.0056  -0.0433 7   DC  B OP1   
325 O  OP2   . DC  B 7  ? 0.1442 0.1564 0.1208 0.0103  0.0092  -0.0039 7   DC  B OP2   
326 O  "O5'" . DC  B 7  ? 0.1885 0.1270 0.1053 0.0032  0.0009  -0.0209 7   DC  B "O5'" 
327 C  "C5'" . DC  B 7  ? 0.2206 0.1338 0.1135 0.0074  -0.0244 -0.0098 7   DC  B "C5'" 
328 C  "C4'" . DC  B 7  ? 0.1787 0.1173 0.1031 0.0283  0.0138  -0.0302 7   DC  B "C4'" 
329 O  "O4'" . DC  B 7  ? 0.1402 0.1216 0.1213 -0.0139 0.0202  -0.0433 7   DC  B "O4'" 
330 C  "C3'" . DC  B 7  ? 0.2027 0.1373 0.0864 -0.0114 -0.0114 0.0048  7   DC  B "C3'" 
331 O  "O3'" . DC  B 7  ? 0.2166 0.1609 0.0911 0.0650  0.0245  0.0019  7   DC  B "O3'" 
332 C  "C2'" . DC  B 7  ? 0.1483 0.1467 0.1085 0.0123  0.0068  -0.0034 7   DC  B "C2'" 
333 C  "C1'" . DC  B 7  ? 0.1581 0.1126 0.0980 -0.0148 0.0035  -0.0132 7   DC  B "C1'" 
334 N  N1    . DC  B 7  ? 0.1099 0.0985 0.1012 -0.0052 0.0053  0.0097  7   DC  B N1    
335 C  C2    . DC  B 7  ? 0.1003 0.0971 0.1001 -0.0235 -0.0013 0.0073  7   DC  B C2    
336 O  O2    . DC  B 7  ? 0.1463 0.0928 0.0949 0.0022  -0.0114 -0.0109 7   DC  B O2    
337 N  N3    . DC  B 7  ? 0.1145 0.0949 0.0969 -0.0229 -0.0002 -0.0059 7   DC  B N3    
338 C  C4    . DC  B 7  ? 0.0871 0.1017 0.0928 -0.0037 0.0046  0.0007  7   DC  B C4    
339 N  N4    . DC  B 7  ? 0.1535 0.0609 0.1236 -0.0024 0.0416  -0.0089 7   DC  B N4    
340 C  C5    . DC  B 7  ? 0.0867 0.0905 0.1388 -0.0080 0.0109  -0.0085 7   DC  B C5    
341 C  C6    . DC  B 7  ? 0.1378 0.0823 0.1080 -0.0043 0.0028  -0.0028 7   DC  B C6    
342 P  P     . DC  B 8  ? 0.1798 0.1670 0.1282 0.0295  0.0256  -0.0121 8   DC  B P     
343 O  OP1   . DC  B 8  ? 0.3020 0.1755 0.1866 0.0924  -0.0186 -0.0509 8   DC  B OP1   
344 O  OP2   . DC  B 8  ? 0.1831 0.2285 0.2297 0.0027  -0.0252 0.0358  8   DC  B OP2   
345 O  "O5'" . DC  B 8  ? 0.1334 0.1984 0.1156 0.0300  0.0240  -0.0114 8   DC  B "O5'" 
346 C  "C5'" . DC  B 8  ? 0.1550 0.1350 0.1367 0.0087  0.0091  -0.0330 8   DC  B "C5'" 
347 C  "C4'" . DC  B 8  ? 0.1604 0.1195 0.1074 -0.0016 0.0302  -0.0377 8   DC  B "C4'" 
348 O  "O4'" . DC  B 8  ? 0.1356 0.1527 0.0920 -0.0284 0.0224  -0.0218 8   DC  B "O4'" 
349 C  "C3'" . DC  B 8  ? 0.2032 0.1561 0.1220 -0.0256 -0.0051 -0.0077 8   DC  B "C3'" 
350 O  "O3'" . DC  B 8  ? 0.1961 0.1695 0.1173 -0.0050 0.0211  -0.0067 8   DC  B "O3'" 
351 C  "C2'" . DC  B 8  ? 0.1713 0.1503 0.1043 -0.0295 0.0336  -0.0183 8   DC  B "C2'" 
352 C  "C1'" . DC  B 8  ? 0.1725 0.1283 0.1058 0.0002  0.0274  -0.0049 8   DC  B "C1'" 
353 N  N1    . DC  B 8  ? 0.1275 0.0955 0.1134 0.0089  0.0155  -0.0188 8   DC  B N1    
354 C  C2    . DC  B 8  ? 0.0824 0.0997 0.1160 0.0000  -0.0009 -0.0366 8   DC  B C2    
355 O  O2    . DC  B 8  ? 0.1702 0.1121 0.0989 0.0445  -0.0098 -0.0088 8   DC  B O2    
356 N  N3    . DC  B 8  ? 0.0925 0.1118 0.1154 -0.0078 -0.0093 -0.0020 8   DC  B N3    
357 C  C4    . DC  B 8  ? 0.0984 0.0769 0.1146 -0.0193 -0.0127 -0.0061 8   DC  B C4    
358 N  N4    . DC  B 8  ? 0.1238 0.0767 0.1157 -0.0287 -0.0039 0.0122  8   DC  B N4    
359 C  C5    . DC  B 8  ? 0.1212 0.0725 0.1392 -0.0111 0.0043  -0.0005 8   DC  B C5    
360 C  C6    . DC  B 8  ? 0.1099 0.1157 0.1425 -0.0113 -0.0009 0.0061  8   DC  B C6    
361 P  P     . DG  B 9  ? 0.1893 0.1636 0.1321 0.0085  0.0215  -0.0073 9   DG  B P     
362 O  OP1   . DG  B 9  ? 0.2352 0.2541 0.1212 0.0033  -0.0057 -0.0108 9   DG  B OP1   
363 O  OP2   . DG  B 9  ? 0.1870 0.1725 0.1889 0.0040  0.0674  0.0178  9   DG  B OP2   
364 O  "O5'" . DG  B 9  ? 0.1893 0.1827 0.1497 0.0051  0.0151  -0.0280 9   DG  B "O5'" 
365 C  "C5'" . DG  B 9  ? 0.1626 0.2263 0.1620 0.0215  -0.0207 -0.0288 9   DG  B "C5'" 
366 C  "C4'" . DG  B 9  ? 0.1566 0.2133 0.0971 0.0562  -0.0147 -0.0061 9   DG  B "C4'" 
367 O  "O4'" . DG  B 9  ? 0.1087 0.1528 0.0962 0.0214  -0.0062 0.0040  9   DG  B "O4'" 
368 C  "C3'" . DG  B 9  ? 0.1378 0.1992 0.1367 0.0801  0.0152  0.0140  9   DG  B "C3'" 
369 O  "O3'" . DG  B 9  ? 0.4377 0.2527 0.0939 0.1304  0.0336  0.0284  9   DG  B "O3'" 
370 C  "C2'" . DG  B 9  ? 0.1391 0.1658 0.0994 0.0120  0.0271  0.0125  9   DG  B "C2'" 
371 C  "C1'" . DG  B 9  ? 0.1525 0.1130 0.0840 0.0100  0.0159  -0.0023 9   DG  B "C1'" 
372 N  N9    . DG  B 9  ? 0.1246 0.1045 0.1207 0.0018  -0.0048 -0.0017 9   DG  B N9    
373 C  C8    . DG  B 9  ? 0.1470 0.0882 0.1518 0.0039  0.0142  0.0284  9   DG  B C8    
374 N  N7    . DG  B 9  ? 0.1053 0.0750 0.1402 0.0171  -0.0014 -0.0059 9   DG  B N7    
375 C  C5    . DG  B 9  ? 0.0886 0.0821 0.1281 -0.0039 0.0018  -0.0121 9   DG  B C5    
376 C  C6    . DG  B 9  ? 0.0983 0.0678 0.1349 -0.0203 -0.0054 0.0253  9   DG  B C6    
377 O  O6    . DG  B 9  ? 0.1410 0.1068 0.1370 -0.0045 -0.0323 0.0335  9   DG  B O6    
378 N  N1    . DG  B 9  ? 0.0902 0.0952 0.1238 -0.0060 -0.0192 0.0127  9   DG  B N1    
379 C  C2    . DG  B 9  ? 0.0987 0.0817 0.1166 -0.0026 -0.0134 0.0025  9   DG  B C2    
380 N  N2    . DG  B 9  ? 0.0878 0.0980 0.1372 0.0079  -0.0236 -0.0033 9   DG  B N2    
381 N  N3    . DG  B 9  ? 0.1111 0.0854 0.1106 0.0025  -0.0152 0.0014  9   DG  B N3    
382 C  C4    . DG  B 9  ? 0.0894 0.1148 0.1306 -0.0118 0.0037  -0.0028 9   DG  B C4    
383 P  P     . DG  B 10 ? 0.1997 0.1833 0.1016 0.0250  0.0058  0.0089  10  DG  B P     
384 O  OP1   . DG  B 10 ? 0.1795 0.1961 0.1076 -0.0184 0.0000  -0.0138 10  DG  B OP1   
385 O  OP2   . DG  B 10 ? 0.2267 0.3041 0.1240 0.1081  0.0415  -0.0027 10  DG  B OP2   
386 O  "O5'" . DG  B 10 ? 0.1972 0.1757 0.1284 0.0288  0.0077  -0.0299 10  DG  B "O5'" 
387 C  "C5'" . DG  B 10 ? 0.1798 0.1379 0.1208 0.0448  0.0082  -0.0314 10  DG  B "C5'" 
388 C  "C4'" . DG  B 10 ? 0.2183 0.1574 0.1225 -0.0259 -0.0241 0.0127  10  DG  B "C4'" 
389 O  "O4'" . DG  B 10 ? 0.1875 0.1336 0.1247 -0.0179 0.0005  0.0078  10  DG  B "O4'" 
390 C  "C3'" . DG  B 10 ? 0.2733 0.1292 0.1457 -0.0210 0.0148  0.0066  10  DG  B "C3'" 
391 O  "O3'" . DG  B 10 ? 0.4498 0.1306 0.1974 0.0179  0.0208  0.0076  10  DG  B "O3'" 
392 C  "C2'" . DG  B 10 ? 0.2596 0.1726 0.1459 -0.0348 0.0048  0.0665  10  DG  B "C2'" 
393 C  "C1'" . DG  B 10 ? 0.1516 0.1652 0.1316 -0.0116 0.0122  0.0439  10  DG  B "C1'" 
394 N  N9    . DG  B 10 ? 0.1295 0.1074 0.1257 -0.0376 0.0007  -0.0295 10  DG  B N9    
395 C  C8    . DG  B 10 ? 0.1698 0.1231 0.1427 -0.0298 0.0200  -0.0103 10  DG  B C8    
396 N  N7    . DG  B 10 ? 0.1324 0.1462 0.1354 -0.0310 0.0113  -0.0098 10  DG  B N7    
397 C  C5    . DG  B 10 ? 0.1426 0.1126 0.1420 -0.0504 0.0291  -0.0244 10  DG  B C5    
398 C  C6    . DG  B 10 ? 0.1242 0.0940 0.1491 -0.0373 0.0188  0.0016  10  DG  B C6    
399 O  O6    . DG  B 10 ? 0.1890 0.0952 0.1696 -0.0195 0.0125  -0.0119 10  DG  B O6    
400 N  N1    . DG  B 10 ? 0.1312 0.0896 0.1474 -0.0515 0.0231  -0.0077 10  DG  B N1    
401 C  C2    . DG  B 10 ? 0.1025 0.1108 0.1245 -0.0281 -0.0150 -0.0115 10  DG  B C2    
402 N  N2    . DG  B 10 ? 0.1577 0.1421 0.1062 -0.0507 0.0042  -0.0130 10  DG  B N2    
403 N  N3    . DG  B 10 ? 0.1185 0.1336 0.1051 -0.0325 -0.0053 -0.0047 10  DG  B N3    
404 C  C4    . DG  B 10 ? 0.1302 0.1237 0.1268 -0.0335 -0.0014 -0.0098 10  DG  B C4    
405 CA CA    . CA  C .  ? 0.1293 0.1077 0.0951 0.0043  -0.0043 -0.0099 101 CA  A CA    
406 CA CA    . CA  D .  ? 0.1330 0.1435 0.1088 0.0003  -0.0126 -0.0065 102 CA  A CA    
407 CA CA    . CA  E .  ? 0.2596 0.1344 0.1066 0.0283  0.0246  -0.0014 103 CA  A CA    
408 NA NA    . NA  F .  ? 0.2813 0.3814 0.3325 0.1022  -0.0176 -0.2137 104 NA  A NA    
409 CA CA    . CA  G .  ? 0.1279 0.1315 0.1463 0.0099  -0.0130 0.0048  101 CA  B CA    
410 CA CA    . CA  H .  ? 0.2094 0.1351 0.1233 0.0297  0.0122  -0.0006 102 CA  B CA    
411 CA CA    . CA  I .  ? 0.1355 0.1002 0.1048 0.0082  0.0035  -0.0001 103 CA  B CA    
412 CA CA    . CA  J .  ? 0.1985 0.1640 0.1747 0.0174  -0.0253 -0.0028 104 CA  B CA    
413 NA NA    . NA  K .  ? 0.1410 0.1359 0.0507 0.0285  0.0071  -0.0409 105 NA  B NA    
414 O  O     . HOH L .  ? 0.1706 0.1234 0.0844 0.0153  -0.0088 -0.0224 201 HOH A O     
415 O  O     . HOH L .  ? 0.1375 0.1140 0.1149 -0.0166 -0.0187 -0.0015 202 HOH A O     
416 O  O     . HOH L .  ? 0.1553 0.1142 0.1228 0.0339  -0.0179 -0.0261 203 HOH A O     
417 O  O     . HOH L .  ? 0.1184 0.1587 0.2046 -0.0043 -0.0289 -0.0113 204 HOH A O     
418 O  O     . HOH L .  ? 0.2538 0.1445 0.1770 0.0234  -0.0140 -0.0384 205 HOH A O     
419 O  O     . HOH L .  ? 0.2298 0.1166 0.1221 0.0168  -0.0131 0.0230  206 HOH A O     
420 O  O     . HOH L .  ? 0.1937 0.0794 0.1436 0.0561  -0.0036 0.0021  207 HOH A O     
421 O  O     . HOH L .  ? 0.1890 0.1846 0.1280 -0.0121 0.0331  -0.0410 208 HOH A O     
422 O  O     . HOH L .  ? 0.1515 0.1339 0.1216 0.0036  0.0118  -0.0295 209 HOH A O     
423 O  O     . HOH L .  ? 0.2671 0.1739 0.1707 0.0259  -0.0860 -0.0297 210 HOH A O     
424 O  O     . HOH L .  ? 0.1468 0.1705 0.1685 -0.0049 0.0192  0.0012  211 HOH A O     
425 O  O     . HOH L .  ? 0.1404 0.1880 0.0860 0.0140  0.0107  -0.0457 212 HOH A O     
426 O  O     . HOH L .  ? 0.2258 0.1717 0.1453 0.0394  0.0196  -0.0121 213 HOH A O     
427 O  O     . HOH L .  ? 0.2058 0.1519 0.1221 -0.0128 -0.0232 0.0222  214 HOH A O     
428 O  O     . HOH L .  ? 0.1613 0.2273 0.1752 0.0054  0.0274  -0.0336 215 HOH A O     
429 O  O     . HOH L .  ? 0.1542 0.1231 0.1316 -0.0247 -0.0170 0.0002  216 HOH A O     
430 O  O     . HOH L .  ? 0.1584 0.0934 0.1258 0.0284  -0.0042 -0.0131 217 HOH A O     
431 O  O     . HOH L .  ? 0.1673 0.1463 0.1215 -0.0250 0.0183  0.0164  218 HOH A O     
432 O  O     . HOH L .  ? 0.1541 0.1173 0.0999 0.0174  -0.0175 -0.0051 219 HOH A O     
433 O  O     . HOH L .  ? 0.1653 0.1023 0.1118 0.0035  0.0006  -0.0046 220 HOH A O     
434 O  O     . HOH L .  ? 0.1388 0.1225 0.1223 0.0310  0.0019  0.0341  221 HOH A O     
435 O  O     . HOH L .  ? 0.1736 0.2195 0.1567 -0.0038 0.0082  -0.0208 222 HOH A O     
436 O  O     . HOH L .  ? 0.1887 0.1529 0.1698 0.0368  -0.0565 0.0407  223 HOH A O     
437 O  O     . HOH L .  ? 0.2067 0.1813 0.1171 0.0750  -0.0207 -0.0287 224 HOH A O     
438 O  O     . HOH L .  ? 0.1214 0.1239 0.1317 0.0224  -0.0291 -0.0109 225 HOH A O     
439 O  O     . HOH L .  ? 0.3601 0.2173 0.0656 0.0631  0.0212  -0.0433 226 HOH A O     
440 O  O     . HOH L .  ? 0.2329 0.2244 0.0986 0.0363  0.0210  -0.0360 227 HOH A O     
441 O  O     . HOH L .  ? 0.3737 0.2709 0.1426 -0.1177 0.0570  -0.0749 228 HOH A O     
442 O  O     . HOH L .  ? 0.3926 0.1413 0.2076 0.1049  -0.0923 -0.0848 229 HOH A O     
443 O  O     . HOH L .  ? 0.2416 0.2935 0.1274 0.0011  0.0389  -0.0050 230 HOH A O     
444 O  O     . HOH L .  ? 0.1376 0.4056 0.1471 -0.0139 0.0282  0.0147  231 HOH A O     
445 O  O     . HOH L .  ? 0.1553 0.1335 0.1302 0.0398  0.0213  -0.0825 232 HOH A O     
446 O  O     . HOH L .  ? 0.2350 0.2596 0.1746 0.1322  0.0810  0.0817  233 HOH A O     
447 O  O     . HOH L .  ? 0.2110 0.1831 0.4366 0.0137  -0.1289 0.1570  234 HOH A O     
448 O  O     . HOH L .  ? 0.1812 0.2059 0.1262 -0.0061 0.0035  -0.0129 235 HOH A O     
449 O  O     . HOH L .  ? 0.3181 0.2786 0.1667 0.1414  0.0681  -0.0528 236 HOH A O     
450 O  O     . HOH L .  ? 0.1194 0.0855 0.0791 0.0203  -0.0127 -0.0046 237 HOH A O     
451 O  O     . HOH L .  ? 0.2327 0.1511 0.2731 0.0527  0.0376  0.0110  238 HOH A O     
452 O  O     . HOH L .  ? 0.4599 0.1618 0.2126 0.0297  0.0526  -0.0725 239 HOH A O     
453 O  O     . HOH L .  ? 0.2732 0.1610 0.2420 -0.0049 -0.0101 -0.0955 240 HOH A O     
454 O  O     . HOH L .  ? 0.2992 0.3225 0.1087 -0.1383 -0.0203 0.0538  241 HOH A O     
455 O  O     . HOH L .  ? 0.1590 0.1618 0.1709 0.0398  -0.0337 -0.0637 242 HOH A O     
456 O  O     . HOH L .  ? 0.5942 0.1841 0.0923 -0.0498 -0.0196 0.0059  243 HOH A O     
457 O  O     . HOH L .  ? 0.3391 0.1948 0.2204 0.0446  -0.0159 -0.0657 244 HOH A O     
458 O  O     . HOH L .  ? 0.4565 0.2997 0.1759 0.1018  -0.0889 -0.1431 245 HOH A O     
459 O  O     . HOH L .  ? 0.1271 0.1619 0.4691 0.0151  -0.0534 -0.1386 246 HOH A O     
460 O  O     . HOH L .  ? 0.3662 0.2850 0.2790 -0.0676 -0.1098 0.0974  247 HOH A O     
461 O  O     . HOH L .  ? 0.2544 0.1211 0.1740 0.0123  0.0349  -0.0786 248 HOH A O     
462 O  O     . HOH L .  ? 0.2512 0.4172 0.1466 -0.0301 0.0583  -0.0846 249 HOH A O     
463 O  O     . HOH L .  ? 0.3374 0.1681 0.1619 0.0678  0.0038  -0.0543 250 HOH A O     
464 O  O     . HOH L .  ? 0.3958 0.1704 0.1849 0.0050  0.0053  -0.0362 251 HOH A O     
465 O  O     . HOH L .  ? 0.4579 0.2382 0.1859 0.0074  -0.0296 -0.0097 252 HOH A O     
466 O  O     . HOH L .  ? 0.1107 0.2952 0.2665 0.1104  0.0612  -0.0590 253 HOH A O     
467 O  O     . HOH L .  ? 0.2763 0.2699 0.2141 0.0586  -0.0018 0.0569  254 HOH A O     
468 O  O     . HOH L .  ? 0.2396 0.2537 0.1757 0.1200  -0.0382 -0.1200 255 HOH A O     
469 O  O     . HOH L .  ? 0.2381 0.1050 0.2597 0.0066  -0.0003 0.0225  256 HOH A O     
470 O  O     . HOH L .  ? 0.2477 0.1281 0.2971 0.0886  -0.0003 -0.0143 257 HOH A O     
471 O  O     . HOH L .  ? 0.2388 0.2209 0.1375 0.0069  0.0378  -0.1423 258 HOH A O     
472 O  O     . HOH L .  ? 0.2260 0.0794 0.3750 0.0084  0.0361  -0.0363 259 HOH A O     
473 O  O     . HOH L .  ? 0.2303 0.1728 0.1925 -0.0410 -0.0210 -0.0004 260 HOH A O     
474 O  O     . HOH L .  ? 0.5937 0.2229 0.2579 0.0632  0.0240  0.0141  261 HOH A O     
475 O  O     . HOH L .  ? 0.3774 0.2497 0.2005 0.1705  0.0263  -0.0733 262 HOH A O     
476 O  O     . HOH L .  ? 0.3452 0.2417 0.1883 0.0546  0.0282  -0.0203 263 HOH A O     
477 O  O     . HOH L .  ? 0.2426 0.0872 0.8919 0.1097  -0.2134 -0.0430 264 HOH A O     
478 O  O     . HOH L .  ? 0.3144 0.7557 0.4310 -0.0719 -0.1018 -0.0406 265 HOH A O     
479 O  O     . HOH L .  ? 0.3066 0.3019 0.1790 0.1750  -0.0180 -0.0922 266 HOH A O     
480 O  O     . HOH L .  ? 0.2173 0.2290 0.2237 -0.0417 -0.0024 0.0176  267 HOH A O     
481 O  O     . HOH L .  ? 0.4753 0.2679 0.3818 0.2476  0.1192  -0.0181 268 HOH A O     
482 O  O     . HOH L .  ? 0.5499 0.3821 0.3321 0.0986  -0.0192 -0.0170 269 HOH A O     
483 O  O     . HOH L .  ? 0.4684 0.3275 0.4860 0.0794  -0.0288 -0.0937 270 HOH A O     
484 O  O     . HOH L .  ? 0.2336 0.3537 0.1110 -0.0447 0.0127  -0.0362 271 HOH A O     
485 O  O     . HOH L .  ? 0.2344 0.2928 0.3213 0.0708  0.0040  0.0465  272 HOH A O     
486 O  O     . HOH L .  ? 0.3273 0.1856 0.3246 0.0231  0.0868  0.0232  273 HOH A O     
487 O  O     . HOH L .  ? 0.3287 0.3968 0.2234 -0.0698 -0.0703 0.0228  274 HOH A O     
488 O  O     . HOH L .  ? 0.3253 0.5733 0.3752 -0.0605 0.0841  -0.0416 275 HOH A O     
489 O  O     . HOH L .  ? 0.1670 0.6457 0.2107 -0.0222 -0.0341 0.1272  276 HOH A O     
490 O  O     . HOH L .  ? 0.2855 0.3086 0.2769 0.1054  0.0195  -0.1147 277 HOH A O     
491 O  O     . HOH L .  ? 0.1998 0.3228 0.5542 0.0642  -0.1397 -0.0511 278 HOH A O     
492 O  O     . HOH L .  ? 0.3599 0.4883 0.4470 -0.0772 0.0547  -0.0659 279 HOH A O     
493 O  O     . HOH L .  ? 0.3837 0.6385 0.3842 0.1790  0.1156  -0.0991 280 HOH A O     
494 O  O     . HOH L .  ? 0.5912 0.5077 0.5489 0.2453  0.1730  -0.1543 281 HOH A O     
495 O  O     . HOH L .  ? 0.5541 0.4585 0.5435 0.1017  0.0979  -0.2427 282 HOH A O     
496 O  O     . HOH L .  ? 0.6832 0.5817 0.2130 0.2625  -0.0726 0.0763  283 HOH A O     
497 O  O     . HOH L .  ? 0.3355 0.8079 0.2522 -0.2340 0.0810  -0.1736 284 HOH A O     
498 O  O     . HOH L .  ? 0.3048 0.3504 0.5312 0.0538  0.0361  -0.2162 285 HOH A O     
499 O  O     . HOH L .  ? 0.3695 0.5564 0.6401 0.0394  -0.0047 -0.3457 286 HOH A O     
500 O  O     . HOH L .  ? 0.4766 0.4748 0.5892 0.1501  0.0863  -0.3279 287 HOH A O     
501 O  O     . HOH L .  ? 0.5519 0.3250 0.3271 0.1713  0.1543  0.0162  288 HOH A O     
502 O  O     . HOH L .  ? 0.5643 0.3605 0.5143 0.0387  0.2740  -0.0236 289 HOH A O     
503 O  O     . HOH L .  ? 0.6800 0.3629 0.3804 0.2282  -0.1148 -0.0630 290 HOH A O     
504 O  O     . HOH L .  ? 0.5282 0.3072 0.6287 0.0649  0.0946  -0.0754 291 HOH A O     
505 O  O     . HOH L .  ? 0.3533 0.3543 0.5668 0.0424  -0.0294 -0.0871 292 HOH A O     
506 O  O     . HOH L .  ? 0.3879 0.5214 0.5603 -0.1620 0.0967  -0.0829 293 HOH A O     
507 O  O     . HOH L .  ? 0.8392 0.3755 0.3611 0.0037  -0.2328 -0.0440 294 HOH A O     
508 O  O     . HOH L .  ? 0.2191 0.4576 0.5997 0.0005  0.0353  0.3895  295 HOH A O     
509 O  O     . HOH L .  ? 0.5043 0.5824 1.0071 0.3297  0.0051  -0.1422 296 HOH A O     
510 O  O     . HOH L .  ? 0.5407 0.3824 0.2887 0.0606  -0.0367 -0.0973 297 HOH A O     
511 O  O     . HOH L .  ? 0.3541 0.3200 0.6098 -0.0413 0.0366  0.0601  298 HOH A O     
512 O  O     . HOH M .  ? 0.1398 0.1501 0.1169 0.0146  -0.0001 0.0182  201 HOH B O     
513 O  O     . HOH M .  ? 0.1401 0.1821 0.1110 -0.0103 -0.0092 -0.0321 202 HOH B O     
514 O  O     . HOH M .  ? 0.1481 0.1147 0.1257 -0.0044 -0.0090 0.0040  203 HOH B O     
515 O  O     . HOH M .  ? 0.1359 0.1119 0.1198 0.0049  -0.0084 0.0020  204 HOH B O     
516 O  O     . HOH M .  ? 0.1563 0.1408 0.1458 0.0092  -0.0026 -0.0370 205 HOH B O     
517 O  O     . HOH M .  ? 0.2414 0.1694 0.1485 -0.0578 -0.0167 -0.0406 206 HOH B O     
518 O  O     . HOH M .  ? 0.1946 0.1603 0.0985 -0.0175 -0.0165 0.0197  207 HOH B O     
519 O  O     . HOH M .  ? 0.2102 0.1515 0.2138 0.0178  0.0054  0.0396  208 HOH B O     
520 O  O     . HOH M .  ? 0.1999 0.1376 0.1545 0.0622  0.0402  -0.0030 209 HOH B O     
521 O  O     . HOH M .  ? 0.1799 0.1486 0.2436 0.0261  -0.0462 -0.0672 210 HOH B O     
522 O  O     . HOH M .  ? 0.1462 0.1835 0.1110 0.0483  -0.0017 -0.0251 211 HOH B O     
523 O  O     . HOH M .  ? 0.1721 0.1647 0.1387 0.0329  -0.0113 0.0317  212 HOH B O     
524 O  O     . HOH M .  ? 0.2223 0.1548 0.1735 0.1026  0.0573  -0.0049 213 HOH B O     
525 O  O     . HOH M .  ? 0.1170 0.1142 0.0853 -0.0035 -0.0115 0.0051  214 HOH B O     
526 O  O     . HOH M .  ? 0.1550 0.1376 0.1666 -0.0212 -0.0028 0.0154  215 HOH B O     
527 O  O     . HOH M .  ? 0.1552 0.1529 0.1843 0.0028  0.0003  0.0001  216 HOH B O     
528 O  O     . HOH M .  ? 0.1495 0.1508 0.1740 0.0391  -0.0146 -0.0450 217 HOH B O     
529 O  O     . HOH M .  ? 0.2001 0.1660 0.1625 0.0775  0.0102  0.0018  218 HOH B O     
530 O  O     . HOH M .  ? 0.1491 0.1993 0.1322 -0.0099 0.0020  0.0007  219 HOH B O     
531 O  O     . HOH M .  ? 0.1660 0.2912 0.1691 0.0149  -0.0011 -0.0083 220 HOH B O     
532 O  O     . HOH M .  ? 0.3122 0.2965 0.1138 -0.1001 -0.0859 0.0667  221 HOH B O     
533 O  O     . HOH M .  ? 0.2177 0.0848 0.1365 -0.0196 -0.0447 0.0123  222 HOH B O     
534 O  O     . HOH M .  ? 0.3850 0.1589 0.1652 0.0550  -0.0799 0.0038  223 HOH B O     
535 O  O     . HOH M .  ? 0.1717 0.2822 0.1606 0.0079  0.0741  -0.0509 224 HOH B O     
536 O  O     . HOH M .  ? 0.1866 0.2919 0.1414 0.0681  -0.0054 -0.0155 225 HOH B O     
537 O  O     . HOH M .  ? 0.2248 0.2024 0.2712 -0.0117 -0.1321 -0.0131 226 HOH B O     
538 O  O     . HOH M .  ? 0.2734 0.2424 0.3609 0.1352  0.1149  0.1289  227 HOH B O     
539 O  O     . HOH M .  ? 0.1955 0.2216 0.1814 -0.0039 0.0719  -0.0601 228 HOH B O     
540 O  O     . HOH M .  ? 0.1556 0.1723 0.2050 0.0114  0.0302  -0.0469 229 HOH B O     
541 O  O     . HOH M .  ? 0.2537 0.2920 0.1916 0.0150  0.0581  -0.0568 230 HOH B O     
542 O  O     . HOH M .  ? 0.0934 0.1474 0.2659 0.0221  -0.0374 -0.0736 231 HOH B O     
543 O  O     . HOH M .  ? 0.1018 0.1444 0.1962 0.0109  -0.0247 0.0253  232 HOH B O     
544 O  O     . HOH M .  ? 0.2066 0.3439 0.2597 -0.0292 0.0741  -0.0905 233 HOH B O     
545 O  O     . HOH M .  ? 0.2966 0.1644 0.2181 0.0946  0.0247  0.0104  234 HOH B O     
546 O  O     . HOH M .  ? 0.2193 0.2622 0.1340 -0.0077 0.0007  -0.0116 235 HOH B O     
547 O  O     . HOH M .  ? 0.2593 0.0944 0.1702 0.0623  0.0449  -0.0329 236 HOH B O     
548 O  O     . HOH M .  ? 0.1052 0.3894 0.1393 -0.0616 0.0334  -0.0774 237 HOH B O     
549 O  O     . HOH M .  ? 0.4313 0.5075 0.2227 -0.3101 -0.1284 0.0973  238 HOH B O     
550 O  O     . HOH M .  ? 0.3674 0.2732 0.1531 -0.0095 -0.0058 -0.0214 239 HOH B O     
551 O  O     . HOH M .  ? 0.1904 0.1515 0.4587 0.0508  -0.1592 -0.0676 240 HOH B O     
552 O  O     . HOH M .  ? 0.2168 0.2089 0.1885 -0.0227 -0.0070 -0.0308 241 HOH B O     
553 O  O     . HOH M .  ? 0.2613 0.3263 0.1485 -0.0199 0.0801  -0.0843 242 HOH B O     
554 O  O     . HOH M .  ? 0.1005 0.1929 0.5814 0.0763  -0.0388 0.0151  243 HOH B O     
555 O  O     . HOH M .  ? 0.3860 0.2619 0.2630 0.0438  0.1314  0.0608  244 HOH B O     
556 O  O     . HOH M .  ? 0.1901 0.2067 0.2145 0.0079  0.0369  0.0734  245 HOH B O     
557 O  O     . HOH M .  ? 0.2189 0.1950 0.3192 -0.0521 -0.0216 0.0302  246 HOH B O     
558 O  O     . HOH M .  ? 0.2534 0.2500 0.1813 -0.1192 0.0510  -0.0410 247 HOH B O     
559 O  O     . HOH M .  ? 0.1118 0.1304 0.3958 0.0296  -0.0517 -0.0809 248 HOH B O     
560 O  O     . HOH M .  ? 0.2527 0.3665 0.2968 0.1221  -0.0160 0.0318  249 HOH B O     
561 O  O     . HOH M .  ? 0.2561 0.2583 0.4945 -0.0532 -0.0584 0.1129  250 HOH B O     
562 O  O     . HOH M .  ? 0.1968 0.3529 0.1551 -0.0384 0.0193  0.0022  251 HOH B O     
563 O  O     . HOH M .  ? 0.2413 0.1663 0.2671 0.0110  -0.0961 0.0044  252 HOH B O     
564 O  O     . HOH M .  ? 0.1904 0.4682 0.2241 0.2257  0.1135  0.0714  253 HOH B O     
565 O  O     . HOH M .  ? 0.1554 0.1658 0.1406 0.0294  -0.0272 0.0163  254 HOH B O     
566 O  O     . HOH M .  ? 0.5350 0.2150 0.1323 -0.1014 0.0066  0.0462  255 HOH B O     
567 O  O     . HOH M .  ? 0.2875 0.3093 0.2682 0.0180  -0.0491 0.0315  256 HOH B O     
568 O  O     . HOH M .  ? 0.4072 0.4016 0.3614 -0.1748 0.0701  -0.1599 257 HOH B O     
569 O  O     . HOH M .  ? 0.2461 0.8975 0.4966 0.0023  0.0520  -0.4384 258 HOH B O     
570 O  O     . HOH M .  ? 0.7609 0.5656 0.2733 0.1900  0.0544  -0.1043 259 HOH B O     
571 O  O     . HOH M .  ? 0.2581 0.6420 0.2577 0.0536  -0.0315 -0.0783 260 HOH B O     
572 O  O     . HOH M .  ? 0.3066 0.3690 0.1970 -0.1455 -0.0434 0.0847  261 HOH B O     
573 O  O     . HOH M .  ? 0.4233 0.1923 0.2089 0.0076  0.0975  -0.0978 262 HOH B O     
574 O  O     . HOH M .  ? 0.3796 0.5155 0.3914 -0.1024 0.0168  -0.0899 263 HOH B O     
575 O  O     . HOH M .  ? 0.4414 0.4598 0.5483 0.1499  -0.2018 -0.0337 264 HOH B O     
576 O  O     . HOH M .  ? 0.5617 0.3007 0.5785 0.1027  0.1918  -0.0523 265 HOH B O     
577 O  O     . HOH M .  ? 0.7337 0.4467 0.4097 0.0746  0.1804  -0.1233 266 HOH B O     
578 O  O     . HOH M .  ? 0.5795 0.4919 0.2235 0.0926  -0.0097 -0.0774 267 HOH B O     
579 O  O     . HOH M .  ? 0.4836 0.7343 0.3874 0.3305  0.0671  -0.0179 268 HOH B O     
580 O  O     . HOH M .  ? 0.4798 0.4510 0.5046 0.1129  0.0311  -0.2915 269 HOH B O     
# 
loop_
_pdbx_poly_seq_scheme.asym_id 
_pdbx_poly_seq_scheme.entity_id 
_pdbx_poly_seq_scheme.seq_id 
_pdbx_poly_seq_scheme.mon_id 
_pdbx_poly_seq_scheme.ndb_seq_num 
_pdbx_poly_seq_scheme.pdb_seq_num 
_pdbx_poly_seq_scheme.auth_seq_num 
_pdbx_poly_seq_scheme.pdb_mon_id 
_pdbx_poly_seq_scheme.auth_mon_id 
_pdbx_poly_seq_scheme.pdb_strand_id 
_pdbx_poly_seq_scheme.pdb_ins_code 
_pdbx_poly_seq_scheme.hetero 
A 1 1  DC 1  1  1  DC DC A . n 
A 1 2  DC 2  2  2  DC DC A . n 
A 1 3  DG 3  3  3  DG DG A . n 
A 1 4  DG 4  4  4  DG DG A . n 
A 1 5  DT 5  5  5  DT DT A . n 
A 1 6  DA 6  6  6  DA DA A . n 
A 1 7  DC 7  7  7  DC DC A . n 
A 1 8  DC 8  8  8  DC DC A . n 
A 1 9  DG 9  9  9  DG DG A . n 
A 1 10 DG 10 10 10 DG DG A . n 
B 1 1  DC 1  1  1  DC DC B . n 
B 1 2  DC 2  2  2  DC DC B . n 
B 1 3  DG 3  3  3  DG DG B . n 
B 1 4  DG 4  4  4  DG DG B . n 
B 1 5  DT 5  5  5  DT DT B . n 
B 1 6  DA 6  6  6  DA DA B . n 
B 1 7  DC 7  7  7  DC DC B . n 
B 1 8  DC 8  8  8  DC DC B . n 
B 1 9  DG 9  9  9  DG DG B . n 
B 1 10 DG 10 10 10 DG DG B . n 
# 
loop_
_pdbx_nonpoly_scheme.asym_id 
_pdbx_nonpoly_scheme.entity_id 
_pdbx_nonpoly_scheme.mon_id 
_pdbx_nonpoly_scheme.ndb_seq_num 
_pdbx_nonpoly_scheme.pdb_seq_num 
_pdbx_nonpoly_scheme.auth_seq_num 
_pdbx_nonpoly_scheme.pdb_mon_id 
_pdbx_nonpoly_scheme.auth_mon_id 
_pdbx_nonpoly_scheme.pdb_strand_id 
_pdbx_nonpoly_scheme.pdb_ins_code 
C 2 CA  1  101 1   CA  CA  A . 
D 2 CA  1  102 3   CA  CA  A . 
E 2 CA  1  103 4   CA  CA  A . 
F 3 NA  1  104 2   NA  NA  A . 
G 2 CA  1  101 2   CA  CA  B . 
H 2 CA  1  102 5   CA  CA  B . 
I 2 CA  1  103 6   CA  CA  B . 
J 2 CA  1  104 7   CA  CA  B . 
K 3 NA  1  105 1   NA  NA  B . 
L 4 HOH 1  201 1   HOH HOH A . 
L 4 HOH 2  202 3   HOH HOH A . 
L 4 HOH 3  203 5   HOH HOH A . 
L 4 HOH 4  204 8   HOH HOH A . 
L 4 HOH 5  205 9   HOH HOH A . 
L 4 HOH 6  206 10  HOH HOH A . 
L 4 HOH 7  207 11  HOH HOH A . 
L 4 HOH 8  208 12  HOH HOH A . 
L 4 HOH 9  209 13  HOH HOH A . 
L 4 HOH 10 210 15  HOH HOH A . 
L 4 HOH 11 211 16  HOH HOH A . 
L 4 HOH 12 212 20  HOH HOH A . 
L 4 HOH 13 213 21  HOH HOH A . 
L 4 HOH 14 214 23  HOH HOH A . 
L 4 HOH 15 215 24  HOH HOH A . 
L 4 HOH 16 216 25  HOH HOH A . 
L 4 HOH 17 217 31  HOH HOH A . 
L 4 HOH 18 218 32  HOH HOH A . 
L 4 HOH 19 219 33  HOH HOH A . 
L 4 HOH 20 220 34  HOH HOH A . 
L 4 HOH 21 221 35  HOH HOH A . 
L 4 HOH 22 222 37  HOH HOH A . 
L 4 HOH 23 223 40  HOH HOH A . 
L 4 HOH 24 224 43  HOH HOH A . 
L 4 HOH 25 225 44  HOH HOH A . 
L 4 HOH 26 226 47  HOH HOH A . 
L 4 HOH 27 227 50  HOH HOH A . 
L 4 HOH 28 228 52  HOH HOH A . 
L 4 HOH 29 229 53  HOH HOH A . 
L 4 HOH 30 230 54  HOH HOH A . 
L 4 HOH 31 231 56  HOH HOH A . 
L 4 HOH 32 232 58  HOH HOH A . 
L 4 HOH 33 233 61  HOH HOH A . 
L 4 HOH 34 234 62  HOH HOH A . 
L 4 HOH 35 235 64  HOH HOH A . 
L 4 HOH 36 236 66  HOH HOH A . 
L 4 HOH 37 237 67  HOH HOH A . 
L 4 HOH 38 238 69  HOH HOH A . 
L 4 HOH 39 239 71  HOH HOH A . 
L 4 HOH 40 240 72  HOH HOH A . 
L 4 HOH 41 241 74  HOH HOH A . 
L 4 HOH 42 242 75  HOH HOH A . 
L 4 HOH 43 243 77  HOH HOH A . 
L 4 HOH 44 244 78  HOH HOH A . 
L 4 HOH 45 245 79  HOH HOH A . 
L 4 HOH 46 246 80  HOH HOH A . 
L 4 HOH 47 247 81  HOH HOH A . 
L 4 HOH 48 248 85  HOH HOH A . 
L 4 HOH 49 249 86  HOH HOH A . 
L 4 HOH 50 250 89  HOH HOH A . 
L 4 HOH 51 251 91  HOH HOH A . 
L 4 HOH 52 252 92  HOH HOH A . 
L 4 HOH 53 253 93  HOH HOH A . 
L 4 HOH 54 254 95  HOH HOH A . 
L 4 HOH 55 255 98  HOH HOH A . 
L 4 HOH 56 256 100 HOH HOH A . 
L 4 HOH 57 257 101 HOH HOH A . 
L 4 HOH 58 258 104 HOH HOH A . 
L 4 HOH 59 259 105 HOH HOH A . 
L 4 HOH 60 260 109 HOH HOH A . 
L 4 HOH 61 261 110 HOH HOH A . 
L 4 HOH 62 262 111 HOH HOH A . 
L 4 HOH 63 263 115 HOH HOH A . 
L 4 HOH 64 264 116 HOH HOH A . 
L 4 HOH 65 265 120 HOH HOH A . 
L 4 HOH 66 266 121 HOH HOH A . 
L 4 HOH 67 267 122 HOH HOH A . 
L 4 HOH 68 268 123 HOH HOH A . 
L 4 HOH 69 269 124 HOH HOH A . 
L 4 HOH 70 270 125 HOH HOH A . 
L 4 HOH 71 271 126 HOH HOH A . 
L 4 HOH 72 272 127 HOH HOH A . 
L 4 HOH 73 273 128 HOH HOH A . 
L 4 HOH 74 274 130 HOH HOH A . 
L 4 HOH 75 275 131 HOH HOH A . 
L 4 HOH 76 276 133 HOH HOH A . 
L 4 HOH 77 277 134 HOH HOH A . 
L 4 HOH 78 278 135 HOH HOH A . 
L 4 HOH 79 279 139 HOH HOH A . 
L 4 HOH 80 280 142 HOH HOH A . 
L 4 HOH 81 281 143 HOH HOH A . 
L 4 HOH 82 282 144 HOH HOH A . 
L 4 HOH 83 283 147 HOH HOH A . 
L 4 HOH 84 284 148 HOH HOH A . 
L 4 HOH 85 285 152 HOH HOH A . 
L 4 HOH 86 286 154 HOH HOH A . 
L 4 HOH 87 287 155 HOH HOH A . 
L 4 HOH 88 288 156 HOH HOH A . 
L 4 HOH 89 289 158 HOH HOH A . 
L 4 HOH 90 290 160 HOH HOH A . 
L 4 HOH 91 291 163 HOH HOH A . 
L 4 HOH 92 292 165 HOH HOH A . 
L 4 HOH 93 293 166 HOH HOH A . 
L 4 HOH 94 294 167 HOH HOH A . 
L 4 HOH 95 295 174 HOH HOH A . 
L 4 HOH 96 296 183 HOH HOH A . 
L 4 HOH 97 297 185 HOH HOH A . 
L 4 HOH 98 298 186 HOH HOH A . 
M 4 HOH 1  201 2   HOH HOH B . 
M 4 HOH 2  202 4   HOH HOH B . 
M 4 HOH 3  203 6   HOH HOH B . 
M 4 HOH 4  204 7   HOH HOH B . 
M 4 HOH 5  205 14  HOH HOH B . 
M 4 HOH 6  206 17  HOH HOH B . 
M 4 HOH 7  207 18  HOH HOH B . 
M 4 HOH 8  208 19  HOH HOH B . 
M 4 HOH 9  209 22  HOH HOH B . 
M 4 HOH 10 210 26  HOH HOH B . 
M 4 HOH 11 211 27  HOH HOH B . 
M 4 HOH 12 212 28  HOH HOH B . 
M 4 HOH 13 213 29  HOH HOH B . 
M 4 HOH 14 214 30  HOH HOH B . 
M 4 HOH 15 215 36  HOH HOH B . 
M 4 HOH 16 216 38  HOH HOH B . 
M 4 HOH 17 217 39  HOH HOH B . 
M 4 HOH 18 218 41  HOH HOH B . 
M 4 HOH 19 219 42  HOH HOH B . 
M 4 HOH 20 220 45  HOH HOH B . 
M 4 HOH 21 221 46  HOH HOH B . 
M 4 HOH 22 222 48  HOH HOH B . 
M 4 HOH 23 223 49  HOH HOH B . 
M 4 HOH 24 224 51  HOH HOH B . 
M 4 HOH 25 225 55  HOH HOH B . 
M 4 HOH 26 226 57  HOH HOH B . 
M 4 HOH 27 227 59  HOH HOH B . 
M 4 HOH 28 228 60  HOH HOH B . 
M 4 HOH 29 229 63  HOH HOH B . 
M 4 HOH 30 230 65  HOH HOH B . 
M 4 HOH 31 231 68  HOH HOH B . 
M 4 HOH 32 232 70  HOH HOH B . 
M 4 HOH 33 233 73  HOH HOH B . 
M 4 HOH 34 234 76  HOH HOH B . 
M 4 HOH 35 235 82  HOH HOH B . 
M 4 HOH 36 236 83  HOH HOH B . 
M 4 HOH 37 237 84  HOH HOH B . 
M 4 HOH 38 238 87  HOH HOH B . 
M 4 HOH 39 239 88  HOH HOH B . 
M 4 HOH 40 240 90  HOH HOH B . 
M 4 HOH 41 241 94  HOH HOH B . 
M 4 HOH 42 242 96  HOH HOH B . 
M 4 HOH 43 243 97  HOH HOH B . 
M 4 HOH 44 244 99  HOH HOH B . 
M 4 HOH 45 245 102 HOH HOH B . 
M 4 HOH 46 246 103 HOH HOH B . 
M 4 HOH 47 247 106 HOH HOH B . 
M 4 HOH 48 248 107 HOH HOH B . 
M 4 HOH 49 249 108 HOH HOH B . 
M 4 HOH 50 250 112 HOH HOH B . 
M 4 HOH 51 251 113 HOH HOH B . 
M 4 HOH 52 252 114 HOH HOH B . 
M 4 HOH 53 253 117 HOH HOH B . 
M 4 HOH 54 254 118 HOH HOH B . 
M 4 HOH 55 255 119 HOH HOH B . 
M 4 HOH 56 256 129 HOH HOH B . 
M 4 HOH 57 257 132 HOH HOH B . 
M 4 HOH 58 258 136 HOH HOH B . 
M 4 HOH 59 259 137 HOH HOH B . 
M 4 HOH 60 260 138 HOH HOH B . 
M 4 HOH 61 261 140 HOH HOH B . 
M 4 HOH 62 262 141 HOH HOH B . 
M 4 HOH 63 263 159 HOH HOH B . 
M 4 HOH 64 264 162 HOH HOH B . 
M 4 HOH 65 265 170 HOH HOH B . 
M 4 HOH 66 266 171 HOH HOH B . 
M 4 HOH 67 267 175 HOH HOH B . 
M 4 HOH 68 268 179 HOH HOH B . 
M 4 HOH 69 269 184 HOH HOH B . 
# 
_pdbx_struct_assembly.id                   1 
_pdbx_struct_assembly.details              author_defined_assembly 
_pdbx_struct_assembly.method_details       ? 
_pdbx_struct_assembly.oligomeric_details   dimeric 
_pdbx_struct_assembly.oligomeric_count     2 
# 
_pdbx_struct_assembly_gen.assembly_id       1 
_pdbx_struct_assembly_gen.oper_expression   1 
_pdbx_struct_assembly_gen.asym_id_list      A,B,C,D,E,F,G,H,I,J,K,L,M 
# 
_pdbx_struct_oper_list.id                   1 
_pdbx_struct_oper_list.type                 'identity operation' 
_pdbx_struct_oper_list.name                 1_555 
_pdbx_struct_oper_list.symmetry_operation   x,y,z 
_pdbx_struct_oper_list.matrix[1][1]         1.0000000000 
_pdbx_struct_oper_list.matrix[1][2]         0.0000000000 
_pdbx_struct_oper_list.matrix[1][3]         0.0000000000 
_pdbx_struct_oper_list.vector[1]            0.0000000000 
_pdbx_struct_oper_list.matrix[2][1]         0.0000000000 
_pdbx_struct_oper_list.matrix[2][2]         1.0000000000 
_pdbx_struct_oper_list.matrix[2][3]         0.0000000000 
_pdbx_struct_oper_list.vector[2]            0.0000000000 
_pdbx_struct_oper_list.matrix[3][1]         0.0000000000 
_pdbx_struct_oper_list.matrix[3][2]         0.0000000000 
_pdbx_struct_oper_list.matrix[3][3]         1.0000000000 
_pdbx_struct_oper_list.vector[3]            0.0000000000 
# 
_pdbx_struct_special_symmetry.id              1 
_pdbx_struct_special_symmetry.PDB_model_num   1 
_pdbx_struct_special_symmetry.auth_asym_id    B 
_pdbx_struct_special_symmetry.auth_comp_id    NA 
_pdbx_struct_special_symmetry.auth_seq_id     105 
_pdbx_struct_special_symmetry.PDB_ins_code    ? 
_pdbx_struct_special_symmetry.label_asym_id   K 
_pdbx_struct_special_symmetry.label_comp_id   NA 
_pdbx_struct_special_symmetry.label_seq_id    . 
# 
loop_
_pdbx_struct_conn_angle.id 
_pdbx_struct_conn_angle.ptnr1_label_atom_id 
_pdbx_struct_conn_angle.ptnr1_label_alt_id 
_pdbx_struct_conn_angle.ptnr1_label_asym_id 
_pdbx_struct_conn_angle.ptnr1_label_comp_id 
_pdbx_struct_conn_angle.ptnr1_label_seq_id 
_pdbx_struct_conn_angle.ptnr1_auth_atom_id 
_pdbx_struct_conn_angle.ptnr1_auth_asym_id 
_pdbx_struct_conn_angle.ptnr1_auth_comp_id 
_pdbx_struct_conn_angle.ptnr1_auth_seq_id 
_pdbx_struct_conn_angle.ptnr1_PDB_ins_code 
_pdbx_struct_conn_angle.ptnr1_symmetry 
_pdbx_struct_conn_angle.ptnr2_label_atom_id 
_pdbx_struct_conn_angle.ptnr2_label_alt_id 
_pdbx_struct_conn_angle.ptnr2_label_asym_id 
_pdbx_struct_conn_angle.ptnr2_label_comp_id 
_pdbx_struct_conn_angle.ptnr2_label_seq_id 
_pdbx_struct_conn_angle.ptnr2_auth_atom_id 
_pdbx_struct_conn_angle.ptnr2_auth_asym_id 
_pdbx_struct_conn_angle.ptnr2_auth_comp_id 
_pdbx_struct_conn_angle.ptnr2_auth_seq_id 
_pdbx_struct_conn_angle.ptnr2_PDB_ins_code 
_pdbx_struct_conn_angle.ptnr2_symmetry 
_pdbx_struct_conn_angle.ptnr3_label_atom_id 
_pdbx_struct_conn_angle.ptnr3_label_alt_id 
_pdbx_struct_conn_angle.ptnr3_label_asym_id 
_pdbx_struct_conn_angle.ptnr3_label_comp_id 
_pdbx_struct_conn_angle.ptnr3_label_seq_id 
_pdbx_struct_conn_angle.ptnr3_auth_atom_id 
_pdbx_struct_conn_angle.ptnr3_auth_asym_id 
_pdbx_struct_conn_angle.ptnr3_auth_comp_id 
_pdbx_struct_conn_angle.ptnr3_auth_seq_id 
_pdbx_struct_conn_angle.ptnr3_PDB_ins_code 
_pdbx_struct_conn_angle.ptnr3_symmetry 
_pdbx_struct_conn_angle.value 
_pdbx_struct_conn_angle.value_esd 
1  OP1 ? A DT  5 ? A DT  5   ? 1_555 CA ? D CA . ? A CA 102 ? 1_555 O ? L HOH . ? A HOH 205 ? 1_555 89.1  ? 
2  OP1 ? A DT  5 ? A DT  5   ? 1_555 CA ? D CA . ? A CA 102 ? 1_555 O ? L HOH . ? A HOH 208 ? 1_555 92.9  ? 
3  O   ? L HOH . ? A HOH 205 ? 1_555 CA ? D CA . ? A CA 102 ? 1_555 O ? L HOH . ? A HOH 208 ? 1_555 171.0 ? 
4  OP1 ? A DT  5 ? A DT  5   ? 1_555 CA ? D CA . ? A CA 102 ? 1_555 O ? L HOH . ? A HOH 216 ? 1_555 86.7  ? 
5  O   ? L HOH . ? A HOH 205 ? 1_555 CA ? D CA . ? A CA 102 ? 1_555 O ? L HOH . ? A HOH 216 ? 1_555 85.6  ? 
6  O   ? L HOH . ? A HOH 208 ? 1_555 CA ? D CA . ? A CA 102 ? 1_555 O ? L HOH . ? A HOH 216 ? 1_555 85.8  ? 
7  OP1 ? A DT  5 ? A DT  5   ? 1_555 CA ? D CA . ? A CA 102 ? 1_555 O ? L HOH . ? A HOH 295 ? 1_555 108.0 ? 
8  O   ? L HOH . ? A HOH 205 ? 1_555 CA ? D CA . ? A CA 102 ? 1_555 O ? L HOH . ? A HOH 295 ? 1_555 114.0 ? 
9  O   ? L HOH . ? A HOH 208 ? 1_555 CA ? D CA . ? A CA 102 ? 1_555 O ? L HOH . ? A HOH 295 ? 1_555 73.7  ? 
10 O   ? L HOH . ? A HOH 216 ? 1_555 CA ? D CA . ? A CA 102 ? 1_555 O ? L HOH . ? A HOH 295 ? 1_555 155.0 ? 
11 OP2 ? A DT  5 ? A DT  5   ? 1_555 NA ? F NA . ? A NA 104 ? 1_555 O ? L HOH . ? A HOH 274 ? 1_555 71.1  ? 
12 O   ? L HOH . ? A HOH 201 ? 1_555 CA ? C CA . ? A CA 101 ? 1_555 O ? L HOH . ? A HOH 202 ? 1_555 105.3 ? 
13 O   ? L HOH . ? A HOH 201 ? 1_555 CA ? C CA . ? A CA 101 ? 1_555 O ? L HOH . ? A HOH 203 ? 1_555 82.8  ? 
14 O   ? L HOH . ? A HOH 202 ? 1_555 CA ? C CA . ? A CA 101 ? 1_555 O ? L HOH . ? A HOH 203 ? 1_555 80.0  ? 
15 O   ? L HOH . ? A HOH 201 ? 1_555 CA ? C CA . ? A CA 101 ? 1_555 O ? L HOH . ? A HOH 209 ? 1_555 82.9  ? 
16 O   ? L HOH . ? A HOH 202 ? 1_555 CA ? C CA . ? A CA 101 ? 1_555 O ? L HOH . ? A HOH 209 ? 1_555 67.9  ? 
17 O   ? L HOH . ? A HOH 203 ? 1_555 CA ? C CA . ? A CA 101 ? 1_555 O ? L HOH . ? A HOH 209 ? 1_555 139.7 ? 
18 O   ? L HOH . ? A HOH 201 ? 1_555 CA ? C CA . ? A CA 101 ? 1_555 O ? L HOH . ? A HOH 217 ? 1_555 86.7  ? 
19 O   ? L HOH . ? A HOH 202 ? 1_555 CA ? C CA . ? A CA 101 ? 1_555 O ? L HOH . ? A HOH 217 ? 1_555 154.0 ? 
20 O   ? L HOH . ? A HOH 203 ? 1_555 CA ? C CA . ? A CA 101 ? 1_555 O ? L HOH . ? A HOH 217 ? 1_555 78.7  ? 
21 O   ? L HOH . ? A HOH 209 ? 1_555 CA ? C CA . ? A CA 101 ? 1_555 O ? L HOH . ? A HOH 217 ? 1_555 137.5 ? 
22 O   ? L HOH . ? A HOH 214 ? 1_555 CA ? E CA . ? A CA 103 ? 1_555 O ? L HOH . ? A HOH 233 ? 1_555 76.5  ? 
23 O   ? L HOH . ? A HOH 214 ? 1_555 CA ? E CA . ? A CA 103 ? 1_555 O ? L HOH . ? A HOH 238 ? 1_555 107.6 ? 
24 O   ? L HOH . ? A HOH 233 ? 1_555 CA ? E CA . ? A CA 103 ? 1_555 O ? L HOH . ? A HOH 238 ? 1_555 71.6  ? 
25 O   ? L HOH . ? A HOH 214 ? 1_555 CA ? E CA . ? A CA 103 ? 1_555 O ? L HOH . ? A HOH 239 ? 1_555 110.5 ? 
26 O   ? L HOH . ? A HOH 233 ? 1_555 CA ? E CA . ? A CA 103 ? 1_555 O ? L HOH . ? A HOH 239 ? 1_555 75.3  ? 
27 O   ? L HOH . ? A HOH 238 ? 1_555 CA ? E CA . ? A CA 103 ? 1_555 O ? L HOH . ? A HOH 239 ? 1_555 120.8 ? 
28 O   ? L HOH . ? A HOH 214 ? 1_555 CA ? E CA . ? A CA 103 ? 1_555 O ? L HOH . ? A HOH 243 ? 1_555 153.0 ? 
29 O   ? L HOH . ? A HOH 233 ? 1_555 CA ? E CA . ? A CA 103 ? 1_555 O ? L HOH . ? A HOH 243 ? 1_555 130.4 ? 
30 O   ? L HOH . ? A HOH 238 ? 1_555 CA ? E CA . ? A CA 103 ? 1_555 O ? L HOH . ? A HOH 243 ? 1_555 84.4  ? 
31 O   ? L HOH . ? A HOH 239 ? 1_555 CA ? E CA . ? A CA 103 ? 1_555 O ? L HOH . ? A HOH 243 ? 1_555 81.4  ? 
32 OP1 ? B DG  4 ? B DG  4   ? 1_555 NA ? K NA . ? B NA 105 ? 1_555 O ? M HOH . ? B HOH 225 ? 1_555 86.9  ? 
33 OP1 ? B DG  4 ? B DG  4   ? 1_555 NA ? K NA . ? B NA 105 ? 1_555 O ? M HOH . ? B HOH 238 ? 1_555 90.9  ? 
34 O   ? M HOH . ? B HOH 225 ? 1_555 NA ? K NA . ? B NA 105 ? 1_555 O ? M HOH . ? B HOH 238 ? 1_555 86.6  ? 
35 OP1 ? B DT  5 ? B DT  5   ? 1_555 CA ? G CA . ? B CA 101 ? 1_555 O ? M HOH . ? B HOH 216 ? 1_555 84.8  ? 
36 OP1 ? B DT  5 ? B DT  5   ? 1_555 CA ? G CA . ? B CA 101 ? 1_555 O ? M HOH . ? B HOH 261 ? 1_555 77.4  ? 
37 O   ? M HOH . ? B HOH 216 ? 1_555 CA ? G CA . ? B CA 101 ? 1_555 O ? M HOH . ? B HOH 261 ? 1_555 152.1 ? 
38 O   ? M HOH . ? B HOH 220 ? 1_555 CA ? H CA . ? B CA 102 ? 1_555 O ? M HOH . ? B HOH 227 ? 1_555 78.0  ? 
39 O   ? M HOH . ? B HOH 220 ? 1_555 CA ? H CA . ? B CA 102 ? 1_555 O ? M HOH . ? B HOH 254 ? 1_555 91.3  ? 
40 O   ? M HOH . ? B HOH 227 ? 1_555 CA ? H CA . ? B CA 102 ? 1_555 O ? M HOH . ? B HOH 254 ? 1_555 81.0  ? 
41 O   ? M HOH . ? B HOH 201 ? 1_555 CA ? I CA . ? B CA 103 ? 1_555 O ? M HOH . ? B HOH 203 ? 1_555 84.8  ? 
42 O   ? M HOH . ? B HOH 201 ? 1_555 CA ? I CA . ? B CA 103 ? 1_555 O ? M HOH . ? B HOH 205 ? 1_555 138.9 ? 
43 O   ? M HOH . ? B HOH 203 ? 1_555 CA ? I CA . ? B CA 103 ? 1_555 O ? M HOH . ? B HOH 205 ? 1_555 82.0  ? 
# 
loop_
_pdbx_audit_revision_history.ordinal 
_pdbx_audit_revision_history.data_content_type 
_pdbx_audit_revision_history.major_revision 
_pdbx_audit_revision_history.minor_revision 
_pdbx_audit_revision_history.revision_date 
1 'Structure model' 1 0 2014-11-12 
2 'Structure model' 1 1 2015-01-14 
3 'Structure model' 1 2 2023-09-20 
# 
_pdbx_audit_revision_details.ordinal             1 
_pdbx_audit_revision_details.revision_ordinal    1 
_pdbx_audit_revision_details.data_content_type   'Structure model' 
_pdbx_audit_revision_details.provider            repository 
_pdbx_audit_revision_details.type                'Initial release' 
_pdbx_audit_revision_details.description         ? 
_pdbx_audit_revision_details.details             ? 
# 
loop_
_pdbx_audit_revision_group.ordinal 
_pdbx_audit_revision_group.revision_ordinal 
_pdbx_audit_revision_group.data_content_type 
_pdbx_audit_revision_group.group 
1 2 'Structure model' 'Database references'    
2 3 'Structure model' 'Data collection'        
3 3 'Structure model' 'Database references'    
4 3 'Structure model' 'Derived calculations'   
5 3 'Structure model' 'Refinement description' 
# 
loop_
_pdbx_audit_revision_category.ordinal 
_pdbx_audit_revision_category.revision_ordinal 
_pdbx_audit_revision_category.data_content_type 
_pdbx_audit_revision_category.category 
1 3 'Structure model' chem_comp_atom                
2 3 'Structure model' chem_comp_bond                
3 3 'Structure model' database_2                    
4 3 'Structure model' pdbx_initial_refinement_model 
5 3 'Structure model' pdbx_struct_conn_angle        
6 3 'Structure model' struct_conn                   
7 3 'Structure model' struct_site                   
# 
loop_
_pdbx_audit_revision_item.ordinal 
_pdbx_audit_revision_item.revision_ordinal 
_pdbx_audit_revision_item.data_content_type 
_pdbx_audit_revision_item.item 
1  3 'Structure model' '_database_2.pdbx_DOI'                        
2  3 'Structure model' '_database_2.pdbx_database_accession'         
3  3 'Structure model' '_pdbx_struct_conn_angle.ptnr1_auth_asym_id'  
4  3 'Structure model' '_pdbx_struct_conn_angle.ptnr1_auth_comp_id'  
5  3 'Structure model' '_pdbx_struct_conn_angle.ptnr1_auth_seq_id'   
6  3 'Structure model' '_pdbx_struct_conn_angle.ptnr1_label_asym_id' 
7  3 'Structure model' '_pdbx_struct_conn_angle.ptnr1_label_atom_id' 
8  3 'Structure model' '_pdbx_struct_conn_angle.ptnr1_label_comp_id' 
9  3 'Structure model' '_pdbx_struct_conn_angle.ptnr1_label_seq_id'  
10 3 'Structure model' '_pdbx_struct_conn_angle.ptnr2_auth_asym_id'  
11 3 'Structure model' '_pdbx_struct_conn_angle.ptnr2_auth_comp_id'  
12 3 'Structure model' '_pdbx_struct_conn_angle.ptnr2_auth_seq_id'   
13 3 'Structure model' '_pdbx_struct_conn_angle.ptnr2_label_asym_id' 
14 3 'Structure model' '_pdbx_struct_conn_angle.ptnr2_label_atom_id' 
15 3 'Structure model' '_pdbx_struct_conn_angle.ptnr2_label_comp_id' 
16 3 'Structure model' '_pdbx_struct_conn_angle.ptnr3_auth_asym_id'  
17 3 'Structure model' '_pdbx_struct_conn_angle.ptnr3_auth_seq_id'   
18 3 'Structure model' '_pdbx_struct_conn_angle.ptnr3_label_asym_id' 
19 3 'Structure model' '_pdbx_struct_conn_angle.value'               
20 3 'Structure model' '_struct_conn.pdbx_dist_value'                
21 3 'Structure model' '_struct_conn.ptnr1_auth_asym_id'             
22 3 'Structure model' '_struct_conn.ptnr1_auth_comp_id'             
23 3 'Structure model' '_struct_conn.ptnr1_auth_seq_id'              
24 3 'Structure model' '_struct_conn.ptnr1_label_asym_id'            
25 3 'Structure model' '_struct_conn.ptnr1_label_atom_id'            
26 3 'Structure model' '_struct_conn.ptnr1_label_comp_id'            
27 3 'Structure model' '_struct_conn.ptnr1_label_seq_id'             
28 3 'Structure model' '_struct_conn.ptnr2_auth_asym_id'             
29 3 'Structure model' '_struct_conn.ptnr2_auth_comp_id'             
30 3 'Structure model' '_struct_conn.ptnr2_auth_seq_id'              
31 3 'Structure model' '_struct_conn.ptnr2_label_asym_id'            
32 3 'Structure model' '_struct_conn.ptnr2_label_atom_id'            
33 3 'Structure model' '_struct_conn.ptnr2_label_comp_id'            
34 3 'Structure model' '_struct_site.pdbx_auth_asym_id'              
35 3 'Structure model' '_struct_site.pdbx_auth_comp_id'              
36 3 'Structure model' '_struct_site.pdbx_auth_seq_id'               
# 
loop_
_software.name 
_software.classification 
_software.version 
_software.citation_id 
_software.pdbx_ordinal 
DNA    'data collection' .        ? 1 
PHASER phasing           .        ? 2 
REFMAC refinement        5.8.0049 ? 3 
XDS    'data reduction'  .        ? 4 
d*TREK 'data scaling'    .        ? 5 
# 
loop_
_pdbx_validate_rmsd_angle.id 
_pdbx_validate_rmsd_angle.PDB_model_num 
_pdbx_validate_rmsd_angle.auth_atom_id_1 
_pdbx_validate_rmsd_angle.auth_asym_id_1 
_pdbx_validate_rmsd_angle.auth_comp_id_1 
_pdbx_validate_rmsd_angle.auth_seq_id_1 
_pdbx_validate_rmsd_angle.PDB_ins_code_1 
_pdbx_validate_rmsd_angle.label_alt_id_1 
_pdbx_validate_rmsd_angle.auth_atom_id_2 
_pdbx_validate_rmsd_angle.auth_asym_id_2 
_pdbx_validate_rmsd_angle.auth_comp_id_2 
_pdbx_validate_rmsd_angle.auth_seq_id_2 
_pdbx_validate_rmsd_angle.PDB_ins_code_2 
_pdbx_validate_rmsd_angle.label_alt_id_2 
_pdbx_validate_rmsd_angle.auth_atom_id_3 
_pdbx_validate_rmsd_angle.auth_asym_id_3 
_pdbx_validate_rmsd_angle.auth_comp_id_3 
_pdbx_validate_rmsd_angle.auth_seq_id_3 
_pdbx_validate_rmsd_angle.PDB_ins_code_3 
_pdbx_validate_rmsd_angle.label_alt_id_3 
_pdbx_validate_rmsd_angle.angle_value 
_pdbx_validate_rmsd_angle.angle_target_value 
_pdbx_validate_rmsd_angle.angle_deviation 
_pdbx_validate_rmsd_angle.angle_standard_deviation 
_pdbx_validate_rmsd_angle.linker_flag 
1 1 "C1'" A DT 5 ? ? "O4'" A DT 5 ? ? "C4'" A DT 5 ? ? 103.38 110.10 -6.72 1.00 N 
2 1 "O5'" B DC 2 ? ? P     B DC 2 ? ? OP2   B DC 2 ? ? 98.50  105.70 -7.20 0.90 N 
3 1 "C1'" B DT 5 ? ? "O4'" B DT 5 ? ? "C4'" B DT 5 ? ? 103.97 110.10 -6.13 1.00 N 
# 
_pdbx_validate_planes.id              1 
_pdbx_validate_planes.PDB_model_num   1 
_pdbx_validate_planes.auth_comp_id    DC 
_pdbx_validate_planes.auth_asym_id    B 
_pdbx_validate_planes.auth_seq_id     8 
_pdbx_validate_planes.PDB_ins_code    ? 
_pdbx_validate_planes.label_alt_id    ? 
_pdbx_validate_planes.rmsd            0.060 
_pdbx_validate_planes.type            'SIDE CHAIN' 
# 
loop_
_chem_comp_atom.comp_id 
_chem_comp_atom.atom_id 
_chem_comp_atom.type_symbol 
_chem_comp_atom.pdbx_aromatic_flag 
_chem_comp_atom.pdbx_stereo_config 
_chem_comp_atom.pdbx_ordinal 
CA  CA     CA N N 1   
DA  OP3    O  N N 2   
DA  P      P  N N 3   
DA  OP1    O  N N 4   
DA  OP2    O  N N 5   
DA  "O5'"  O  N N 6   
DA  "C5'"  C  N N 7   
DA  "C4'"  C  N R 8   
DA  "O4'"  O  N N 9   
DA  "C3'"  C  N S 10  
DA  "O3'"  O  N N 11  
DA  "C2'"  C  N N 12  
DA  "C1'"  C  N R 13  
DA  N9     N  Y N 14  
DA  C8     C  Y N 15  
DA  N7     N  Y N 16  
DA  C5     C  Y N 17  
DA  C6     C  Y N 18  
DA  N6     N  N N 19  
DA  N1     N  Y N 20  
DA  C2     C  Y N 21  
DA  N3     N  Y N 22  
DA  C4     C  Y N 23  
DA  HOP3   H  N N 24  
DA  HOP2   H  N N 25  
DA  "H5'"  H  N N 26  
DA  "H5''" H  N N 27  
DA  "H4'"  H  N N 28  
DA  "H3'"  H  N N 29  
DA  "HO3'" H  N N 30  
DA  "H2'"  H  N N 31  
DA  "H2''" H  N N 32  
DA  "H1'"  H  N N 33  
DA  H8     H  N N 34  
DA  H61    H  N N 35  
DA  H62    H  N N 36  
DA  H2     H  N N 37  
DC  OP3    O  N N 38  
DC  P      P  N N 39  
DC  OP1    O  N N 40  
DC  OP2    O  N N 41  
DC  "O5'"  O  N N 42  
DC  "C5'"  C  N N 43  
DC  "C4'"  C  N R 44  
DC  "O4'"  O  N N 45  
DC  "C3'"  C  N S 46  
DC  "O3'"  O  N N 47  
DC  "C2'"  C  N N 48  
DC  "C1'"  C  N R 49  
DC  N1     N  N N 50  
DC  C2     C  N N 51  
DC  O2     O  N N 52  
DC  N3     N  N N 53  
DC  C4     C  N N 54  
DC  N4     N  N N 55  
DC  C5     C  N N 56  
DC  C6     C  N N 57  
DC  HOP3   H  N N 58  
DC  HOP2   H  N N 59  
DC  "H5'"  H  N N 60  
DC  "H5''" H  N N 61  
DC  "H4'"  H  N N 62  
DC  "H3'"  H  N N 63  
DC  "HO3'" H  N N 64  
DC  "H2'"  H  N N 65  
DC  "H2''" H  N N 66  
DC  "H1'"  H  N N 67  
DC  H41    H  N N 68  
DC  H42    H  N N 69  
DC  H5     H  N N 70  
DC  H6     H  N N 71  
DG  OP3    O  N N 72  
DG  P      P  N N 73  
DG  OP1    O  N N 74  
DG  OP2    O  N N 75  
DG  "O5'"  O  N N 76  
DG  "C5'"  C  N N 77  
DG  "C4'"  C  N R 78  
DG  "O4'"  O  N N 79  
DG  "C3'"  C  N S 80  
DG  "O3'"  O  N N 81  
DG  "C2'"  C  N N 82  
DG  "C1'"  C  N R 83  
DG  N9     N  Y N 84  
DG  C8     C  Y N 85  
DG  N7     N  Y N 86  
DG  C5     C  Y N 87  
DG  C6     C  N N 88  
DG  O6     O  N N 89  
DG  N1     N  N N 90  
DG  C2     C  N N 91  
DG  N2     N  N N 92  
DG  N3     N  N N 93  
DG  C4     C  Y N 94  
DG  HOP3   H  N N 95  
DG  HOP2   H  N N 96  
DG  "H5'"  H  N N 97  
DG  "H5''" H  N N 98  
DG  "H4'"  H  N N 99  
DG  "H3'"  H  N N 100 
DG  "HO3'" H  N N 101 
DG  "H2'"  H  N N 102 
DG  "H2''" H  N N 103 
DG  "H1'"  H  N N 104 
DG  H8     H  N N 105 
DG  H1     H  N N 106 
DG  H21    H  N N 107 
DG  H22    H  N N 108 
DT  OP3    O  N N 109 
DT  P      P  N N 110 
DT  OP1    O  N N 111 
DT  OP2    O  N N 112 
DT  "O5'"  O  N N 113 
DT  "C5'"  C  N N 114 
DT  "C4'"  C  N R 115 
DT  "O4'"  O  N N 116 
DT  "C3'"  C  N S 117 
DT  "O3'"  O  N N 118 
DT  "C2'"  C  N N 119 
DT  "C1'"  C  N R 120 
DT  N1     N  N N 121 
DT  C2     C  N N 122 
DT  O2     O  N N 123 
DT  N3     N  N N 124 
DT  C4     C  N N 125 
DT  O4     O  N N 126 
DT  C5     C  N N 127 
DT  C7     C  N N 128 
DT  C6     C  N N 129 
DT  HOP3   H  N N 130 
DT  HOP2   H  N N 131 
DT  "H5'"  H  N N 132 
DT  "H5''" H  N N 133 
DT  "H4'"  H  N N 134 
DT  "H3'"  H  N N 135 
DT  "HO3'" H  N N 136 
DT  "H2'"  H  N N 137 
DT  "H2''" H  N N 138 
DT  "H1'"  H  N N 139 
DT  H3     H  N N 140 
DT  H71    H  N N 141 
DT  H72    H  N N 142 
DT  H73    H  N N 143 
DT  H6     H  N N 144 
HOH O      O  N N 145 
HOH H1     H  N N 146 
HOH H2     H  N N 147 
NA  NA     NA N N 148 
# 
loop_
_chem_comp_bond.comp_id 
_chem_comp_bond.atom_id_1 
_chem_comp_bond.atom_id_2 
_chem_comp_bond.value_order 
_chem_comp_bond.pdbx_aromatic_flag 
_chem_comp_bond.pdbx_stereo_config 
_chem_comp_bond.pdbx_ordinal 
DA  OP3   P      sing N N 1   
DA  OP3   HOP3   sing N N 2   
DA  P     OP1    doub N N 3   
DA  P     OP2    sing N N 4   
DA  P     "O5'"  sing N N 5   
DA  OP2   HOP2   sing N N 6   
DA  "O5'" "C5'"  sing N N 7   
DA  "C5'" "C4'"  sing N N 8   
DA  "C5'" "H5'"  sing N N 9   
DA  "C5'" "H5''" sing N N 10  
DA  "C4'" "O4'"  sing N N 11  
DA  "C4'" "C3'"  sing N N 12  
DA  "C4'" "H4'"  sing N N 13  
DA  "O4'" "C1'"  sing N N 14  
DA  "C3'" "O3'"  sing N N 15  
DA  "C3'" "C2'"  sing N N 16  
DA  "C3'" "H3'"  sing N N 17  
DA  "O3'" "HO3'" sing N N 18  
DA  "C2'" "C1'"  sing N N 19  
DA  "C2'" "H2'"  sing N N 20  
DA  "C2'" "H2''" sing N N 21  
DA  "C1'" N9     sing N N 22  
DA  "C1'" "H1'"  sing N N 23  
DA  N9    C8     sing Y N 24  
DA  N9    C4     sing Y N 25  
DA  C8    N7     doub Y N 26  
DA  C8    H8     sing N N 27  
DA  N7    C5     sing Y N 28  
DA  C5    C6     sing Y N 29  
DA  C5    C4     doub Y N 30  
DA  C6    N6     sing N N 31  
DA  C6    N1     doub Y N 32  
DA  N6    H61    sing N N 33  
DA  N6    H62    sing N N 34  
DA  N1    C2     sing Y N 35  
DA  C2    N3     doub Y N 36  
DA  C2    H2     sing N N 37  
DA  N3    C4     sing Y N 38  
DC  OP3   P      sing N N 39  
DC  OP3   HOP3   sing N N 40  
DC  P     OP1    doub N N 41  
DC  P     OP2    sing N N 42  
DC  P     "O5'"  sing N N 43  
DC  OP2   HOP2   sing N N 44  
DC  "O5'" "C5'"  sing N N 45  
DC  "C5'" "C4'"  sing N N 46  
DC  "C5'" "H5'"  sing N N 47  
DC  "C5'" "H5''" sing N N 48  
DC  "C4'" "O4'"  sing N N 49  
DC  "C4'" "C3'"  sing N N 50  
DC  "C4'" "H4'"  sing N N 51  
DC  "O4'" "C1'"  sing N N 52  
DC  "C3'" "O3'"  sing N N 53  
DC  "C3'" "C2'"  sing N N 54  
DC  "C3'" "H3'"  sing N N 55  
DC  "O3'" "HO3'" sing N N 56  
DC  "C2'" "C1'"  sing N N 57  
DC  "C2'" "H2'"  sing N N 58  
DC  "C2'" "H2''" sing N N 59  
DC  "C1'" N1     sing N N 60  
DC  "C1'" "H1'"  sing N N 61  
DC  N1    C2     sing N N 62  
DC  N1    C6     sing N N 63  
DC  C2    O2     doub N N 64  
DC  C2    N3     sing N N 65  
DC  N3    C4     doub N N 66  
DC  C4    N4     sing N N 67  
DC  C4    C5     sing N N 68  
DC  N4    H41    sing N N 69  
DC  N4    H42    sing N N 70  
DC  C5    C6     doub N N 71  
DC  C5    H5     sing N N 72  
DC  C6    H6     sing N N 73  
DG  OP3   P      sing N N 74  
DG  OP3   HOP3   sing N N 75  
DG  P     OP1    doub N N 76  
DG  P     OP2    sing N N 77  
DG  P     "O5'"  sing N N 78  
DG  OP2   HOP2   sing N N 79  
DG  "O5'" "C5'"  sing N N 80  
DG  "C5'" "C4'"  sing N N 81  
DG  "C5'" "H5'"  sing N N 82  
DG  "C5'" "H5''" sing N N 83  
DG  "C4'" "O4'"  sing N N 84  
DG  "C4'" "C3'"  sing N N 85  
DG  "C4'" "H4'"  sing N N 86  
DG  "O4'" "C1'"  sing N N 87  
DG  "C3'" "O3'"  sing N N 88  
DG  "C3'" "C2'"  sing N N 89  
DG  "C3'" "H3'"  sing N N 90  
DG  "O3'" "HO3'" sing N N 91  
DG  "C2'" "C1'"  sing N N 92  
DG  "C2'" "H2'"  sing N N 93  
DG  "C2'" "H2''" sing N N 94  
DG  "C1'" N9     sing N N 95  
DG  "C1'" "H1'"  sing N N 96  
DG  N9    C8     sing Y N 97  
DG  N9    C4     sing Y N 98  
DG  C8    N7     doub Y N 99  
DG  C8    H8     sing N N 100 
DG  N7    C5     sing Y N 101 
DG  C5    C6     sing N N 102 
DG  C5    C4     doub Y N 103 
DG  C6    O6     doub N N 104 
DG  C6    N1     sing N N 105 
DG  N1    C2     sing N N 106 
DG  N1    H1     sing N N 107 
DG  C2    N2     sing N N 108 
DG  C2    N3     doub N N 109 
DG  N2    H21    sing N N 110 
DG  N2    H22    sing N N 111 
DG  N3    C4     sing N N 112 
DT  OP3   P      sing N N 113 
DT  OP3   HOP3   sing N N 114 
DT  P     OP1    doub N N 115 
DT  P     OP2    sing N N 116 
DT  P     "O5'"  sing N N 117 
DT  OP2   HOP2   sing N N 118 
DT  "O5'" "C5'"  sing N N 119 
DT  "C5'" "C4'"  sing N N 120 
DT  "C5'" "H5'"  sing N N 121 
DT  "C5'" "H5''" sing N N 122 
DT  "C4'" "O4'"  sing N N 123 
DT  "C4'" "C3'"  sing N N 124 
DT  "C4'" "H4'"  sing N N 125 
DT  "O4'" "C1'"  sing N N 126 
DT  "C3'" "O3'"  sing N N 127 
DT  "C3'" "C2'"  sing N N 128 
DT  "C3'" "H3'"  sing N N 129 
DT  "O3'" "HO3'" sing N N 130 
DT  "C2'" "C1'"  sing N N 131 
DT  "C2'" "H2'"  sing N N 132 
DT  "C2'" "H2''" sing N N 133 
DT  "C1'" N1     sing N N 134 
DT  "C1'" "H1'"  sing N N 135 
DT  N1    C2     sing N N 136 
DT  N1    C6     sing N N 137 
DT  C2    O2     doub N N 138 
DT  C2    N3     sing N N 139 
DT  N3    C4     sing N N 140 
DT  N3    H3     sing N N 141 
DT  C4    O4     doub N N 142 
DT  C4    C5     sing N N 143 
DT  C5    C7     sing N N 144 
DT  C5    C6     doub N N 145 
DT  C7    H71    sing N N 146 
DT  C7    H72    sing N N 147 
DT  C7    H73    sing N N 148 
DT  C6    H6     sing N N 149 
HOH O     H1     sing N N 150 
HOH O     H2     sing N N 151 
# 
_ndb_struct_conf_na.entry_id   4R49 
_ndb_struct_conf_na.feature    'b-form double helix' 
# 
loop_
_ndb_struct_na_base_pair.model_number 
_ndb_struct_na_base_pair.i_label_asym_id 
_ndb_struct_na_base_pair.i_label_comp_id 
_ndb_struct_na_base_pair.i_label_seq_id 
_ndb_struct_na_base_pair.i_symmetry 
_ndb_struct_na_base_pair.j_label_asym_id 
_ndb_struct_na_base_pair.j_label_comp_id 
_ndb_struct_na_base_pair.j_label_seq_id 
_ndb_struct_na_base_pair.j_symmetry 
_ndb_struct_na_base_pair.shear 
_ndb_struct_na_base_pair.stretch 
_ndb_struct_na_base_pair.stagger 
_ndb_struct_na_base_pair.buckle 
_ndb_struct_na_base_pair.propeller 
_ndb_struct_na_base_pair.opening 
_ndb_struct_na_base_pair.pair_number 
_ndb_struct_na_base_pair.pair_name 
_ndb_struct_na_base_pair.i_auth_asym_id 
_ndb_struct_na_base_pair.i_auth_seq_id 
_ndb_struct_na_base_pair.i_PDB_ins_code 
_ndb_struct_na_base_pair.j_auth_asym_id 
_ndb_struct_na_base_pair.j_auth_seq_id 
_ndb_struct_na_base_pair.j_PDB_ins_code 
_ndb_struct_na_base_pair.hbond_type_28 
_ndb_struct_na_base_pair.hbond_type_12 
1 A DC 1  1_555 B DG 10 1_555 0.275  -0.079 0.046  -7.842 -5.592  1.290  1  A_DC1:DG10_B A 1  ? B 10 ? 19 1 
1 A DC 2  1_555 B DG 9  1_555 0.153  -0.136 0.041  -2.720 -2.351  -0.937 2  A_DC2:DG9_B  A 2  ? B 9  ? 19 1 
1 A DG 3  1_555 B DC 8  1_555 -0.136 -0.137 0.142  -4.793 -13.380 -2.131 3  A_DG3:DC8_B  A 3  ? B 8  ? 19 1 
1 A DG 4  1_555 B DC 7  1_555 -0.314 -0.075 -0.227 -9.138 -6.421  -0.398 4  A_DG4:DC7_B  A 4  ? B 7  ? 19 1 
1 A DT 5  1_555 B DA 6  1_555 -0.034 -0.130 -0.129 2.931  -4.846  1.066  5  A_DT5:DA6_B  A 5  ? B 6  ? 20 1 
1 A DA 6  1_555 B DT 5  1_555 0.066  -0.146 -0.189 -0.485 -5.529  1.549  6  A_DA6:DT5_B  A 6  ? B 5  ? 20 1 
1 A DC 7  1_555 B DG 4  1_555 0.284  -0.091 -0.174 9.272  -6.809  -0.400 7  A_DC7:DG4_B  A 7  ? B 4  ? 19 1 
1 A DC 8  1_555 B DG 3  1_555 0.158  -0.142 0.136  4.532  -13.559 -1.831 8  A_DC8:DG3_B  A 8  ? B 3  ? 19 1 
1 A DG 9  1_555 B DC 2  1_555 -0.180 -0.174 0.094  3.278  -1.888  -0.873 9  A_DG9:DC2_B  A 9  ? B 2  ? 19 1 
1 A DG 10 1_555 B DC 1  1_555 -0.247 -0.079 0.037  7.242  -5.934  1.380  10 A_DG10:DC1_B A 10 ? B 1  ? 19 1 
# 
loop_
_ndb_struct_na_base_pair_step.model_number 
_ndb_struct_na_base_pair_step.i_label_asym_id_1 
_ndb_struct_na_base_pair_step.i_label_comp_id_1 
_ndb_struct_na_base_pair_step.i_label_seq_id_1 
_ndb_struct_na_base_pair_step.i_symmetry_1 
_ndb_struct_na_base_pair_step.j_label_asym_id_1 
_ndb_struct_na_base_pair_step.j_label_comp_id_1 
_ndb_struct_na_base_pair_step.j_label_seq_id_1 
_ndb_struct_na_base_pair_step.j_symmetry_1 
_ndb_struct_na_base_pair_step.i_label_asym_id_2 
_ndb_struct_na_base_pair_step.i_label_comp_id_2 
_ndb_struct_na_base_pair_step.i_label_seq_id_2 
_ndb_struct_na_base_pair_step.i_symmetry_2 
_ndb_struct_na_base_pair_step.j_label_asym_id_2 
_ndb_struct_na_base_pair_step.j_label_comp_id_2 
_ndb_struct_na_base_pair_step.j_label_seq_id_2 
_ndb_struct_na_base_pair_step.j_symmetry_2 
_ndb_struct_na_base_pair_step.shift 
_ndb_struct_na_base_pair_step.slide 
_ndb_struct_na_base_pair_step.rise 
_ndb_struct_na_base_pair_step.tilt 
_ndb_struct_na_base_pair_step.roll 
_ndb_struct_na_base_pair_step.twist 
_ndb_struct_na_base_pair_step.x_displacement 
_ndb_struct_na_base_pair_step.y_displacement 
_ndb_struct_na_base_pair_step.helical_rise 
_ndb_struct_na_base_pair_step.inclination 
_ndb_struct_na_base_pair_step.tip 
_ndb_struct_na_base_pair_step.helical_twist 
_ndb_struct_na_base_pair_step.step_number 
_ndb_struct_na_base_pair_step.step_name 
_ndb_struct_na_base_pair_step.i_auth_asym_id_1 
_ndb_struct_na_base_pair_step.i_auth_seq_id_1 
_ndb_struct_na_base_pair_step.i_PDB_ins_code_1 
_ndb_struct_na_base_pair_step.j_auth_asym_id_1 
_ndb_struct_na_base_pair_step.j_auth_seq_id_1 
_ndb_struct_na_base_pair_step.j_PDB_ins_code_1 
_ndb_struct_na_base_pair_step.i_auth_asym_id_2 
_ndb_struct_na_base_pair_step.i_auth_seq_id_2 
_ndb_struct_na_base_pair_step.i_PDB_ins_code_2 
_ndb_struct_na_base_pair_step.j_auth_asym_id_2 
_ndb_struct_na_base_pair_step.j_auth_seq_id_2 
_ndb_struct_na_base_pair_step.j_PDB_ins_code_2 
1 A DC 1 1_555 B DG 10 1_555 A DC 2  1_555 B DG 9 1_555 0.613  0.804  3.217 0.639  5.916 29.119 0.312  -1.061 3.324 11.614 -1.255 
29.708 1 AA_DC1DC2:DG9DG10_BB A 1 ? B 10 ? A 2  ? B 9 ? 
1 A DC 2 1_555 B DG 9  1_555 A DG 3  1_555 B DC 8 1_555 -0.801 0.936  3.392 -2.667 3.195 38.455 0.999  0.863  3.501 4.833  4.034  
38.671 2 AA_DC2DG3:DC8DG9_BB  A 2 ? B 9  ? A 3  ? B 8 ? 
1 A DG 3 1_555 B DC 8  1_555 A DG 4  1_555 B DC 7 1_555 0.554  0.627  3.471 2.735  1.699 40.684 0.700  -0.472 3.522 2.438  -3.927 
40.806 3 AA_DG3DG4:DC7DC8_BB  A 3 ? B 8  ? A 4  ? B 7 ? 
1 A DG 4 1_555 B DC 7  1_555 A DT 5  1_555 B DA 6 1_555 0.280  -0.174 3.055 -0.394 4.278 23.892 -1.669 -0.781 2.974 10.227 0.941  
24.269 4 AA_DG4DT5:DA6DC7_BB  A 4 ? B 7  ? A 5  ? B 6 ? 
1 A DT 5 1_555 B DA 6  1_555 A DA 6  1_555 B DT 5 1_555 0.044  0.355  3.579 0.493  1.768 44.067 0.291  -0.008 3.590 2.355  -0.657 
44.104 5 AA_DT5DA6:DT5DA6_BB  A 5 ? B 6  ? A 6  ? B 5 ? 
1 A DA 6 1_555 B DT 5  1_555 A DC 7  1_555 B DG 4 1_555 -0.369 -0.127 3.117 -0.410 4.263 25.153 -1.446 0.724  3.060 9.700  0.932  
25.509 6 AA_DA6DC7:DG4DT5_BB  A 6 ? B 5  ? A 7  ? B 4 ? 
1 A DC 7 1_555 B DG 4  1_555 A DC 8  1_555 B DG 3 1_555 -0.574 0.676  3.456 -2.644 1.559 40.666 0.788  0.513  3.507 2.239  3.798  
40.777 7 AA_DC7DC8:DG3DG4_BB  A 7 ? B 4  ? A 8  ? B 3 ? 
1 A DC 8 1_555 B DG 3  1_555 A DG 9  1_555 B DC 2 1_555 0.769  0.995  3.377 2.408  3.131 38.717 1.094  -0.847 3.484 4.708  -3.620 
38.910 8 AA_DC8DG9:DC2DG3_BB  A 8 ? B 3  ? A 9  ? B 2 ? 
1 A DG 9 1_555 B DC 2  1_555 A DG 10 1_555 B DC 1 1_555 -0.805 0.802  3.258 -0.461 5.950 28.722 0.271  1.488  3.364 11.833 0.917  
29.323 9 AA_DG9DG10:DC1DC2_BB A 9 ? B 2  ? A 10 ? B 1 ? 
# 
loop_
_pdbx_entity_nonpoly.entity_id 
_pdbx_entity_nonpoly.name 
_pdbx_entity_nonpoly.comp_id 
2 'CALCIUM ION' CA  
3 'SODIUM ION'  NA  
4 water         HOH 
# 
_pdbx_initial_refinement_model.id               1 
_pdbx_initial_refinement_model.entity_id_list   ? 
_pdbx_initial_refinement_model.type             'experimental model' 
_pdbx_initial_refinement_model.source_name      PDB 
_pdbx_initial_refinement_model.accession_code   3R86 
_pdbx_initial_refinement_model.details          'PDB ENTRY 3R86' 
# 
